data_6TZH
#
_entry.id   6TZH
#
_cell.length_a   88.554
_cell.length_b   81.464
_cell.length_c   105.665
_cell.angle_alpha   90.000
_cell.angle_beta   113.100
_cell.angle_gamma   90.000
#
_symmetry.space_group_name_H-M   'P 1 21 1'
#
loop_
_entity.id
_entity.type
_entity.pdbx_description
1 polymer Beta-lactamase
2 non-polymer 'phosphonooxy-[(4-thiophen-3-yl-1,2,3-triazol-1-yl)methyl]borinic acid'
3 non-polymer GLYCINE
4 non-polymer 'PHOSPHATE ION'
5 water water
#
_entity_poly.entity_id   1
_entity_poly.type   'polypeptide(L)'
_entity_poly.pdbx_seq_one_letter_code
;MDNTPKDQEIKKLVDQNFKPLLEKYDVPGMAVGVIQNNKKYEMYYGLQSVQDKKAVNSNTIFELGSVSKLFTATAGGYAK
NKGKISFDDTPGKYWKELKNTPIDQVNLLQLATYTSGNLALQFPDEVQTDQQVLTFFKDWKPKNPIGEYRQYSNPSIGLF
GKVVALSMNKPFDQVLEKTIFPALGLKHSYVNVPKTQMQNYAFGYNQENQPIRVNPGPLDAPAYGVKSTLPDMLSFIHAN
LNPQKYPTDIQRAINETHQGRYQVNTMYQALGWEEFSYPATLQTLLDSNSEQIVMKPNKVTAISKEPSVKMYHKTGSTSG
FGTYVVFIPKENIGLVMLTNKRIPNEERIKAAYVVLNAIKK
;
_entity_poly.pdbx_strand_id   A,B,C,D
#
# COMPACT_ATOMS: atom_id res chain seq x y z
N ASP A 7 -2.27 -35.03 -12.71
CA ASP A 7 -2.58 -34.01 -11.65
C ASP A 7 -3.50 -34.63 -10.60
N GLN A 8 -4.56 -35.31 -11.06
CA GLN A 8 -5.44 -36.20 -10.24
C GLN A 8 -4.62 -37.37 -9.66
N GLU A 9 -3.54 -37.73 -10.35
CA GLU A 9 -2.45 -38.63 -9.91
C GLU A 9 -1.99 -38.37 -8.45
N ILE A 10 -1.81 -37.13 -7.99
CA ILE A 10 -1.00 -36.84 -6.77
C ILE A 10 -1.67 -37.42 -5.51
N LYS A 11 -2.96 -37.14 -5.31
CA LYS A 11 -3.75 -37.70 -4.17
C LYS A 11 -3.61 -39.24 -4.18
N LYS A 12 -3.76 -39.87 -5.35
CA LYS A 12 -3.75 -41.35 -5.47
C LYS A 12 -2.37 -41.88 -5.05
N LEU A 13 -1.28 -41.25 -5.49
CA LEU A 13 0.11 -41.66 -5.16
C LEU A 13 0.36 -41.52 -3.65
N VAL A 14 -0.07 -40.42 -3.03
CA VAL A 14 0.11 -40.21 -1.56
C VAL A 14 -0.71 -41.28 -0.81
N ASP A 15 -1.95 -41.54 -1.25
CA ASP A 15 -2.81 -42.60 -0.65
C ASP A 15 -2.11 -43.95 -0.79
N GLN A 16 -1.43 -44.22 -1.90
CA GLN A 16 -0.77 -45.53 -2.17
C GLN A 16 0.47 -45.69 -1.29
N ASN A 17 1.24 -44.63 -1.03
CA ASN A 17 2.61 -44.73 -0.47
C ASN A 17 2.67 -44.24 0.99
N PHE A 18 1.85 -43.27 1.39
CA PHE A 18 1.90 -42.70 2.76
C PHE A 18 0.80 -43.30 3.65
N LYS A 19 -0.43 -43.39 3.17
CA LYS A 19 -1.61 -43.80 3.98
C LYS A 19 -1.37 -45.15 4.68
N PRO A 20 -0.79 -46.18 4.02
CA PRO A 20 -0.57 -47.47 4.68
C PRO A 20 0.35 -47.43 5.90
N LEU A 21 1.22 -46.42 5.99
CA LEU A 21 2.14 -46.24 7.15
C LEU A 21 1.34 -45.97 8.44
N LEU A 22 0.15 -45.38 8.35
CA LEU A 22 -0.70 -45.12 9.55
C LEU A 22 -1.06 -46.43 10.25
N GLU A 23 -1.62 -47.40 9.51
CA GLU A 23 -1.98 -48.73 10.07
C GLU A 23 -0.70 -49.46 10.49
N LYS A 24 0.34 -49.43 9.64
CA LYS A 24 1.58 -50.23 9.86
C LYS A 24 2.28 -49.81 11.16
N TYR A 25 2.33 -48.51 11.50
CA TYR A 25 3.04 -48.00 12.71
C TYR A 25 2.06 -47.45 13.75
N ASP A 26 0.75 -47.63 13.56
CA ASP A 26 -0.32 -47.15 14.47
C ASP A 26 -0.12 -45.64 14.74
N VAL A 27 -0.08 -44.86 13.66
CA VAL A 27 0.11 -43.38 13.70
C VAL A 27 -1.25 -42.74 13.73
N PRO A 28 -1.61 -41.95 14.76
CA PRO A 28 -2.92 -41.33 14.84
C PRO A 28 -3.20 -40.33 13.70
N GLY A 29 -2.21 -39.52 13.32
CA GLY A 29 -2.39 -38.38 12.41
C GLY A 29 -1.19 -38.12 11.50
N MET A 30 -1.46 -37.64 10.29
CA MET A 30 -0.40 -37.34 9.30
C MET A 30 -0.89 -36.24 8.35
N ALA A 31 -0.01 -35.33 8.01
CA ALA A 31 -0.22 -34.36 6.91
C ALA A 31 0.91 -34.51 5.91
N VAL A 32 0.56 -34.73 4.64
CA VAL A 32 1.49 -34.86 3.50
C VAL A 32 1.13 -33.78 2.48
N GLY A 33 2.11 -32.95 2.13
CA GLY A 33 2.00 -31.88 1.14
C GLY A 33 2.92 -32.14 -0.02
N VAL A 34 2.47 -31.83 -1.24
CA VAL A 34 3.31 -31.82 -2.46
C VAL A 34 3.18 -30.44 -3.07
N ILE A 35 4.30 -29.87 -3.50
CA ILE A 35 4.26 -28.63 -4.34
C ILE A 35 4.88 -29.00 -5.68
N GLN A 36 4.18 -28.69 -6.78
CA GLN A 36 4.63 -28.97 -8.16
C GLN A 36 4.22 -27.78 -9.04
N ASN A 37 5.21 -27.15 -9.68
CA ASN A 37 5.01 -25.98 -10.57
C ASN A 37 4.14 -24.93 -9.85
N ASN A 38 4.48 -24.65 -8.59
CA ASN A 38 3.86 -23.56 -7.78
C ASN A 38 2.38 -23.85 -7.51
N LYS A 39 1.96 -25.12 -7.58
CA LYS A 39 0.63 -25.59 -7.15
C LYS A 39 0.80 -26.49 -5.91
N LYS A 40 0.04 -26.20 -4.85
CA LYS A 40 0.10 -26.92 -3.55
C LYS A 40 -1.01 -27.97 -3.48
N TYR A 41 -0.66 -29.16 -2.99
CA TYR A 41 -1.58 -30.27 -2.70
C TYR A 41 -1.41 -30.66 -1.23
N GLU A 42 -2.49 -30.60 -0.46
CA GLU A 42 -2.51 -30.96 0.99
C GLU A 42 -3.39 -32.20 1.18
N MET A 43 -2.79 -33.25 1.72
CA MET A 43 -3.49 -34.50 2.13
C MET A 43 -3.40 -34.65 3.66
N TYR A 44 -4.56 -34.79 4.31
CA TYR A 44 -4.68 -34.96 5.77
C TYR A 44 -5.31 -36.33 6.07
N TYR A 45 -4.74 -37.01 7.07
CA TYR A 45 -5.19 -38.33 7.55
C TYR A 45 -5.33 -38.31 9.08
N GLY A 46 -6.40 -38.90 9.58
CA GLY A 46 -6.52 -39.28 11.00
C GLY A 46 -6.62 -38.08 11.90
N LEU A 47 -6.06 -38.19 13.10
CA LEU A 47 -6.40 -37.32 14.26
C LEU A 47 -5.16 -36.57 14.74
N GLN A 48 -5.37 -35.31 15.07
CA GLN A 48 -4.44 -34.39 15.78
C GLN A 48 -4.42 -34.77 17.27
N SER A 49 -5.58 -35.17 17.81
CA SER A 49 -5.79 -35.64 19.21
C SER A 49 -6.72 -36.86 19.20
N VAL A 50 -6.22 -38.02 19.65
CA VAL A 50 -7.02 -39.27 19.76
C VAL A 50 -8.14 -39.03 20.81
N GLN A 51 -7.79 -38.52 22.00
CA GLN A 51 -8.77 -38.36 23.11
C GLN A 51 -9.87 -37.36 22.72
N ASP A 52 -9.58 -36.29 21.96
CA ASP A 52 -10.59 -35.25 21.61
C ASP A 52 -11.27 -35.59 20.28
N LYS A 53 -10.86 -36.67 19.61
CA LYS A 53 -11.37 -37.07 18.27
C LYS A 53 -11.29 -35.86 17.33
N LYS A 54 -10.20 -35.09 17.38
CA LYS A 54 -10.00 -33.87 16.56
C LYS A 54 -9.15 -34.23 15.33
N ALA A 55 -9.68 -33.92 14.14
CA ALA A 55 -9.12 -34.31 12.83
C ALA A 55 -7.87 -33.48 12.53
N VAL A 56 -6.89 -34.06 11.85
CA VAL A 56 -5.75 -33.31 11.26
C VAL A 56 -6.32 -32.43 10.15
N ASN A 57 -5.96 -31.17 10.14
CA ASN A 57 -6.41 -30.18 9.12
C ASN A 57 -5.29 -29.15 8.91
N SER A 58 -5.57 -28.16 8.06
CA SER A 58 -4.60 -27.13 7.64
C SER A 58 -4.21 -26.22 8.82
N ASN A 59 -4.96 -26.22 9.91
CA ASN A 59 -4.63 -25.43 11.14
C ASN A 59 -3.77 -26.28 12.10
N THR A 60 -3.62 -27.59 11.89
CA THR A 60 -2.92 -28.46 12.87
C THR A 60 -1.44 -28.07 12.96
N ILE A 61 -0.96 -27.81 14.17
CA ILE A 61 0.48 -27.50 14.47
C ILE A 61 1.21 -28.78 14.91
N PHE A 62 2.30 -29.11 14.23
CA PHE A 62 3.18 -30.26 14.48
C PHE A 62 4.54 -29.77 14.98
N GLU A 63 5.23 -30.55 15.82
CA GLU A 63 6.66 -30.34 16.17
C GLU A 63 7.55 -30.78 15.00
N LEU A 64 8.44 -29.91 14.53
CA LEU A 64 9.30 -30.17 13.34
C LEU A 64 10.57 -30.93 13.73
N GLY A 65 10.91 -30.98 15.02
CA GLY A 65 12.22 -31.48 15.49
C GLY A 65 13.37 -30.87 14.72
N SER A 66 14.31 -31.69 14.26
CA SER A 66 15.57 -31.28 13.58
C SER A 66 15.29 -30.47 12.29
N VAL A 67 14.09 -30.51 11.73
CA VAL A 67 13.77 -29.62 10.57
C VAL A 67 13.83 -28.16 11.04
N SER A 68 13.73 -27.89 12.34
CA SER A 68 14.01 -26.56 12.95
C SER A 68 15.41 -26.06 12.53
N LYS A 69 16.39 -26.95 12.37
CA LYS A 69 17.79 -26.60 12.00
C LYS A 69 17.81 -25.85 10.67
N LEU A 70 16.83 -26.04 9.80
CA LEU A 70 16.77 -25.36 8.48
C LEU A 70 16.43 -23.88 8.68
N PHE A 71 15.62 -23.56 9.69
CA PHE A 71 15.27 -22.17 10.06
C PHE A 71 16.46 -21.51 10.74
N THR A 72 17.21 -22.26 11.55
CA THR A 72 18.44 -21.76 12.21
C THR A 72 19.46 -21.40 11.12
N ALA A 73 19.61 -22.27 10.11
CA ALA A 73 20.53 -22.10 8.97
C ALA A 73 20.12 -20.85 8.17
N THR A 74 18.83 -20.71 7.89
CA THR A 74 18.27 -19.54 7.15
C THR A 74 18.56 -18.25 7.94
N ALA A 75 18.38 -18.27 9.27
CA ALA A 75 18.63 -17.10 10.14
C ALA A 75 20.12 -16.72 10.06
N GLY A 76 21.02 -17.73 10.06
CA GLY A 76 22.47 -17.54 9.89
C GLY A 76 22.80 -16.91 8.55
N GLY A 77 22.19 -17.41 7.47
CA GLY A 77 22.36 -16.89 6.10
C GLY A 77 21.88 -15.44 6.00
N TYR A 78 20.80 -15.10 6.71
CA TYR A 78 20.23 -13.72 6.76
C TYR A 78 21.22 -12.79 7.49
N ALA A 79 21.75 -13.22 8.63
CA ALA A 79 22.70 -12.43 9.46
C ALA A 79 24.00 -12.19 8.67
N LYS A 80 24.51 -13.22 7.98
CA LYS A 80 25.76 -13.13 7.19
C LYS A 80 25.61 -12.12 6.06
N ASN A 81 24.54 -12.21 5.28
CA ASN A 81 24.35 -11.38 4.05
C ASN A 81 23.92 -9.95 4.44
N LYS A 82 23.54 -9.72 5.69
CA LYS A 82 23.35 -8.36 6.29
C LYS A 82 24.67 -7.88 6.93
N GLY A 83 25.71 -8.70 6.92
CA GLY A 83 27.06 -8.37 7.46
C GLY A 83 27.10 -8.36 8.99
N LYS A 84 26.11 -8.96 9.66
CA LYS A 84 26.05 -9.02 11.15
C LYS A 84 27.07 -10.04 11.66
N ILE A 85 27.37 -11.07 10.86
CA ILE A 85 28.39 -12.12 11.16
C ILE A 85 29.15 -12.42 9.88
N SER A 86 30.31 -13.06 10.03
CA SER A 86 31.04 -13.82 9.00
C SER A 86 31.15 -15.27 9.49
N PHE A 87 31.14 -16.24 8.56
CA PHE A 87 31.24 -17.69 8.87
C PHE A 87 32.67 -18.05 9.27
N ASP A 88 33.63 -17.12 9.08
CA ASP A 88 35.05 -17.26 9.50
C ASP A 88 35.24 -16.78 10.94
N ASP A 89 34.24 -16.11 11.52
CA ASP A 89 34.26 -15.63 12.92
C ASP A 89 34.21 -16.83 13.88
N THR A 90 34.61 -16.60 15.13
CA THR A 90 34.52 -17.59 16.24
C THR A 90 33.50 -17.07 17.25
N PRO A 91 32.90 -17.96 18.08
CA PRO A 91 31.77 -17.58 18.92
C PRO A 91 32.11 -16.48 19.95
N GLY A 92 33.37 -16.44 20.40
CA GLY A 92 33.87 -15.48 21.40
C GLY A 92 33.69 -14.03 20.97
N LYS A 93 33.70 -13.77 19.67
CA LYS A 93 33.52 -12.41 19.08
C LYS A 93 32.14 -11.85 19.45
N TYR A 94 31.15 -12.70 19.74
CA TYR A 94 29.75 -12.30 20.04
C TYR A 94 29.37 -12.70 21.47
N TRP A 95 29.70 -13.91 21.89
CA TRP A 95 29.47 -14.45 23.26
C TRP A 95 30.75 -14.16 24.06
N LYS A 96 30.86 -12.95 24.62
CA LYS A 96 32.12 -12.37 25.17
C LYS A 96 32.77 -13.35 26.16
N GLU A 97 31.95 -14.04 26.97
CA GLU A 97 32.42 -14.95 28.05
C GLU A 97 33.07 -16.21 27.46
N LEU A 98 33.08 -16.37 26.12
CA LEU A 98 33.75 -17.51 25.44
C LEU A 98 35.05 -17.05 24.77
N LYS A 99 35.33 -15.74 24.73
CA LYS A 99 36.59 -15.17 24.16
C LYS A 99 37.80 -15.86 24.81
N ASN A 100 38.73 -16.34 23.97
CA ASN A 100 40.07 -16.88 24.35
C ASN A 100 39.93 -18.24 25.06
N THR A 101 38.78 -18.93 24.93
CA THR A 101 38.56 -20.33 25.41
C THR A 101 38.77 -21.27 24.24
N PRO A 102 39.07 -22.57 24.46
CA PRO A 102 39.32 -23.50 23.37
C PRO A 102 38.24 -23.55 22.26
N ILE A 103 36.96 -23.45 22.63
CA ILE A 103 35.80 -23.45 21.67
C ILE A 103 35.90 -22.22 20.74
N ASP A 104 36.63 -21.18 21.17
CA ASP A 104 36.81 -19.92 20.39
C ASP A 104 37.80 -20.14 19.24
N GLN A 105 38.32 -21.36 19.09
CA GLN A 105 39.17 -21.79 17.94
C GLN A 105 38.28 -22.38 16.84
N VAL A 106 37.00 -22.63 17.11
CA VAL A 106 36.03 -23.21 16.13
C VAL A 106 35.28 -22.06 15.45
N ASN A 107 35.17 -22.06 14.12
CA ASN A 107 34.47 -20.96 13.41
C ASN A 107 32.97 -21.27 13.34
N LEU A 108 32.15 -20.29 12.94
CA LEU A 108 30.67 -20.37 12.95
C LEU A 108 30.21 -21.44 11.95
N LEU A 109 30.89 -21.57 10.80
CA LEU A 109 30.55 -22.59 9.79
C LEU A 109 30.74 -23.99 10.41
N GLN A 110 31.85 -24.20 11.12
CA GLN A 110 32.20 -25.51 11.73
C GLN A 110 31.16 -25.88 12.78
N LEU A 111 30.68 -24.90 13.56
CA LEU A 111 29.57 -25.11 14.53
C LEU A 111 28.29 -25.49 13.79
N ALA A 112 27.93 -24.73 12.74
CA ALA A 112 26.69 -24.92 11.95
C ALA A 112 26.70 -26.29 11.27
N THR A 113 27.86 -26.79 10.86
CA THR A 113 28.00 -28.04 10.05
C THR A 113 28.68 -29.17 10.83
N TYR A 114 28.74 -29.07 12.16
CA TYR A 114 28.95 -30.19 13.13
C TYR A 114 30.40 -30.73 13.09
N THR A 115 31.41 -29.87 12.86
CA THR A 115 32.83 -30.31 12.67
C THR A 115 33.76 -29.68 13.72
N SER A 116 33.26 -29.36 14.92
CA SER A 116 34.08 -28.94 16.08
C SER A 116 35.10 -30.02 16.44
N GLY A 117 34.77 -31.30 16.20
CA GLY A 117 35.63 -32.46 16.46
C GLY A 117 35.42 -33.05 17.85
N ASN A 118 34.57 -32.43 18.69
CA ASN A 118 34.23 -33.00 20.02
C ASN A 118 32.87 -32.46 20.53
N LEU A 119 31.79 -32.65 19.78
CA LEU A 119 30.40 -32.38 20.28
C LEU A 119 29.47 -33.52 19.85
N ALA A 120 28.80 -34.14 20.81
CA ALA A 120 27.90 -35.29 20.63
C ALA A 120 26.51 -34.79 20.21
N LEU A 121 25.60 -35.73 19.89
CA LEU A 121 24.19 -35.47 19.50
C LEU A 121 23.50 -34.57 20.52
N GLN A 122 23.59 -34.91 21.82
CA GLN A 122 22.93 -34.17 22.92
C GLN A 122 23.96 -33.54 23.86
N PHE A 123 23.58 -32.45 24.52
CA PHE A 123 24.16 -32.02 25.82
C PHE A 123 24.06 -33.19 26.80
N PRO A 124 24.92 -33.26 27.84
CA PRO A 124 24.67 -34.18 28.96
C PRO A 124 23.35 -33.80 29.68
N ASP A 125 22.60 -34.79 30.19
CA ASP A 125 21.26 -34.57 30.83
C ASP A 125 21.36 -33.49 31.92
N GLU A 126 22.50 -33.41 32.63
CA GLU A 126 22.76 -32.50 33.78
C GLU A 126 22.69 -31.04 33.35
N VAL A 127 23.01 -30.73 32.09
CA VAL A 127 23.01 -29.34 31.53
C VAL A 127 21.57 -28.94 31.21
N GLN A 128 21.06 -27.92 31.91
CA GLN A 128 19.67 -27.41 31.78
C GLN A 128 19.67 -25.88 31.73
N THR A 129 20.27 -25.22 32.73
CA THR A 129 20.20 -23.75 32.93
C THR A 129 21.11 -23.04 31.93
N ASP A 130 20.97 -21.73 31.80
CA ASP A 130 21.82 -20.85 30.95
C ASP A 130 23.27 -20.94 31.46
N GLN A 131 23.46 -20.96 32.79
CA GLN A 131 24.78 -20.96 33.47
C GLN A 131 25.48 -22.28 33.18
N GLN A 132 24.75 -23.40 33.27
CA GLN A 132 25.29 -24.76 32.98
C GLN A 132 25.71 -24.88 31.51
N VAL A 133 24.99 -24.20 30.61
CA VAL A 133 25.29 -24.23 29.14
C VAL A 133 26.61 -23.47 28.92
N LEU A 134 26.75 -22.30 29.52
CA LEU A 134 27.97 -21.44 29.41
C LEU A 134 29.18 -22.21 29.93
N THR A 135 29.06 -22.78 31.14
CA THR A 135 30.15 -23.54 31.81
C THR A 135 30.57 -24.68 30.88
N PHE A 136 29.60 -25.41 30.29
CA PHE A 136 29.87 -26.55 29.38
C PHE A 136 30.79 -26.11 28.22
N PHE A 137 30.52 -24.93 27.63
CA PHE A 137 31.30 -24.41 26.47
C PHE A 137 32.65 -23.83 26.92
N LYS A 138 32.71 -23.25 28.13
CA LYS A 138 33.95 -22.74 28.75
C LYS A 138 34.93 -23.91 28.99
N ASP A 139 34.42 -25.06 29.46
CA ASP A 139 35.22 -26.25 29.86
C ASP A 139 35.47 -27.17 28.66
N TRP A 140 34.95 -26.83 27.48
CA TRP A 140 35.11 -27.64 26.24
C TRP A 140 36.59 -27.65 25.81
N LYS A 141 37.08 -28.80 25.36
CA LYS A 141 38.44 -28.99 24.82
C LYS A 141 38.34 -29.78 23.52
N PRO A 142 39.24 -29.57 22.54
CA PRO A 142 39.23 -30.34 21.30
C PRO A 142 39.52 -31.83 21.50
N LYS A 143 39.08 -32.67 20.58
CA LYS A 143 39.50 -34.10 20.46
C LYS A 143 40.03 -34.31 19.04
N ASN A 144 39.14 -34.54 18.06
CA ASN A 144 39.56 -34.69 16.64
C ASN A 144 40.05 -33.35 16.12
N PRO A 145 40.95 -33.32 15.11
CA PRO A 145 41.33 -32.07 14.44
C PRO A 145 40.09 -31.27 13.98
N ILE A 146 40.03 -30.00 14.34
CA ILE A 146 38.87 -29.10 14.07
C ILE A 146 38.62 -29.01 12.57
N GLY A 147 37.37 -29.23 12.15
CA GLY A 147 36.95 -29.13 10.75
C GLY A 147 37.05 -30.46 10.01
N GLU A 148 37.66 -31.49 10.59
CA GLU A 148 37.98 -32.76 9.87
C GLU A 148 36.91 -33.84 10.08
N TYR A 149 36.17 -33.83 11.20
CA TYR A 149 35.21 -34.90 11.58
C TYR A 149 33.80 -34.35 11.79
N ARG A 150 32.85 -34.90 11.04
CA ARG A 150 31.41 -34.58 11.19
C ARG A 150 30.83 -35.50 12.28
N GLN A 151 30.34 -34.91 13.37
CA GLN A 151 29.41 -35.62 14.28
C GLN A 151 28.15 -34.79 14.48
N TYR A 152 27.01 -35.27 13.96
CA TYR A 152 25.68 -34.61 14.01
C TYR A 152 25.40 -34.22 15.47
N SER A 153 25.09 -32.96 15.76
CA SER A 153 25.11 -32.41 17.14
C SER A 153 24.13 -31.25 17.35
N ASN A 154 23.20 -31.40 18.30
CA ASN A 154 22.28 -30.33 18.76
C ASN A 154 23.07 -29.19 19.39
N PRO A 155 23.97 -29.41 20.38
CA PRO A 155 24.71 -28.30 20.98
C PRO A 155 25.55 -27.51 19.96
N SER A 156 26.12 -28.15 18.93
CA SER A 156 26.96 -27.50 17.89
C SER A 156 26.13 -26.43 17.16
N ILE A 157 25.01 -26.81 16.53
CA ILE A 157 24.16 -25.83 15.78
C ILE A 157 23.39 -24.98 16.77
N GLY A 158 23.11 -25.48 17.97
CA GLY A 158 22.52 -24.69 19.06
C GLY A 158 23.37 -23.46 19.37
N LEU A 159 24.68 -23.63 19.54
CA LEU A 159 25.60 -22.50 19.84
C LEU A 159 25.62 -21.55 18.64
N PHE A 160 25.64 -22.08 17.41
CA PHE A 160 25.59 -21.26 16.16
C PHE A 160 24.35 -20.36 16.19
N GLY A 161 23.18 -20.94 16.49
CA GLY A 161 21.91 -20.21 16.65
C GLY A 161 21.99 -19.11 17.69
N LYS A 162 22.52 -19.42 18.88
CA LYS A 162 22.66 -18.42 19.97
C LYS A 162 23.54 -17.25 19.51
N VAL A 163 24.63 -17.54 18.79
CA VAL A 163 25.58 -16.52 18.27
C VAL A 163 24.87 -15.65 17.23
N VAL A 164 24.08 -16.26 16.34
CA VAL A 164 23.30 -15.53 15.29
C VAL A 164 22.36 -14.54 16.01
N ALA A 165 21.68 -14.99 17.07
CA ALA A 165 20.75 -14.13 17.84
C ALA A 165 21.53 -12.95 18.45
N LEU A 166 22.64 -13.23 19.14
CA LEU A 166 23.51 -12.17 19.74
C LEU A 166 23.91 -11.15 18.65
N SER A 167 24.27 -11.62 17.45
CA SER A 167 24.72 -10.76 16.32
C SER A 167 23.60 -9.82 15.86
N MET A 168 22.33 -10.17 16.09
CA MET A 168 21.16 -9.36 15.66
C MET A 168 20.50 -8.69 16.86
N ASN A 169 21.09 -8.82 18.06
CA ASN A 169 20.68 -8.12 19.32
C ASN A 169 19.22 -8.43 19.66
N LYS A 170 18.77 -9.64 19.36
CA LYS A 170 17.42 -10.16 19.71
C LYS A 170 17.61 -11.58 20.21
N PRO A 171 16.77 -12.05 21.16
CA PRO A 171 16.77 -13.46 21.54
C PRO A 171 16.32 -14.30 20.34
N PHE A 172 16.76 -15.55 20.28
CA PHE A 172 16.60 -16.45 19.10
C PHE A 172 15.12 -16.57 18.72
N ASP A 173 14.22 -16.73 19.71
CA ASP A 173 12.76 -16.88 19.48
C ASP A 173 12.25 -15.68 18.68
N GLN A 174 12.74 -14.48 18.98
CA GLN A 174 12.29 -13.22 18.32
C GLN A 174 12.92 -13.12 16.92
N VAL A 175 14.15 -13.61 16.74
CA VAL A 175 14.79 -13.65 15.39
C VAL A 175 13.84 -14.38 14.43
N LEU A 176 13.35 -15.57 14.81
CA LEU A 176 12.44 -16.37 13.94
C LEU A 176 11.04 -15.73 13.88
N GLU A 177 10.44 -15.39 15.02
CA GLU A 177 9.00 -15.00 15.07
C GLU A 177 8.81 -13.58 14.52
N LYS A 178 9.79 -12.69 14.68
CA LYS A 178 9.67 -11.25 14.28
C LYS A 178 10.36 -10.96 12.95
N THR A 179 11.38 -11.73 12.52
CA THR A 179 12.17 -11.43 11.30
C THR A 179 12.02 -12.54 10.25
N ILE A 180 12.44 -13.76 10.56
CA ILE A 180 12.57 -14.85 9.54
C ILE A 180 11.18 -15.38 9.10
N PHE A 181 10.29 -15.74 10.02
CA PHE A 181 8.96 -16.31 9.63
C PHE A 181 8.18 -15.27 8.83
N PRO A 182 8.10 -13.98 9.26
CA PRO A 182 7.41 -12.97 8.48
C PRO A 182 8.00 -12.77 7.07
N ALA A 183 9.33 -12.76 6.94
CA ALA A 183 10.03 -12.60 5.64
C ALA A 183 9.69 -13.76 4.70
N LEU A 184 9.42 -14.95 5.23
CA LEU A 184 9.09 -16.16 4.43
C LEU A 184 7.58 -16.26 4.18
N GLY A 185 6.79 -15.35 4.77
CA GLY A 185 5.33 -15.33 4.66
C GLY A 185 4.67 -16.48 5.41
N LEU A 186 5.23 -16.91 6.55
CA LEU A 186 4.67 -17.97 7.41
C LEU A 186 3.80 -17.31 8.49
N LYS A 187 2.56 -17.81 8.63
CA LYS A 187 1.52 -17.19 9.49
C LYS A 187 1.31 -18.03 10.77
N HIS A 188 1.64 -19.32 10.78
CA HIS A 188 1.38 -20.23 11.94
C HIS A 188 2.61 -21.09 12.24
N SER A 189 3.78 -20.47 12.31
CA SER A 189 5.07 -21.08 12.68
C SER A 189 5.58 -20.39 13.95
N TYR A 190 5.99 -21.18 14.94
CA TYR A 190 6.26 -20.72 16.33
C TYR A 190 7.47 -21.44 16.90
N VAL A 191 8.25 -20.70 17.71
CA VAL A 191 9.15 -21.27 18.74
C VAL A 191 8.31 -21.55 19.99
N ASN A 192 7.47 -20.59 20.36
CA ASN A 192 6.51 -20.69 21.51
C ASN A 192 5.07 -20.57 20.97
N VAL A 193 4.29 -21.64 21.00
CA VAL A 193 2.89 -21.64 20.50
C VAL A 193 2.08 -20.79 21.48
N PRO A 194 1.42 -19.70 21.01
CA PRO A 194 0.65 -18.83 21.90
C PRO A 194 -0.69 -19.45 22.36
N LYS A 195 -1.21 -18.92 23.47
CA LYS A 195 -2.49 -19.32 24.13
C LYS A 195 -3.58 -19.51 23.08
N THR A 196 -3.69 -18.57 22.14
CA THR A 196 -4.77 -18.52 21.11
C THR A 196 -4.65 -19.68 20.11
N GLN A 197 -3.51 -20.38 20.03
CA GLN A 197 -3.28 -21.46 19.03
C GLN A 197 -3.16 -22.83 19.70
N MET A 198 -3.21 -22.92 21.04
CA MET A 198 -2.97 -24.19 21.77
C MET A 198 -3.98 -25.26 21.33
N GLN A 199 -5.22 -24.89 20.95
CA GLN A 199 -6.25 -25.85 20.52
C GLN A 199 -5.90 -26.45 19.14
N ASN A 200 -4.96 -25.84 18.40
CA ASN A 200 -4.51 -26.34 17.07
C ASN A 200 -3.21 -27.17 17.20
N TYR A 201 -2.61 -27.20 18.39
CA TYR A 201 -1.34 -27.90 18.67
C TYR A 201 -1.66 -29.38 18.89
N ALA A 202 -1.25 -30.23 17.95
CA ALA A 202 -1.44 -31.69 18.03
C ALA A 202 -0.77 -32.20 19.31
N PHE A 203 -1.29 -33.30 19.87
CA PHE A 203 -0.50 -34.16 20.76
C PHE A 203 0.44 -34.98 19.86
N GLY A 204 1.68 -35.17 20.29
CA GLY A 204 2.55 -36.27 19.81
C GLY A 204 2.20 -37.53 20.57
N TYR A 205 2.56 -38.69 20.05
CA TYR A 205 2.32 -40.02 20.68
C TYR A 205 3.63 -40.78 20.68
N ASN A 206 3.98 -41.38 21.81
CA ASN A 206 5.27 -42.10 22.00
C ASN A 206 5.07 -43.54 21.54
N GLN A 207 6.06 -44.41 21.74
CA GLN A 207 5.98 -45.80 21.21
C GLN A 207 4.93 -46.60 22.00
N GLU A 208 4.41 -46.10 23.13
CA GLU A 208 3.26 -46.71 23.85
C GLU A 208 1.94 -46.00 23.49
N ASN A 209 1.91 -45.18 22.42
CA ASN A 209 0.77 -44.32 22.01
C ASN A 209 0.21 -43.52 23.20
N GLN A 210 1.08 -43.00 24.06
CA GLN A 210 0.71 -42.02 25.12
C GLN A 210 0.95 -40.62 24.58
N PRO A 211 0.01 -39.68 24.83
CA PRO A 211 0.13 -38.31 24.36
C PRO A 211 1.27 -37.57 25.08
N ILE A 212 2.07 -36.83 24.32
CA ILE A 212 3.37 -36.24 24.78
C ILE A 212 3.62 -34.99 23.94
N ARG A 213 4.28 -33.99 24.53
CA ARG A 213 4.82 -32.80 23.81
C ARG A 213 6.29 -32.62 24.20
N VAL A 214 7.05 -31.90 23.39
CA VAL A 214 8.51 -31.71 23.56
C VAL A 214 8.74 -30.96 24.87
N ASN A 215 9.70 -31.42 25.68
CA ASN A 215 10.11 -30.74 26.95
C ASN A 215 11.08 -29.61 26.63
N PRO A 216 11.06 -28.50 27.40
CA PRO A 216 12.11 -27.48 27.33
C PRO A 216 13.49 -28.11 27.53
N GLY A 217 14.51 -27.60 26.86
CA GLY A 217 15.90 -28.06 27.00
C GLY A 217 16.91 -26.97 26.66
N PRO A 218 18.23 -27.20 26.93
CA PRO A 218 19.25 -26.21 26.65
C PRO A 218 19.40 -25.96 25.14
N LEU A 219 19.28 -24.70 24.71
CA LEU A 219 19.32 -24.26 23.28
C LEU A 219 18.40 -25.15 22.42
N ASP A 220 17.21 -25.45 22.94
CA ASP A 220 16.19 -26.27 22.23
C ASP A 220 15.76 -25.57 20.94
N ALA A 221 15.42 -24.28 20.99
CA ALA A 221 14.81 -23.54 19.86
C ALA A 221 15.62 -23.72 18.58
N PRO A 222 16.92 -23.36 18.52
CA PRO A 222 17.68 -23.49 17.28
C PRO A 222 17.92 -24.93 16.81
N ALA A 223 17.82 -25.93 17.69
CA ALA A 223 18.18 -27.34 17.39
C ALA A 223 16.94 -28.16 16.99
N TYR A 224 15.80 -28.03 17.68
CA TYR A 224 14.61 -28.90 17.44
C TYR A 224 13.31 -28.26 17.93
N GLY A 225 13.25 -26.93 18.04
CA GLY A 225 12.22 -26.26 18.87
C GLY A 225 11.10 -25.57 18.08
N VAL A 226 11.06 -25.72 16.75
CA VAL A 226 10.04 -25.02 15.92
C VAL A 226 8.82 -25.94 15.72
N LYS A 227 7.64 -25.32 15.71
CA LYS A 227 6.33 -25.96 15.41
C LYS A 227 5.69 -25.21 14.24
N SER A 228 4.99 -25.92 13.36
CA SER A 228 4.43 -25.34 12.11
C SER A 228 3.28 -26.19 11.60
N THR A 229 2.56 -25.67 10.60
CA THR A 229 1.42 -26.31 9.92
C THR A 229 1.88 -26.83 8.56
N LEU A 230 1.07 -27.66 7.90
CA LEU A 230 1.38 -28.19 6.54
C LEU A 230 1.47 -27.01 5.56
N PRO A 231 0.49 -26.08 5.54
CA PRO A 231 0.55 -24.96 4.59
C PRO A 231 1.80 -24.08 4.75
N ASP A 232 2.22 -23.80 5.99
CA ASP A 232 3.47 -23.03 6.25
C ASP A 232 4.68 -23.79 5.71
N MET A 233 4.77 -25.09 5.95
CA MET A 233 5.95 -25.87 5.52
C MET A 233 5.99 -25.94 3.99
N LEU A 234 4.83 -25.97 3.32
CA LEU A 234 4.76 -25.94 1.83
C LEU A 234 5.20 -24.57 1.31
N SER A 235 4.87 -23.48 2.00
CA SER A 235 5.37 -22.12 1.70
C SER A 235 6.89 -22.10 1.85
N PHE A 236 7.43 -22.72 2.91
CA PHE A 236 8.89 -22.78 3.14
C PHE A 236 9.58 -23.54 2.00
N ILE A 237 9.01 -24.66 1.56
CA ILE A 237 9.55 -25.42 0.39
C ILE A 237 9.45 -24.56 -0.88
N HIS A 238 8.32 -23.86 -1.03
CA HIS A 238 8.12 -22.92 -2.17
C HIS A 238 9.25 -21.92 -2.22
N ALA A 239 9.59 -21.30 -1.08
CA ALA A 239 10.66 -20.28 -0.95
C ALA A 239 12.01 -20.87 -1.37
N ASN A 240 12.30 -22.10 -0.96
CA ASN A 240 13.55 -22.83 -1.29
C ASN A 240 13.61 -23.17 -2.78
N LEU A 241 12.47 -23.45 -3.42
CA LEU A 241 12.38 -23.76 -4.88
C LEU A 241 12.44 -22.46 -5.71
N ASN A 242 11.89 -21.34 -5.21
CA ASN A 242 11.70 -20.06 -5.95
C ASN A 242 12.11 -18.85 -5.10
N PRO A 243 13.39 -18.76 -4.71
CA PRO A 243 13.85 -17.66 -3.86
C PRO A 243 13.72 -16.27 -4.50
N GLN A 244 13.72 -16.19 -5.84
CA GLN A 244 13.59 -14.93 -6.64
C GLN A 244 12.31 -14.17 -6.27
N LYS A 245 11.24 -14.86 -5.85
CA LYS A 245 9.92 -14.23 -5.56
C LYS A 245 9.96 -13.49 -4.21
N TYR A 246 11.03 -13.64 -3.43
CA TYR A 246 11.11 -13.20 -2.01
C TYR A 246 12.02 -11.97 -1.91
N PRO A 247 11.93 -11.18 -0.81
CA PRO A 247 12.84 -10.07 -0.59
C PRO A 247 14.32 -10.47 -0.76
N THR A 248 15.16 -9.52 -1.18
CA THR A 248 16.62 -9.72 -1.41
C THR A 248 17.28 -10.39 -0.20
N ASP A 249 16.99 -9.90 1.01
CA ASP A 249 17.62 -10.33 2.29
C ASP A 249 17.40 -11.83 2.52
N ILE A 250 16.15 -12.28 2.40
CA ILE A 250 15.75 -13.68 2.68
C ILE A 250 16.13 -14.55 1.46
N GLN A 251 16.11 -14.00 0.25
CA GLN A 251 16.57 -14.67 -0.99
C GLN A 251 18.05 -15.09 -0.83
N ARG A 252 18.91 -14.19 -0.40
CA ARG A 252 20.36 -14.46 -0.18
C ARG A 252 20.51 -15.48 0.96
N ALA A 253 19.76 -15.31 2.05
CA ALA A 253 19.72 -16.23 3.21
C ALA A 253 19.46 -17.65 2.72
N ILE A 254 18.42 -17.83 1.92
CA ILE A 254 17.96 -19.16 1.40
C ILE A 254 19.06 -19.75 0.53
N ASN A 255 19.63 -18.96 -0.40
CA ASN A 255 20.70 -19.41 -1.33
C ASN A 255 21.94 -19.83 -0.54
N GLU A 256 22.24 -19.13 0.56
CA GLU A 256 23.35 -19.48 1.48
C GLU A 256 23.15 -20.90 2.04
N THR A 257 21.91 -21.33 2.30
CA THR A 257 21.61 -22.68 2.90
C THR A 257 21.78 -23.77 1.85
N HIS A 258 21.81 -23.44 0.56
CA HIS A 258 21.88 -24.44 -0.54
C HIS A 258 23.34 -24.79 -0.91
N GLN A 259 24.33 -24.04 -0.43
CA GLN A 259 25.76 -24.22 -0.83
C GLN A 259 26.37 -25.36 -0.02
N GLY A 260 26.76 -26.45 -0.68
CA GLY A 260 27.50 -27.55 -0.03
C GLY A 260 28.83 -27.06 0.51
N ARG A 261 29.23 -27.53 1.68
CA ARG A 261 30.42 -27.08 2.43
C ARG A 261 31.50 -28.16 2.43
N TYR A 262 31.10 -29.44 2.44
CA TYR A 262 32.01 -30.62 2.38
C TYR A 262 31.17 -31.86 2.01
N GLN A 263 31.83 -33.01 1.82
CA GLN A 263 31.09 -34.26 1.51
C GLN A 263 31.48 -35.37 2.48
N VAL A 264 30.53 -36.26 2.72
CA VAL A 264 30.71 -37.60 3.37
C VAL A 264 30.15 -38.62 2.38
N ASN A 265 31.02 -39.10 1.49
CA ASN A 265 30.68 -39.92 0.31
C ASN A 265 29.66 -39.16 -0.54
N THR A 266 28.46 -39.72 -0.70
CA THR A 266 27.40 -39.23 -1.60
C THR A 266 26.56 -38.16 -0.89
N MET A 267 26.77 -37.90 0.40
CA MET A 267 26.04 -36.82 1.12
C MET A 267 26.91 -35.57 1.19
N TYR A 268 26.39 -34.44 0.70
CA TYR A 268 27.02 -33.10 0.82
C TYR A 268 26.32 -32.36 1.95
N GLN A 269 27.09 -31.80 2.88
CA GLN A 269 26.53 -31.05 4.03
C GLN A 269 26.45 -29.60 3.61
N ALA A 270 25.23 -29.09 3.39
CA ALA A 270 24.97 -27.64 3.26
C ALA A 270 24.61 -27.10 4.64
N LEU A 271 24.17 -25.86 4.73
CA LEU A 271 23.75 -25.22 6.00
C LEU A 271 22.34 -25.74 6.35
N GLY A 272 22.26 -26.63 7.35
CA GLY A 272 21.03 -27.35 7.74
C GLY A 272 20.69 -28.46 6.78
N TRP A 273 20.45 -28.12 5.51
CA TRP A 273 20.04 -29.08 4.45
C TRP A 273 21.15 -30.12 4.22
N GLU A 274 20.75 -31.36 3.95
CA GLU A 274 21.59 -32.39 3.30
C GLU A 274 21.36 -32.27 1.79
N GLU A 275 22.43 -32.39 1.00
CA GLU A 275 22.47 -32.12 -0.47
C GLU A 275 22.97 -33.37 -1.19
N PHE A 276 22.41 -33.68 -2.35
CA PHE A 276 22.73 -34.88 -3.16
C PHE A 276 22.75 -34.49 -4.63
N SER A 277 23.55 -35.21 -5.41
CA SER A 277 23.45 -35.23 -6.89
C SER A 277 22.07 -35.77 -7.27
N TYR A 278 21.35 -35.07 -8.14
CA TYR A 278 20.05 -35.52 -8.71
C TYR A 278 20.26 -35.98 -10.15
N PRO A 279 19.67 -37.12 -10.57
CA PRO A 279 18.87 -37.99 -9.69
C PRO A 279 19.74 -38.78 -8.69
N ALA A 280 19.26 -38.94 -7.46
CA ALA A 280 19.89 -39.78 -6.41
C ALA A 280 19.19 -41.14 -6.36
N THR A 281 19.93 -42.23 -6.17
CA THR A 281 19.37 -43.57 -5.87
C THR A 281 18.70 -43.56 -4.49
N LEU A 282 17.68 -44.39 -4.32
CA LEU A 282 16.97 -44.56 -3.02
C LEU A 282 17.98 -44.84 -1.90
N GLN A 283 18.97 -45.71 -2.15
CA GLN A 283 19.92 -46.15 -1.09
C GLN A 283 20.83 -44.96 -0.75
N THR A 284 21.18 -44.08 -1.68
CA THR A 284 21.95 -42.85 -1.38
C THR A 284 21.19 -42.03 -0.33
N LEU A 285 19.88 -41.86 -0.53
CA LEU A 285 19.01 -41.05 0.36
C LEU A 285 18.84 -41.77 1.71
N LEU A 286 18.68 -43.10 1.70
CA LEU A 286 18.61 -43.91 2.95
C LEU A 286 19.93 -43.85 3.70
N ASP A 287 21.07 -44.02 3.03
CA ASP A 287 22.42 -44.04 3.67
C ASP A 287 22.68 -42.71 4.38
N SER A 288 22.16 -41.59 3.87
CA SER A 288 22.34 -40.25 4.50
C SER A 288 21.90 -40.27 5.97
N ASN A 289 20.93 -41.11 6.36
CA ASN A 289 20.40 -41.14 7.76
C ASN A 289 20.63 -42.52 8.40
N SER A 290 21.64 -43.26 7.95
CA SER A 290 22.13 -44.51 8.57
C SER A 290 22.74 -44.23 9.95
N GLU A 291 22.85 -45.27 10.79
CA GLU A 291 23.46 -45.18 12.15
C GLU A 291 24.86 -44.55 12.03
N GLN A 292 25.65 -44.98 11.03
CA GLN A 292 27.06 -44.56 10.81
C GLN A 292 27.11 -43.02 10.68
N ILE A 293 26.22 -42.43 9.85
CA ILE A 293 26.25 -40.97 9.54
C ILE A 293 25.67 -40.18 10.72
N VAL A 294 24.54 -40.64 11.29
CA VAL A 294 23.76 -39.86 12.30
C VAL A 294 24.44 -39.92 13.66
N MET A 295 24.99 -41.09 14.05
CA MET A 295 25.38 -41.34 15.47
C MET A 295 26.90 -41.27 15.69
N LYS A 296 27.73 -41.59 14.69
CA LYS A 296 29.21 -41.71 14.89
C LYS A 296 29.96 -40.62 14.12
N PRO A 297 31.22 -40.31 14.53
CA PRO A 297 32.06 -39.36 13.82
C PRO A 297 32.46 -39.93 12.44
N ASN A 298 32.51 -39.06 11.43
CA ASN A 298 32.90 -39.45 10.05
C ASN A 298 33.88 -38.39 9.54
N LYS A 299 35.06 -38.83 9.07
CA LYS A 299 36.06 -37.94 8.44
C LYS A 299 35.41 -37.35 7.18
N VAL A 300 35.46 -36.02 7.03
CA VAL A 300 34.88 -35.32 5.84
C VAL A 300 35.96 -35.23 4.77
N THR A 301 35.55 -35.07 3.50
CA THR A 301 36.41 -34.67 2.37
C THR A 301 35.94 -33.29 1.88
N ALA A 302 36.82 -32.53 1.21
CA ALA A 302 36.44 -31.38 0.37
C ALA A 302 35.52 -31.90 -0.74
N ILE A 303 34.59 -31.06 -1.20
CA ILE A 303 33.75 -31.39 -2.37
C ILE A 303 34.67 -31.56 -3.58
N SER A 304 34.61 -32.72 -4.23
CA SER A 304 35.39 -33.01 -5.45
C SER A 304 34.46 -32.85 -6.65
N LYS A 305 33.43 -33.70 -6.73
CA LYS A 305 32.32 -33.57 -7.72
C LYS A 305 31.28 -32.59 -7.14
N GLU A 306 31.19 -31.40 -7.74
CA GLU A 306 30.25 -30.31 -7.38
C GLU A 306 29.03 -30.56 -8.25
N PRO A 307 27.90 -31.07 -7.71
CA PRO A 307 26.83 -31.59 -8.56
C PRO A 307 26.19 -30.45 -9.37
N SER A 308 25.92 -30.68 -10.65
CA SER A 308 25.32 -29.69 -11.58
C SER A 308 23.85 -29.50 -11.17
N VAL A 309 23.20 -30.62 -10.90
CA VAL A 309 21.73 -30.74 -10.62
C VAL A 309 21.62 -31.39 -9.24
N LYS A 310 20.97 -30.70 -8.30
CA LYS A 310 20.97 -31.04 -6.85
C LYS A 310 19.56 -31.34 -6.35
N MET A 311 19.47 -32.14 -5.29
CA MET A 311 18.26 -32.22 -4.45
C MET A 311 18.70 -32.10 -3.00
N TYR A 312 17.74 -31.80 -2.13
CA TYR A 312 17.98 -31.48 -0.71
C TYR A 312 16.93 -32.20 0.14
N HIS A 313 17.30 -32.69 1.32
CA HIS A 313 16.30 -33.21 2.28
C HIS A 313 16.75 -32.95 3.72
N LYS A 314 15.81 -33.13 4.64
CA LYS A 314 16.08 -33.14 6.10
C LYS A 314 14.97 -33.93 6.80
N THR A 315 15.34 -34.82 7.71
CA THR A 315 14.44 -35.51 8.65
C THR A 315 14.35 -34.72 9.95
N GLY A 316 13.29 -34.95 10.71
CA GLY A 316 13.12 -34.37 12.06
C GLY A 316 12.33 -35.32 12.93
N SER A 317 12.74 -35.46 14.19
CA SER A 317 12.06 -36.30 15.19
C SER A 317 12.12 -35.59 16.53
N THR A 318 10.98 -35.54 17.22
CA THR A 318 10.88 -35.34 18.68
C THR A 318 10.37 -36.67 19.24
N SER A 319 10.14 -36.76 20.55
CA SER A 319 9.70 -38.03 21.18
C SER A 319 8.34 -38.42 20.57
N GLY A 320 7.50 -37.44 20.23
CA GLY A 320 6.12 -37.67 19.77
C GLY A 320 5.86 -37.37 18.29
N PHE A 321 6.83 -36.84 17.51
CA PHE A 321 6.56 -36.36 16.13
C PHE A 321 7.66 -36.77 15.15
N GLY A 322 7.27 -37.07 13.91
CA GLY A 322 8.17 -37.30 12.77
C GLY A 322 7.97 -36.28 11.66
N THR A 323 9.05 -35.84 11.04
CA THR A 323 9.05 -34.84 9.94
C THR A 323 9.99 -35.28 8.83
N TYR A 324 9.65 -34.98 7.58
CA TYR A 324 10.53 -35.14 6.40
C TYR A 324 10.17 -34.08 5.37
N VAL A 325 11.18 -33.35 4.89
CA VAL A 325 11.08 -32.34 3.80
C VAL A 325 12.16 -32.64 2.77
N VAL A 326 11.81 -32.58 1.48
CA VAL A 326 12.67 -32.85 0.31
C VAL A 326 12.23 -31.91 -0.80
N PHE A 327 13.17 -31.34 -1.57
CA PHE A 327 12.85 -30.54 -2.77
C PHE A 327 13.94 -30.75 -3.83
N ILE A 328 13.55 -30.56 -5.10
CA ILE A 328 14.35 -30.80 -6.32
C ILE A 328 14.13 -29.60 -7.24
N PRO A 329 15.02 -28.58 -7.22
CA PRO A 329 14.84 -27.37 -8.03
C PRO A 329 14.57 -27.61 -9.52
N LYS A 330 15.32 -28.51 -10.16
CA LYS A 330 15.24 -28.80 -11.62
C LYS A 330 13.81 -29.26 -11.99
N GLU A 331 13.14 -30.06 -11.14
CA GLU A 331 11.77 -30.55 -11.40
C GLU A 331 10.71 -29.60 -10.83
N ASN A 332 11.14 -28.53 -10.14
CA ASN A 332 10.25 -27.59 -9.41
C ASN A 332 9.23 -28.36 -8.56
N ILE A 333 9.70 -29.35 -7.79
CA ILE A 333 8.82 -30.24 -6.99
C ILE A 333 9.41 -30.41 -5.59
N GLY A 334 8.53 -30.61 -4.60
CA GLY A 334 8.92 -30.85 -3.21
C GLY A 334 7.82 -31.56 -2.45
N LEU A 335 8.15 -32.07 -1.28
CA LEU A 335 7.22 -32.84 -0.42
C LEU A 335 7.53 -32.54 1.05
N VAL A 336 6.47 -32.49 1.85
CA VAL A 336 6.49 -32.37 3.33
C VAL A 336 5.64 -33.50 3.90
N MET A 337 6.19 -34.25 4.88
CA MET A 337 5.46 -35.24 5.70
C MET A 337 5.57 -34.80 7.16
N LEU A 338 4.43 -34.66 7.83
CA LEU A 338 4.30 -34.39 9.29
C LEU A 338 3.43 -35.50 9.91
N THR A 339 3.93 -36.16 10.94
CA THR A 339 3.17 -37.18 11.71
C THR A 339 3.27 -36.85 13.20
N ASN A 340 2.25 -37.22 13.97
CA ASN A 340 2.23 -37.07 15.44
C ASN A 340 2.54 -38.42 16.09
N LYS A 341 3.28 -39.27 15.39
CA LYS A 341 4.07 -40.40 15.95
C LYS A 341 5.30 -40.62 15.06
N ARG A 342 6.47 -40.88 15.65
CA ARG A 342 7.70 -41.21 14.88
C ARG A 342 7.45 -42.48 14.08
N ILE A 343 7.90 -42.51 12.83
CA ILE A 343 8.06 -43.76 12.02
C ILE A 343 9.50 -43.78 11.54
N PRO A 344 10.08 -44.96 11.20
CA PRO A 344 11.48 -45.01 10.79
C PRO A 344 11.75 -44.04 9.62
N ASN A 345 12.88 -43.34 9.67
CA ASN A 345 13.39 -42.46 8.59
C ASN A 345 13.32 -43.18 7.24
N GLU A 346 13.70 -44.45 7.19
CA GLU A 346 13.68 -45.28 5.95
C GLU A 346 12.31 -45.15 5.27
N GLU A 347 11.21 -45.27 6.03
CA GLU A 347 9.84 -45.33 5.46
C GLU A 347 9.45 -43.97 4.90
N ARG A 348 9.91 -42.89 5.55
CA ARG A 348 9.60 -41.49 5.17
C ARG A 348 10.27 -41.21 3.82
N ILE A 349 11.56 -41.51 3.73
CA ILE A 349 12.42 -41.26 2.54
C ILE A 349 11.89 -42.11 1.38
N LYS A 350 11.67 -43.40 1.59
CA LYS A 350 11.18 -44.32 0.53
C LYS A 350 9.83 -43.87 -0.03
N ALA A 351 8.85 -43.54 0.82
CA ALA A 351 7.50 -43.14 0.36
C ALA A 351 7.61 -41.86 -0.49
N ALA A 352 8.39 -40.88 -0.03
CA ALA A 352 8.62 -39.60 -0.75
C ALA A 352 9.32 -39.86 -2.09
N TYR A 353 10.28 -40.81 -2.13
CA TYR A 353 11.05 -41.21 -3.35
C TYR A 353 10.08 -41.71 -4.43
N VAL A 354 9.19 -42.63 -4.07
CA VAL A 354 8.24 -43.27 -5.02
C VAL A 354 7.27 -42.18 -5.53
N VAL A 355 6.72 -41.35 -4.64
CA VAL A 355 5.75 -40.30 -5.04
C VAL A 355 6.42 -39.32 -6.01
N LEU A 356 7.58 -38.76 -5.64
CA LEU A 356 8.25 -37.70 -6.44
C LEU A 356 8.76 -38.28 -7.77
N ASN A 357 9.18 -39.54 -7.82
CA ASN A 357 9.65 -40.20 -9.06
C ASN A 357 8.49 -40.60 -9.98
N ALA A 358 7.25 -40.73 -9.45
CA ALA A 358 6.06 -41.13 -10.25
C ALA A 358 5.39 -39.88 -10.87
N ILE A 359 5.45 -38.73 -10.21
CA ILE A 359 5.10 -37.40 -10.80
C ILE A 359 6.19 -37.04 -11.81
N LYS A 360 5.81 -36.56 -13.00
CA LYS A 360 6.71 -36.16 -14.13
C LYS A 360 7.46 -37.37 -14.69
N ASN B 3 -18.13 -18.90 -55.12
CA ASN B 3 -18.62 -17.52 -54.84
C ASN B 3 -19.00 -17.41 -53.35
N THR B 4 -18.02 -17.15 -52.47
CA THR B 4 -18.20 -16.86 -51.02
C THR B 4 -17.51 -15.55 -50.68
N PRO B 5 -18.19 -14.54 -50.09
CA PRO B 5 -17.57 -13.25 -49.82
C PRO B 5 -16.37 -13.40 -48.86
N LYS B 6 -15.39 -12.50 -49.01
CA LYS B 6 -14.12 -12.50 -48.24
C LYS B 6 -14.39 -12.57 -46.73
N ASP B 7 -15.24 -11.68 -46.21
CA ASP B 7 -15.58 -11.59 -44.77
C ASP B 7 -16.04 -12.97 -44.27
N GLN B 8 -16.82 -13.70 -45.08
CA GLN B 8 -17.37 -15.03 -44.69
C GLN B 8 -16.27 -16.09 -44.74
N GLU B 9 -15.35 -16.02 -45.70
CA GLU B 9 -14.17 -16.93 -45.82
C GLU B 9 -13.32 -16.81 -44.55
N ILE B 10 -13.06 -15.58 -44.10
CA ILE B 10 -12.23 -15.29 -42.91
C ILE B 10 -12.98 -15.76 -41.66
N LYS B 11 -14.28 -15.44 -41.53
CA LYS B 11 -15.16 -15.96 -40.45
C LYS B 11 -15.03 -17.49 -40.39
N LYS B 12 -15.10 -18.19 -41.51
CA LYS B 12 -15.10 -19.68 -41.55
C LYS B 12 -13.77 -20.18 -41.00
N LEU B 13 -12.64 -19.59 -41.40
CA LEU B 13 -11.28 -19.99 -40.95
C LEU B 13 -11.13 -19.75 -39.44
N VAL B 14 -11.58 -18.60 -38.94
CA VAL B 14 -11.51 -18.28 -37.49
C VAL B 14 -12.42 -19.25 -36.72
N ASP B 15 -13.63 -19.54 -37.22
CA ASP B 15 -14.55 -20.54 -36.64
C ASP B 15 -13.87 -21.91 -36.58
N GLN B 16 -13.12 -22.27 -37.62
CA GLN B 16 -12.46 -23.61 -37.72
C GLN B 16 -11.29 -23.70 -36.73
N ASN B 17 -10.54 -22.62 -36.50
CA ASN B 17 -9.21 -22.68 -35.83
C ASN B 17 -9.23 -22.03 -34.45
N PHE B 18 -10.03 -20.99 -34.21
CA PHE B 18 -10.07 -20.28 -32.90
C PHE B 18 -11.27 -20.75 -32.04
N LYS B 19 -12.45 -20.87 -32.64
CA LYS B 19 -13.71 -21.13 -31.88
C LYS B 19 -13.60 -22.41 -31.05
N PRO B 20 -13.02 -23.53 -31.55
CA PRO B 20 -12.93 -24.75 -30.73
C PRO B 20 -12.09 -24.61 -29.45
N LEU B 21 -11.17 -23.63 -29.40
CA LEU B 21 -10.35 -23.34 -28.18
C LEU B 21 -11.26 -22.90 -27.02
N LEU B 22 -12.42 -22.28 -27.27
CA LEU B 22 -13.36 -21.81 -26.20
C LEU B 22 -13.85 -23.02 -25.41
N GLU B 23 -14.36 -24.06 -26.08
CA GLU B 23 -14.84 -25.30 -25.41
C GLU B 23 -13.64 -26.03 -24.82
N LYS B 24 -12.54 -26.16 -25.56
CA LYS B 24 -11.35 -26.97 -25.15
C LYS B 24 -10.74 -26.45 -23.84
N TYR B 25 -10.64 -25.13 -23.65
CA TYR B 25 -10.00 -24.51 -22.47
C TYR B 25 -11.02 -23.77 -21.59
N ASP B 26 -12.32 -23.92 -21.87
CA ASP B 26 -13.44 -23.31 -21.09
C ASP B 26 -13.21 -21.80 -20.96
N VAL B 27 -13.07 -21.13 -22.10
CA VAL B 27 -12.78 -19.67 -22.18
C VAL B 27 -14.10 -18.95 -22.32
N PRO B 28 -14.47 -18.05 -21.38
CA PRO B 28 -15.75 -17.37 -21.44
C PRO B 28 -15.92 -16.46 -22.68
N GLY B 29 -14.87 -15.73 -23.05
CA GLY B 29 -14.94 -14.67 -24.10
C GLY B 29 -13.66 -14.58 -24.94
N MET B 30 -13.80 -14.21 -26.23
CA MET B 30 -12.66 -14.06 -27.16
C MET B 30 -13.02 -13.06 -28.25
N ALA B 31 -12.05 -12.24 -28.65
CA ALA B 31 -12.14 -11.38 -29.86
C ALA B 31 -10.94 -11.72 -30.75
N VAL B 32 -11.21 -11.99 -32.03
CA VAL B 32 -10.20 -12.30 -33.07
C VAL B 32 -10.40 -11.32 -34.22
N GLY B 33 -9.34 -10.60 -34.59
CA GLY B 33 -9.35 -9.63 -35.69
C GLY B 33 -8.32 -10.01 -36.73
N VAL B 34 -8.63 -9.77 -38.00
CA VAL B 34 -7.68 -9.92 -39.13
C VAL B 34 -7.69 -8.59 -39.87
N ILE B 35 -6.51 -8.09 -40.24
CA ILE B 35 -6.40 -6.95 -41.20
C ILE B 35 -5.68 -7.47 -42.44
N GLN B 36 -6.26 -7.25 -43.63
CA GLN B 36 -5.66 -7.61 -44.93
C GLN B 36 -5.90 -6.45 -45.92
N ASN B 37 -4.83 -5.90 -46.47
CA ASN B 37 -4.87 -4.78 -47.46
C ASN B 37 -5.76 -3.67 -46.92
N ASN B 38 -5.56 -3.30 -45.65
CA ASN B 38 -6.22 -2.13 -45.00
C ASN B 38 -7.75 -2.37 -44.89
N LYS B 39 -8.20 -3.63 -44.94
CA LYS B 39 -9.59 -4.04 -44.60
C LYS B 39 -9.58 -4.84 -43.29
N LYS B 40 -10.42 -4.44 -42.34
CA LYS B 40 -10.50 -5.02 -40.98
C LYS B 40 -11.69 -5.98 -40.91
N TYR B 41 -11.48 -7.14 -40.30
CA TYR B 41 -12.51 -8.18 -40.01
C TYR B 41 -12.45 -8.50 -38.51
N GLU B 42 -13.58 -8.31 -37.83
CA GLU B 42 -13.73 -8.48 -36.37
C GLU B 42 -14.71 -9.63 -36.08
N MET B 43 -14.27 -10.62 -35.32
CA MET B 43 -15.05 -11.78 -34.85
C MET B 43 -15.08 -11.76 -33.31
N TYR B 44 -16.27 -11.81 -32.72
CA TYR B 44 -16.48 -11.83 -31.25
C TYR B 44 -17.24 -13.09 -30.85
N TYR B 45 -16.81 -13.72 -29.74
CA TYR B 45 -17.42 -14.94 -29.17
C TYR B 45 -17.62 -14.77 -27.66
N GLY B 46 -18.74 -15.28 -27.16
CA GLY B 46 -18.95 -15.54 -25.72
C GLY B 46 -19.05 -14.26 -24.93
N LEU B 47 -18.60 -14.27 -23.69
CA LEU B 47 -18.98 -13.28 -22.65
C LEU B 47 -17.77 -12.52 -22.13
N GLN B 48 -17.95 -11.21 -22.00
CA GLN B 48 -17.01 -10.26 -21.34
C GLN B 48 -17.12 -10.44 -19.81
N SER B 49 -18.33 -10.70 -19.31
CA SER B 49 -18.66 -10.98 -17.89
C SER B 49 -19.70 -12.12 -17.84
N VAL B 50 -19.34 -13.25 -17.25
CA VAL B 50 -20.25 -14.41 -17.08
C VAL B 50 -21.40 -13.98 -16.14
N GLN B 51 -21.08 -13.41 -14.97
CA GLN B 51 -22.13 -13.05 -13.97
C GLN B 51 -23.10 -12.00 -14.52
N ASP B 52 -22.66 -11.04 -15.33
CA ASP B 52 -23.53 -9.95 -15.85
C ASP B 52 -24.15 -10.34 -17.19
N LYS B 53 -23.81 -11.51 -17.73
CA LYS B 53 -24.28 -12.00 -19.06
C LYS B 53 -24.03 -10.90 -20.11
N LYS B 54 -22.85 -10.26 -20.07
CA LYS B 54 -22.46 -9.21 -21.07
C LYS B 54 -21.63 -9.89 -22.18
N ALA B 55 -22.07 -9.74 -23.43
CA ALA B 55 -21.44 -10.33 -24.64
C ALA B 55 -20.15 -9.57 -24.96
N VAL B 56 -19.13 -10.27 -25.46
CA VAL B 56 -17.91 -9.62 -26.02
C VAL B 56 -18.34 -8.88 -27.27
N ASN B 57 -17.90 -7.63 -27.41
CA ASN B 57 -18.24 -6.78 -28.57
C ASN B 57 -17.05 -5.83 -28.84
N SER B 58 -17.20 -4.94 -29.82
CA SER B 58 -16.16 -4.00 -30.28
C SER B 58 -15.79 -3.01 -29.20
N ASN B 59 -16.63 -2.82 -28.17
CA ASN B 59 -16.36 -1.89 -27.04
C ASN B 59 -15.64 -2.64 -25.90
N THR B 60 -15.56 -3.97 -25.94
CA THR B 60 -14.98 -4.75 -24.80
C THR B 60 -13.49 -4.42 -24.64
N ILE B 61 -13.09 -4.05 -23.42
CA ILE B 61 -11.69 -3.74 -23.03
C ILE B 61 -11.08 -4.99 -22.39
N PHE B 62 -9.94 -5.45 -22.94
CA PHE B 62 -9.16 -6.61 -22.48
C PHE B 62 -7.83 -6.11 -21.91
N GLU B 63 -7.25 -6.83 -20.94
CA GLU B 63 -5.86 -6.65 -20.48
C GLU B 63 -4.92 -7.26 -21.52
N LEU B 64 -3.93 -6.48 -22.01
CA LEU B 64 -2.98 -6.91 -23.08
C LEU B 64 -1.80 -7.69 -22.49
N GLY B 65 -1.60 -7.59 -21.18
CA GLY B 65 -0.37 -8.09 -20.52
C GLY B 65 0.89 -7.61 -21.26
N SER B 66 1.81 -8.53 -21.54
CA SER B 66 3.15 -8.25 -22.13
C SER B 66 3.04 -7.57 -23.51
N VAL B 67 1.88 -7.61 -24.18
CA VAL B 67 1.74 -6.86 -25.46
C VAL B 67 1.85 -5.36 -25.15
N SER B 68 1.64 -4.93 -23.89
CA SER B 68 1.93 -3.55 -23.41
C SER B 68 3.39 -3.16 -23.73
N LYS B 69 4.32 -4.11 -23.70
CA LYS B 69 5.76 -3.86 -24.00
C LYS B 69 5.94 -3.24 -25.38
N LEU B 70 5.02 -3.49 -26.32
CA LEU B 70 5.12 -2.95 -27.70
C LEU B 70 4.84 -1.44 -27.69
N PHE B 71 3.97 -0.98 -26.79
CA PHE B 71 3.65 0.47 -26.60
C PHE B 71 4.84 1.15 -25.90
N THR B 72 5.47 0.46 -24.93
CA THR B 72 6.68 0.96 -24.24
C THR B 72 7.80 1.13 -25.27
N ALA B 73 7.98 0.14 -26.16
CA ALA B 73 9.02 0.13 -27.22
C ALA B 73 8.75 1.29 -28.18
N THR B 74 7.49 1.47 -28.58
CA THR B 74 7.07 2.57 -29.50
C THR B 74 7.41 3.92 -28.85
N ALA B 75 7.11 4.08 -27.56
CA ALA B 75 7.39 5.32 -26.79
C ALA B 75 8.91 5.58 -26.79
N GLY B 76 9.73 4.55 -26.58
CA GLY B 76 11.19 4.62 -26.64
C GLY B 76 11.68 5.06 -28.01
N GLY B 77 11.13 4.47 -29.07
CA GLY B 77 11.44 4.83 -30.47
C GLY B 77 11.08 6.27 -30.78
N TYR B 78 9.98 6.76 -30.20
CA TYR B 78 9.49 8.16 -30.37
C TYR B 78 10.48 9.12 -29.69
N ALA B 79 10.87 8.80 -28.45
CA ALA B 79 11.82 9.62 -27.64
C ALA B 79 13.19 9.69 -28.33
N LYS B 80 13.69 8.55 -28.84
CA LYS B 80 15.02 8.46 -29.50
C LYS B 80 15.03 9.33 -30.76
N ASN B 81 14.03 9.20 -31.63
CA ASN B 81 14.03 9.87 -32.96
C ASN B 81 13.66 11.35 -32.80
N LYS B 82 13.17 11.77 -31.64
CA LYS B 82 13.02 13.20 -31.24
C LYS B 82 14.29 13.69 -30.51
N GLY B 83 15.28 12.81 -30.31
CA GLY B 83 16.57 13.17 -29.70
C GLY B 83 16.49 13.32 -28.19
N LYS B 84 15.41 12.89 -27.55
CA LYS B 84 15.19 13.03 -26.07
C LYS B 84 16.09 12.02 -25.33
N ILE B 85 16.40 10.88 -25.96
CA ILE B 85 17.30 9.82 -25.43
C ILE B 85 18.18 9.31 -26.57
N SER B 86 19.28 8.66 -26.21
CA SER B 86 20.05 7.72 -27.06
C SER B 86 20.00 6.34 -26.38
N PHE B 87 20.02 5.26 -27.16
CA PHE B 87 19.99 3.86 -26.68
C PHE B 87 21.34 3.48 -26.08
N ASP B 88 22.38 4.30 -26.27
CA ASP B 88 23.73 4.13 -25.66
C ASP B 88 23.81 4.84 -24.30
N ASP B 89 22.79 5.61 -23.93
CA ASP B 89 22.70 6.26 -22.60
C ASP B 89 22.47 5.20 -21.52
N THR B 90 22.75 5.57 -20.27
CA THR B 90 22.50 4.73 -19.07
C THR B 90 21.42 5.43 -18.25
N PRO B 91 20.71 4.70 -17.37
CA PRO B 91 19.53 5.25 -16.70
C PRO B 91 19.85 6.45 -15.79
N GLY B 92 21.07 6.50 -15.23
CA GLY B 92 21.54 7.56 -14.33
C GLY B 92 21.47 8.94 -14.97
N LYS B 93 21.59 9.03 -16.29
CA LYS B 93 21.54 10.30 -17.05
C LYS B 93 20.18 10.99 -16.90
N TYR B 94 19.12 10.23 -16.57
CA TYR B 94 17.72 10.72 -16.49
C TYR B 94 17.19 10.55 -15.07
N TRP B 95 17.43 9.38 -14.46
CA TRP B 95 17.07 9.13 -13.04
C TRP B 95 18.31 9.43 -12.19
N LYS B 96 18.47 10.71 -11.81
CA LYS B 96 19.73 11.25 -11.21
C LYS B 96 20.19 10.40 -10.03
N GLU B 97 19.26 9.87 -9.23
CA GLU B 97 19.61 9.12 -7.99
C GLU B 97 20.18 7.73 -8.35
N LEU B 98 20.28 7.38 -9.63
CA LEU B 98 20.94 6.13 -10.10
C LEU B 98 22.33 6.42 -10.70
N LYS B 99 22.72 7.69 -10.87
CA LYS B 99 24.05 8.09 -11.40
C LYS B 99 25.16 7.44 -10.57
N ASN B 100 26.12 6.78 -11.23
CA ASN B 100 27.36 6.19 -10.65
C ASN B 100 27.05 4.97 -9.76
N THR B 101 25.87 4.37 -9.89
CA THR B 101 25.51 3.06 -9.26
C THR B 101 25.78 1.97 -10.28
N PRO B 102 25.96 0.69 -9.86
CA PRO B 102 26.22 -0.41 -10.79
C PRO B 102 25.25 -0.52 -11.99
N ILE B 103 23.95 -0.30 -11.77
CA ILE B 103 22.90 -0.35 -12.84
C ILE B 103 23.19 0.71 -13.91
N ASP B 104 23.94 1.76 -13.55
CA ASP B 104 24.29 2.88 -14.47
C ASP B 104 25.36 2.44 -15.48
N GLN B 105 25.81 1.19 -15.41
CA GLN B 105 26.73 0.56 -16.39
C GLN B 105 25.90 -0.10 -17.52
N VAL B 106 24.59 -0.23 -17.35
CA VAL B 106 23.68 -0.90 -18.33
C VAL B 106 23.07 0.18 -19.22
N ASN B 107 23.10 0.03 -20.55
CA ASN B 107 22.54 1.06 -21.47
C ASN B 107 21.03 0.80 -21.67
N LEU B 108 20.31 1.76 -22.27
CA LEU B 108 18.84 1.74 -22.40
C LEU B 108 18.43 0.59 -23.31
N LEU B 109 19.20 0.30 -24.35
CA LEU B 109 18.88 -0.81 -25.29
C LEU B 109 18.94 -2.14 -24.52
N GLN B 110 19.97 -2.31 -23.67
CA GLN B 110 20.17 -3.55 -22.89
C GLN B 110 18.99 -3.73 -21.91
N LEU B 111 18.51 -2.64 -21.30
CA LEU B 111 17.30 -2.69 -20.43
C LEU B 111 16.06 -3.08 -21.27
N ALA B 112 15.87 -2.43 -22.41
CA ALA B 112 14.71 -2.66 -23.31
C ALA B 112 14.67 -4.10 -23.82
N THR B 113 15.84 -4.72 -24.04
CA THR B 113 15.96 -6.05 -24.71
C THR B 113 16.49 -7.12 -23.73
N TYR B 114 16.43 -6.84 -22.41
CA TYR B 114 16.47 -7.84 -21.30
C TYR B 114 17.89 -8.43 -21.11
N THR B 115 18.96 -7.67 -21.31
CA THR B 115 20.37 -8.19 -21.28
C THR B 115 21.22 -7.51 -20.20
N SER B 116 20.62 -7.04 -19.09
CA SER B 116 21.36 -6.51 -17.92
C SER B 116 22.26 -7.59 -17.31
N GLY B 117 21.83 -8.85 -17.41
CA GLY B 117 22.58 -10.03 -16.91
C GLY B 117 22.21 -10.39 -15.47
N ASN B 118 21.30 -9.64 -14.84
CA ASN B 118 20.83 -9.95 -13.47
C ASN B 118 19.49 -9.26 -13.17
N LEU B 119 18.47 -9.48 -14.01
CA LEU B 119 17.07 -9.08 -13.72
C LEU B 119 16.16 -10.24 -14.12
N ALA B 120 15.36 -10.70 -13.16
CA ALA B 120 14.42 -11.84 -13.28
C ALA B 120 13.12 -11.36 -13.93
N LEU B 121 12.20 -12.28 -14.20
CA LEU B 121 10.85 -12.01 -14.76
C LEU B 121 10.13 -10.94 -13.93
N GLN B 122 10.06 -11.11 -12.60
CA GLN B 122 9.31 -10.19 -11.68
C GLN B 122 10.28 -9.51 -10.70
N PHE B 123 9.93 -8.31 -10.24
CA PHE B 123 10.37 -7.74 -8.96
C PHE B 123 10.05 -8.71 -7.83
N PRO B 124 10.75 -8.67 -6.68
CA PRO B 124 10.26 -9.33 -5.46
C PRO B 124 8.91 -8.74 -5.02
N ASP B 125 8.04 -9.57 -4.45
CA ASP B 125 6.65 -9.19 -4.03
C ASP B 125 6.68 -7.93 -3.17
N GLU B 126 7.72 -7.78 -2.33
CA GLU B 126 7.88 -6.70 -1.32
C GLU B 126 7.98 -5.33 -1.99
N VAL B 127 8.49 -5.27 -3.24
CA VAL B 127 8.69 -3.99 -3.99
C VAL B 127 7.34 -3.55 -4.56
N GLN B 128 6.80 -2.43 -4.09
CA GLN B 128 5.49 -1.86 -4.52
C GLN B 128 5.62 -0.35 -4.78
N THR B 129 6.10 0.43 -3.80
CA THR B 129 6.12 1.92 -3.85
C THR B 129 7.23 2.39 -4.78
N ASP B 130 7.21 3.68 -5.15
CA ASP B 130 8.25 4.33 -5.98
C ASP B 130 9.60 4.29 -5.24
N GLN B 131 9.58 4.48 -3.92
CA GLN B 131 10.81 4.50 -3.07
C GLN B 131 11.43 3.10 -3.03
N GLN B 132 10.61 2.05 -2.88
CA GLN B 132 11.07 0.64 -2.87
C GLN B 132 11.66 0.26 -4.24
N VAL B 133 11.13 0.82 -5.33
CA VAL B 133 11.61 0.56 -6.72
C VAL B 133 13.00 1.19 -6.87
N LEU B 134 13.16 2.43 -6.41
CA LEU B 134 14.45 3.18 -6.48
C LEU B 134 15.52 2.41 -5.68
N THR B 135 15.19 2.03 -4.44
CA THR B 135 16.07 1.26 -3.54
C THR B 135 16.54 -0.01 -4.26
N PHE B 136 15.60 -0.73 -4.89
CA PHE B 136 15.89 -2.02 -5.60
C PHE B 136 16.98 -1.80 -6.66
N PHE B 137 16.91 -0.71 -7.43
CA PHE B 137 17.86 -0.39 -8.53
C PHE B 137 19.18 0.17 -7.97
N LYS B 138 19.13 0.90 -6.85
CA LYS B 138 20.33 1.41 -6.13
C LYS B 138 21.15 0.23 -5.60
N ASP B 139 20.50 -0.81 -5.07
CA ASP B 139 21.15 -1.99 -4.42
C ASP B 139 21.49 -3.07 -5.47
N TRP B 140 21.14 -2.86 -6.73
CA TRP B 140 21.38 -3.85 -7.82
C TRP B 140 22.89 -3.98 -8.08
N LYS B 141 23.37 -5.20 -8.31
CA LYS B 141 24.78 -5.50 -8.68
C LYS B 141 24.76 -6.44 -9.89
N PRO B 142 25.78 -6.39 -10.78
CA PRO B 142 25.84 -7.31 -11.92
C PRO B 142 26.01 -8.78 -11.50
N LYS B 143 25.65 -9.70 -12.38
CA LYS B 143 26.00 -11.15 -12.29
C LYS B 143 26.65 -11.54 -13.62
N ASN B 144 25.85 -11.90 -14.64
CA ASN B 144 26.37 -12.30 -15.97
C ASN B 144 26.93 -11.07 -16.67
N PRO B 145 27.91 -11.27 -17.59
CA PRO B 145 28.43 -10.17 -18.40
C PRO B 145 27.31 -9.38 -19.11
N ILE B 146 27.35 -8.06 -18.93
CA ILE B 146 26.30 -7.11 -19.40
C ILE B 146 26.20 -7.20 -20.93
N GLY B 147 24.98 -7.36 -21.44
CA GLY B 147 24.70 -7.39 -22.90
C GLY B 147 24.76 -8.77 -23.49
N GLU B 148 25.21 -9.79 -22.74
CA GLU B 148 25.53 -11.13 -23.31
C GLU B 148 24.37 -12.12 -23.12
N TYR B 149 23.53 -11.96 -22.08
CA TYR B 149 22.50 -12.95 -21.70
C TYR B 149 21.11 -12.31 -21.65
N ARG B 150 20.19 -12.85 -22.44
CA ARG B 150 18.76 -12.48 -22.45
C ARG B 150 18.03 -13.23 -21.35
N GLN B 151 17.48 -12.51 -20.38
CA GLN B 151 16.48 -13.05 -19.43
C GLN B 151 15.26 -12.15 -19.45
N TYR B 152 14.15 -12.66 -20.00
CA TYR B 152 12.88 -11.92 -20.19
C TYR B 152 12.48 -11.35 -18.83
N SER B 153 12.20 -10.05 -18.73
CA SER B 153 12.15 -9.34 -17.41
C SER B 153 11.24 -8.12 -17.46
N ASN B 154 10.23 -8.09 -16.58
CA ASN B 154 9.34 -6.92 -16.37
C ASN B 154 10.13 -5.75 -15.79
N PRO B 155 10.92 -5.90 -14.71
CA PRO B 155 11.70 -4.77 -14.18
C PRO B 155 12.67 -4.15 -15.18
N SER B 156 13.26 -4.97 -16.08
CA SER B 156 14.23 -4.50 -17.11
C SER B 156 13.55 -3.47 -18.04
N ILE B 157 12.48 -3.87 -18.72
CA ILE B 157 11.77 -2.96 -19.68
C ILE B 157 10.94 -1.94 -18.88
N GLY B 158 10.54 -2.28 -17.67
CA GLY B 158 9.93 -1.34 -16.71
C GLY B 158 10.81 -0.13 -16.50
N LEU B 159 12.08 -0.33 -16.16
CA LEU B 159 13.06 0.77 -15.93
C LEU B 159 13.24 1.56 -17.22
N PHE B 160 13.34 0.88 -18.37
CA PHE B 160 13.45 1.53 -19.71
C PHE B 160 12.28 2.50 -19.91
N GLY B 161 11.06 2.02 -19.67
CA GLY B 161 9.82 2.81 -19.74
C GLY B 161 9.88 4.03 -18.84
N LYS B 162 10.26 3.85 -17.57
CA LYS B 162 10.35 4.97 -16.59
C LYS B 162 11.35 6.03 -17.09
N VAL B 163 12.48 5.61 -17.65
CA VAL B 163 13.54 6.51 -18.18
C VAL B 163 12.99 7.28 -19.39
N VAL B 164 12.26 6.58 -20.27
CA VAL B 164 11.64 7.23 -21.47
C VAL B 164 10.69 8.32 -20.98
N ALA B 165 9.88 8.05 -19.95
CA ALA B 165 8.92 9.02 -19.37
C ALA B 165 9.71 10.23 -18.84
N LEU B 166 10.74 10.02 -18.02
CA LEU B 166 11.60 11.10 -17.47
C LEU B 166 12.16 11.95 -18.62
N SER B 167 12.59 11.34 -19.73
CA SER B 167 13.19 12.03 -20.91
C SER B 167 12.15 12.95 -21.58
N MET B 168 10.85 12.67 -21.42
CA MET B 168 9.75 13.44 -22.06
C MET B 168 9.02 14.27 -21.01
N ASN B 169 9.51 14.29 -19.75
CA ASN B 169 9.06 15.19 -18.65
C ASN B 169 7.59 14.95 -18.34
N LYS B 170 7.10 13.72 -18.49
CA LYS B 170 5.71 13.30 -18.16
C LYS B 170 5.78 11.94 -17.49
N PRO B 171 4.86 11.62 -16.56
CA PRO B 171 4.74 10.25 -16.05
C PRO B 171 4.34 9.31 -17.20
N PHE B 172 4.73 8.04 -17.08
CA PHE B 172 4.59 7.02 -18.15
C PHE B 172 3.13 6.93 -18.64
N ASP B 173 2.16 6.93 -17.73
CA ASP B 173 0.71 6.80 -18.07
C ASP B 173 0.33 7.95 -19.03
N GLN B 174 0.88 9.15 -18.81
CA GLN B 174 0.57 10.35 -19.64
C GLN B 174 1.31 10.25 -20.98
N VAL B 175 2.50 9.67 -21.01
CA VAL B 175 3.26 9.44 -22.27
C VAL B 175 2.35 8.66 -23.23
N LEU B 176 1.75 7.56 -22.77
CA LEU B 176 0.86 6.73 -23.64
C LEU B 176 -0.47 7.44 -23.89
N GLU B 177 -1.14 7.94 -22.84
CA GLU B 177 -2.55 8.42 -22.96
C GLU B 177 -2.59 9.77 -23.70
N LYS B 178 -1.57 10.62 -23.53
CA LYS B 178 -1.54 12.00 -24.11
C LYS B 178 -0.72 12.09 -25.40
N THR B 179 0.28 11.23 -25.63
CA THR B 179 1.21 11.36 -26.80
C THR B 179 1.09 10.16 -27.74
N ILE B 180 1.39 8.95 -27.26
CA ILE B 180 1.55 7.74 -28.14
C ILE B 180 0.19 7.24 -28.63
N PHE B 181 -0.82 7.02 -27.77
CA PHE B 181 -2.12 6.48 -28.23
C PHE B 181 -2.73 7.47 -29.24
N PRO B 182 -2.79 8.80 -28.94
CA PRO B 182 -3.35 9.76 -29.89
C PRO B 182 -2.62 9.77 -31.25
N ALA B 183 -1.28 9.71 -31.25
CA ALA B 183 -0.45 9.69 -32.48
C ALA B 183 -0.78 8.45 -33.32
N LEU B 184 -1.16 7.34 -32.71
CA LEU B 184 -1.48 6.06 -33.42
C LEU B 184 -2.98 6.03 -33.78
N GLY B 185 -3.74 7.03 -33.37
CA GLY B 185 -5.21 7.12 -33.58
C GLY B 185 -6.00 6.11 -32.78
N LEU B 186 -5.56 5.76 -31.56
CA LEU B 186 -6.28 4.81 -30.67
C LEU B 186 -7.18 5.60 -29.72
N LYS B 187 -8.47 5.25 -29.66
CA LYS B 187 -9.52 6.01 -28.93
C LYS B 187 -9.95 5.29 -27.65
N HIS B 188 -9.69 3.99 -27.48
CA HIS B 188 -10.17 3.18 -26.32
C HIS B 188 -9.05 2.28 -25.80
N SER B 189 -7.85 2.87 -25.66
CA SER B 189 -6.65 2.24 -25.08
C SER B 189 -6.25 3.05 -23.84
N TYR B 190 -5.97 2.35 -22.74
CA TYR B 190 -5.81 2.94 -21.39
C TYR B 190 -4.66 2.26 -20.64
N VAL B 191 -3.93 3.06 -19.86
CA VAL B 191 -3.12 2.57 -18.71
C VAL B 191 -4.05 2.47 -17.50
N ASN B 192 -4.88 3.50 -17.30
CA ASN B 192 -5.92 3.55 -16.24
C ASN B 192 -7.29 3.65 -16.91
N VAL B 193 -8.12 2.59 -16.83
CA VAL B 193 -9.49 2.60 -17.43
C VAL B 193 -10.31 3.58 -16.59
N PRO B 194 -10.90 4.64 -17.20
CA PRO B 194 -11.67 5.61 -16.43
C PRO B 194 -13.04 5.07 -15.98
N LYS B 195 -13.63 5.70 -14.94
CA LYS B 195 -14.92 5.29 -14.30
C LYS B 195 -15.98 5.09 -15.39
N THR B 196 -16.02 5.99 -16.37
CA THR B 196 -17.01 6.02 -17.47
C THR B 196 -16.85 4.83 -18.42
N GLN B 197 -15.75 4.07 -18.40
CA GLN B 197 -15.53 2.91 -19.31
C GLN B 197 -15.52 1.57 -18.54
N MET B 198 -15.65 1.59 -17.21
CA MET B 198 -15.54 0.35 -16.38
C MET B 198 -16.61 -0.68 -16.81
N GLN B 199 -17.76 -0.28 -17.35
CA GLN B 199 -18.81 -1.22 -17.81
C GLN B 199 -18.35 -1.99 -19.07
N ASN B 200 -17.32 -1.50 -19.78
CA ASN B 200 -16.77 -2.17 -20.99
C ASN B 200 -15.54 -3.00 -20.65
N TYR B 201 -15.04 -2.92 -19.41
CA TYR B 201 -13.83 -3.63 -18.94
C TYR B 201 -14.24 -5.06 -18.56
N ALA B 202 -13.81 -6.02 -19.38
CA ALA B 202 -14.10 -7.45 -19.16
C ALA B 202 -13.53 -7.86 -17.79
N PHE B 203 -14.14 -8.85 -17.14
CA PHE B 203 -13.46 -9.66 -16.11
C PHE B 203 -12.50 -10.60 -16.84
N GLY B 204 -11.31 -10.82 -16.28
CA GLY B 204 -10.50 -12.00 -16.60
C GLY B 204 -10.96 -13.17 -15.76
N TYR B 205 -10.62 -14.39 -16.15
CA TYR B 205 -10.98 -15.63 -15.42
C TYR B 205 -9.70 -16.44 -15.23
N ASN B 206 -9.50 -16.97 -14.01
CA ASN B 206 -8.28 -17.76 -13.66
C ASN B 206 -8.54 -19.22 -14.05
N GLN B 207 -7.63 -20.14 -13.69
CA GLN B 207 -7.73 -21.54 -14.17
C GLN B 207 -8.92 -22.25 -13.49
N GLU B 208 -9.54 -21.67 -12.46
CA GLU B 208 -10.78 -22.21 -11.85
C GLU B 208 -12.00 -21.40 -12.33
N ASN B 209 -11.85 -20.63 -13.42
CA ASN B 209 -12.92 -19.77 -14.02
C ASN B 209 -13.54 -18.84 -12.95
N GLN B 210 -12.72 -18.31 -12.04
CA GLN B 210 -13.14 -17.27 -11.08
C GLN B 210 -12.75 -15.91 -11.64
N PRO B 211 -13.64 -14.90 -11.55
CA PRO B 211 -13.37 -13.58 -12.11
C PRO B 211 -12.27 -12.84 -11.34
N ILE B 212 -11.34 -12.20 -12.08
CA ILE B 212 -10.13 -11.52 -11.53
C ILE B 212 -9.73 -10.39 -12.48
N ARG B 213 -9.06 -9.35 -11.98
CA ARG B 213 -8.40 -8.28 -12.78
C ARG B 213 -6.96 -8.13 -12.28
N VAL B 214 -6.10 -7.53 -13.10
CA VAL B 214 -4.65 -7.38 -12.82
C VAL B 214 -4.48 -6.51 -11.56
N ASN B 215 -3.58 -6.92 -10.67
CA ASN B 215 -3.22 -6.17 -9.44
C ASN B 215 -2.24 -5.04 -9.79
N PRO B 216 -2.32 -3.89 -9.08
CA PRO B 216 -1.30 -2.84 -9.20
C PRO B 216 0.06 -3.43 -8.83
N GLY B 217 1.12 -2.98 -9.49
CA GLY B 217 2.48 -3.50 -9.24
C GLY B 217 3.53 -2.44 -9.55
N PRO B 218 4.79 -2.66 -9.10
CA PRO B 218 5.88 -1.72 -9.42
C PRO B 218 6.18 -1.71 -10.92
N LEU B 219 6.14 -0.52 -11.54
CA LEU B 219 6.36 -0.27 -12.98
C LEU B 219 5.49 -1.24 -13.79
N ASP B 220 4.24 -1.44 -13.38
CA ASP B 220 3.25 -2.31 -14.08
C ASP B 220 2.98 -1.73 -15.48
N ALA B 221 2.72 -0.43 -15.60
CA ALA B 221 2.25 0.20 -16.85
C ALA B 221 3.17 -0.16 -18.02
N PRO B 222 4.49 0.13 -17.98
CA PRO B 222 5.36 -0.15 -19.11
C PRO B 222 5.57 -1.65 -19.41
N ALA B 223 5.34 -2.54 -18.43
CA ALA B 223 5.62 -3.99 -18.56
C ALA B 223 4.38 -4.78 -19.00
N TYR B 224 3.19 -4.54 -18.42
CA TYR B 224 2.00 -5.39 -18.67
C TYR B 224 0.68 -4.65 -18.37
N GLY B 225 0.68 -3.31 -18.41
CA GLY B 225 -0.39 -2.51 -17.75
C GLY B 225 -1.40 -1.90 -18.71
N VAL B 226 -1.33 -2.19 -20.01
CA VAL B 226 -2.22 -1.54 -21.02
C VAL B 226 -3.46 -2.42 -21.25
N LYS B 227 -4.61 -1.75 -21.42
CA LYS B 227 -5.92 -2.36 -21.76
C LYS B 227 -6.42 -1.70 -23.05
N SER B 228 -7.08 -2.47 -23.91
CA SER B 228 -7.48 -2.02 -25.27
C SER B 228 -8.61 -2.90 -25.81
N THR B 229 -9.21 -2.47 -26.91
CA THR B 229 -10.32 -3.13 -27.61
C THR B 229 -9.76 -3.79 -28.87
N LEU B 230 -10.56 -4.66 -29.53
CA LEU B 230 -10.10 -5.32 -30.78
C LEU B 230 -9.89 -4.26 -31.86
N PRO B 231 -10.81 -3.29 -32.09
CA PRO B 231 -10.62 -2.28 -33.13
C PRO B 231 -9.35 -1.43 -32.94
N ASP B 232 -9.03 -1.05 -31.70
CA ASP B 232 -7.78 -0.31 -31.41
C ASP B 232 -6.56 -1.16 -31.77
N MET B 233 -6.56 -2.43 -31.39
CA MET B 233 -5.39 -3.32 -31.62
C MET B 233 -5.21 -3.57 -33.13
N LEU B 234 -6.30 -3.60 -33.89
CA LEU B 234 -6.25 -3.72 -35.38
C LEU B 234 -5.67 -2.44 -36.00
N SER B 235 -6.01 -1.27 -35.44
CA SER B 235 -5.40 0.03 -35.83
C SER B 235 -3.89 -0.01 -35.52
N PHE B 236 -3.49 -0.53 -34.36
CA PHE B 236 -2.08 -0.66 -33.98
C PHE B 236 -1.32 -1.56 -34.97
N ILE B 237 -1.92 -2.68 -35.37
CA ILE B 237 -1.33 -3.58 -36.40
C ILE B 237 -1.26 -2.85 -37.74
N HIS B 238 -2.31 -2.10 -38.08
CA HIS B 238 -2.34 -1.26 -39.31
C HIS B 238 -1.12 -0.34 -39.32
N ALA B 239 -0.84 0.37 -38.21
CA ALA B 239 0.27 1.32 -38.09
C ALA B 239 1.60 0.61 -38.33
N ASN B 240 1.76 -0.60 -37.78
CA ASN B 240 2.98 -1.42 -37.90
C ASN B 240 3.15 -1.94 -39.34
N LEU B 241 2.06 -2.22 -40.06
CA LEU B 241 2.07 -2.67 -41.47
C LEU B 241 2.32 -1.50 -42.42
N ASN B 242 1.85 -0.29 -42.08
CA ASN B 242 1.88 0.91 -42.96
C ASN B 242 2.41 2.13 -42.21
N PRO B 243 3.64 2.11 -41.67
CA PRO B 243 4.16 3.27 -40.92
C PRO B 243 4.33 4.54 -41.78
N GLN B 244 4.54 4.39 -43.09
CA GLN B 244 4.70 5.52 -44.06
C GLN B 244 3.46 6.43 -44.05
N LYS B 245 2.27 5.92 -43.73
CA LYS B 245 0.99 6.69 -43.77
C LYS B 245 0.85 7.53 -42.49
N TYR B 246 1.80 7.49 -41.56
CA TYR B 246 1.76 8.20 -40.26
C TYR B 246 2.74 9.38 -40.28
N PRO B 247 2.55 10.40 -39.42
CA PRO B 247 3.52 11.51 -39.33
C PRO B 247 4.94 10.99 -39.00
N THR B 248 5.95 11.74 -39.43
CA THR B 248 7.40 11.44 -39.28
C THR B 248 7.74 10.86 -37.90
N ASP B 249 7.36 11.53 -36.81
CA ASP B 249 7.80 11.20 -35.42
C ASP B 249 7.36 9.78 -35.03
N ILE B 250 6.08 9.44 -35.27
CA ILE B 250 5.52 8.12 -34.87
C ILE B 250 5.92 7.08 -35.93
N GLN B 251 6.06 7.49 -37.20
CA GLN B 251 6.58 6.62 -38.31
C GLN B 251 7.97 6.07 -37.94
N ARG B 252 8.88 6.94 -37.50
CA ARG B 252 10.26 6.54 -37.14
C ARG B 252 10.21 5.68 -35.88
N ALA B 253 9.39 6.07 -34.90
CA ALA B 253 9.13 5.30 -33.65
C ALA B 253 8.79 3.85 -33.99
N ILE B 254 7.82 3.66 -34.88
CA ILE B 254 7.30 2.32 -35.26
C ILE B 254 8.42 1.53 -35.95
N ASN B 255 9.11 2.16 -36.91
CA ASN B 255 10.22 1.51 -37.66
C ASN B 255 11.36 1.12 -36.71
N GLU B 256 11.62 1.92 -35.68
CA GLU B 256 12.62 1.64 -34.62
C GLU B 256 12.27 0.32 -33.93
N THR B 257 10.98 0.02 -33.70
CA THR B 257 10.55 -1.22 -33.00
C THR B 257 10.74 -2.46 -33.89
N HIS B 258 10.93 -2.31 -35.19
CA HIS B 258 11.06 -3.43 -36.16
C HIS B 258 12.52 -3.88 -36.32
N GLN B 259 13.51 -3.14 -35.83
CA GLN B 259 14.95 -3.41 -36.08
C GLN B 259 15.46 -4.48 -35.10
N GLY B 260 15.83 -5.65 -35.60
CA GLY B 260 16.47 -6.71 -34.78
C GLY B 260 17.79 -6.21 -34.17
N ARG B 261 18.05 -6.57 -32.92
CA ARG B 261 19.19 -6.09 -32.11
C ARG B 261 20.19 -7.24 -31.88
N TYR B 262 19.71 -8.47 -31.78
CA TYR B 262 20.50 -9.70 -31.61
C TYR B 262 19.64 -10.90 -31.97
N GLN B 263 20.24 -12.10 -31.97
CA GLN B 263 19.47 -13.34 -32.21
C GLN B 263 19.70 -14.35 -31.09
N VAL B 264 18.64 -15.12 -30.84
CA VAL B 264 18.67 -16.39 -30.07
C VAL B 264 18.13 -17.47 -31.02
N ASN B 265 19.07 -18.11 -31.74
CA ASN B 265 18.81 -19.01 -32.87
C ASN B 265 17.96 -18.29 -33.91
N THR B 266 16.74 -18.78 -34.14
CA THR B 266 15.82 -18.32 -35.21
C THR B 266 15.02 -17.11 -34.75
N MET B 267 15.09 -16.73 -33.47
CA MET B 267 14.37 -15.55 -32.95
C MET B 267 15.31 -14.35 -32.92
N TYR B 268 14.91 -13.25 -33.57
CA TYR B 268 15.59 -11.94 -33.50
C TYR B 268 14.81 -11.07 -32.51
N GLN B 269 15.51 -10.49 -31.53
CA GLN B 269 14.87 -9.63 -30.52
C GLN B 269 14.93 -8.21 -31.09
N ALA B 270 13.77 -7.68 -31.49
CA ALA B 270 13.61 -6.24 -31.78
C ALA B 270 13.17 -5.54 -30.49
N LEU B 271 12.77 -4.28 -30.60
CA LEU B 271 12.27 -3.49 -29.45
C LEU B 271 10.83 -3.90 -29.20
N GLY B 272 10.59 -4.67 -28.12
CA GLY B 272 9.29 -5.28 -27.78
C GLY B 272 8.97 -6.48 -28.66
N TRP B 273 8.88 -6.28 -29.97
CA TRP B 273 8.52 -7.32 -30.97
C TRP B 273 9.59 -8.42 -30.98
N GLU B 274 9.14 -9.67 -31.14
CA GLU B 274 10.00 -10.78 -31.63
C GLU B 274 9.90 -10.81 -33.16
N GLU B 275 11.02 -11.07 -33.83
CA GLU B 275 11.19 -10.96 -35.30
C GLU B 275 11.72 -12.27 -35.85
N PHE B 276 11.25 -12.69 -37.02
CA PHE B 276 11.62 -13.97 -37.68
C PHE B 276 11.79 -13.73 -39.18
N SER B 277 12.70 -14.48 -39.80
CA SER B 277 12.79 -14.61 -41.27
C SER B 277 11.45 -15.14 -41.82
N TYR B 278 10.88 -14.47 -42.82
CA TYR B 278 9.62 -14.89 -43.48
C TYR B 278 9.94 -15.44 -44.86
N PRO B 279 9.36 -16.59 -45.27
CA PRO B 279 8.41 -17.35 -44.46
C PRO B 279 9.04 -18.08 -43.27
N ALA B 280 8.34 -18.09 -42.11
CA ALA B 280 8.75 -18.81 -40.90
C ALA B 280 7.95 -20.10 -40.80
N THR B 281 8.58 -21.21 -40.39
CA THR B 281 7.87 -22.45 -40.00
C THR B 281 7.13 -22.22 -38.67
N LEU B 282 6.03 -22.94 -38.48
CA LEU B 282 5.22 -22.95 -37.24
C LEU B 282 6.12 -23.26 -36.05
N GLN B 283 7.04 -24.23 -36.19
CA GLN B 283 7.94 -24.67 -35.09
C GLN B 283 8.89 -23.53 -34.70
N THR B 284 9.35 -22.73 -35.66
CA THR B 284 10.21 -21.55 -35.37
C THR B 284 9.43 -20.60 -34.44
N LEU B 285 8.15 -20.37 -34.76
CA LEU B 285 7.28 -19.45 -33.97
C LEU B 285 6.99 -20.06 -32.59
N LEU B 286 6.75 -21.37 -32.51
CA LEU B 286 6.55 -22.09 -31.22
C LEU B 286 7.83 -22.04 -30.37
N ASP B 287 9.01 -22.30 -30.95
CA ASP B 287 10.31 -22.33 -30.22
C ASP B 287 10.54 -20.98 -29.50
N SER B 288 10.13 -19.87 -30.14
CA SER B 288 10.28 -18.49 -29.61
C SER B 288 9.69 -18.37 -28.19
N ASN B 289 8.64 -19.14 -27.84
CA ASN B 289 7.94 -18.99 -26.53
C ASN B 289 8.01 -20.30 -25.74
N SER B 290 9.06 -21.10 -25.94
CA SER B 290 9.38 -22.29 -25.11
C SER B 290 9.77 -21.84 -23.67
N GLU B 291 9.67 -22.74 -22.70
CA GLU B 291 10.08 -22.48 -21.29
C GLU B 291 11.53 -21.97 -21.26
N GLN B 292 12.43 -22.58 -22.05
CA GLN B 292 13.87 -22.22 -22.10
C GLN B 292 14.05 -20.73 -22.46
N ILE B 293 13.33 -20.23 -23.46
CA ILE B 293 13.47 -18.82 -23.94
C ILE B 293 12.77 -17.86 -22.96
N VAL B 294 11.58 -18.19 -22.50
CA VAL B 294 10.73 -17.29 -21.68
C VAL B 294 11.27 -17.19 -20.24
N MET B 295 11.72 -18.29 -19.63
CA MET B 295 11.92 -18.39 -18.15
C MET B 295 13.41 -18.37 -17.76
N LYS B 296 14.34 -18.80 -18.63
CA LYS B 296 15.77 -18.99 -18.26
C LYS B 296 16.65 -18.02 -19.05
N PRO B 297 17.88 -17.75 -18.55
CA PRO B 297 18.85 -16.91 -19.27
C PRO B 297 19.35 -17.64 -20.53
N ASN B 298 19.55 -16.91 -21.63
CA ASN B 298 20.06 -17.47 -22.90
C ASN B 298 21.14 -16.55 -23.45
N LYS B 299 22.32 -17.09 -23.75
CA LYS B 299 23.42 -16.35 -24.43
C LYS B 299 22.89 -15.83 -25.76
N VAL B 300 23.07 -14.54 -26.05
CA VAL B 300 22.66 -13.94 -27.35
C VAL B 300 23.86 -14.04 -28.31
N THR B 301 23.60 -14.00 -29.62
CA THR B 301 24.60 -13.87 -30.71
C THR B 301 24.33 -12.55 -31.43
N ALA B 302 25.36 -11.94 -32.02
CA ALA B 302 25.25 -10.85 -33.02
C ALA B 302 24.47 -11.39 -34.22
N ILE B 303 23.70 -10.53 -34.87
CA ILE B 303 22.95 -10.93 -36.10
C ILE B 303 24.00 -11.18 -37.18
N SER B 304 24.03 -12.38 -37.75
CA SER B 304 25.02 -12.82 -38.76
C SER B 304 24.29 -13.07 -40.07
N LYS B 305 22.96 -13.32 -40.06
CA LYS B 305 22.08 -13.25 -41.25
C LYS B 305 20.91 -12.30 -40.95
N GLU B 306 20.87 -11.15 -41.64
CA GLU B 306 19.73 -10.18 -41.61
C GLU B 306 18.80 -10.56 -42.76
N PRO B 307 17.63 -11.18 -42.49
CA PRO B 307 16.69 -11.52 -43.56
C PRO B 307 16.11 -10.25 -44.20
N SER B 308 15.91 -10.27 -45.52
CA SER B 308 15.28 -9.17 -46.29
C SER B 308 13.79 -9.06 -45.92
N VAL B 309 13.11 -10.18 -45.73
CA VAL B 309 11.64 -10.25 -45.46
C VAL B 309 11.41 -10.88 -44.07
N LYS B 310 10.71 -10.15 -43.20
CA LYS B 310 10.50 -10.50 -41.78
C LYS B 310 9.00 -10.64 -41.45
N MET B 311 8.70 -11.36 -40.38
CA MET B 311 7.39 -11.26 -39.68
C MET B 311 7.67 -11.07 -38.19
N TYR B 312 6.64 -10.65 -37.45
CA TYR B 312 6.77 -10.16 -36.06
C TYR B 312 5.61 -10.70 -35.23
N HIS B 313 5.85 -11.08 -33.98
CA HIS B 313 4.75 -11.46 -33.07
C HIS B 313 5.10 -11.07 -31.64
N LYS B 314 4.07 -11.10 -30.78
CA LYS B 314 4.22 -10.97 -29.31
C LYS B 314 3.00 -11.60 -28.64
N THR B 315 3.25 -12.41 -27.61
CA THR B 315 2.27 -12.97 -26.68
C THR B 315 2.09 -12.03 -25.48
N GLY B 316 0.96 -12.13 -24.80
CA GLY B 316 0.70 -11.39 -23.57
C GLY B 316 -0.19 -12.19 -22.66
N SER B 317 0.12 -12.22 -21.38
CA SER B 317 -0.69 -12.90 -20.35
C SER B 317 -0.72 -12.02 -19.10
N THR B 318 -1.92 -11.85 -18.54
CA THR B 318 -2.13 -11.50 -17.12
C THR B 318 -2.73 -12.74 -16.47
N SER B 319 -3.05 -12.71 -15.18
CA SER B 319 -3.60 -13.88 -14.47
C SER B 319 -4.92 -14.29 -15.16
N GLY B 320 -5.67 -13.32 -15.69
CA GLY B 320 -7.02 -13.52 -16.23
C GLY B 320 -7.15 -13.38 -17.74
N PHE B 321 -6.11 -12.98 -18.48
CA PHE B 321 -6.24 -12.64 -19.93
C PHE B 321 -5.08 -13.21 -20.74
N GLY B 322 -5.37 -13.59 -21.98
CA GLY B 322 -4.40 -14.00 -23.00
C GLY B 322 -4.47 -13.10 -24.21
N THR B 323 -3.31 -12.79 -24.78
CA THR B 323 -3.18 -11.91 -25.96
C THR B 323 -2.16 -12.52 -26.95
N TYR B 324 -2.39 -12.32 -28.24
CA TYR B 324 -1.44 -12.65 -29.32
C TYR B 324 -1.66 -11.68 -30.48
N VAL B 325 -0.57 -11.06 -30.94
CA VAL B 325 -0.53 -10.16 -32.13
C VAL B 325 0.63 -10.62 -33.02
N VAL B 326 0.37 -10.70 -34.32
CA VAL B 326 1.33 -11.12 -35.38
C VAL B 326 1.03 -10.28 -36.63
N PHE B 327 2.06 -9.87 -37.37
CA PHE B 327 1.89 -9.20 -38.68
C PHE B 327 3.05 -9.58 -39.61
N ILE B 328 2.77 -9.51 -40.91
CA ILE B 328 3.67 -9.91 -42.03
C ILE B 328 3.60 -8.81 -43.08
N PRO B 329 4.56 -7.83 -43.09
CA PRO B 329 4.52 -6.72 -44.05
C PRO B 329 4.37 -7.13 -45.52
N LYS B 330 5.09 -8.15 -45.97
CA LYS B 330 5.12 -8.62 -47.39
C LYS B 330 3.71 -9.02 -47.86
N GLU B 331 2.90 -9.66 -47.00
CA GLU B 331 1.52 -10.12 -47.33
C GLU B 331 0.50 -9.04 -46.94
N ASN B 332 0.94 -7.93 -46.34
CA ASN B 332 0.09 -6.83 -45.82
C ASN B 332 -1.06 -7.42 -44.97
N ILE B 333 -0.73 -8.34 -44.05
CA ILE B 333 -1.74 -9.08 -43.24
C ILE B 333 -1.29 -9.14 -41.79
N GLY B 334 -2.26 -9.14 -40.87
CA GLY B 334 -2.00 -9.29 -39.42
C GLY B 334 -3.19 -9.86 -38.69
N LEU B 335 -2.98 -10.29 -37.45
CA LEU B 335 -4.03 -10.94 -36.63
C LEU B 335 -3.86 -10.51 -35.17
N VAL B 336 -4.99 -10.31 -34.49
CA VAL B 336 -5.08 -10.05 -33.03
C VAL B 336 -6.02 -11.10 -32.42
N MET B 337 -5.57 -11.75 -31.35
CA MET B 337 -6.42 -12.61 -30.48
C MET B 337 -6.42 -12.01 -29.06
N LEU B 338 -7.60 -11.76 -28.51
CA LEU B 338 -7.84 -11.34 -27.10
C LEU B 338 -8.80 -12.33 -26.45
N THR B 339 -8.42 -12.90 -25.30
CA THR B 339 -9.27 -13.81 -24.50
C THR B 339 -9.28 -13.32 -23.05
N ASN B 340 -10.37 -13.58 -22.33
CA ASN B 340 -10.48 -13.26 -20.89
C ASN B 340 -10.30 -14.56 -20.08
N LYS B 341 -9.53 -15.51 -20.64
CA LYS B 341 -8.82 -16.57 -19.89
C LYS B 341 -7.53 -16.94 -20.63
N ARG B 342 -6.44 -17.20 -19.92
CA ARG B 342 -5.17 -17.66 -20.53
C ARG B 342 -5.43 -19.01 -21.19
N ILE B 343 -4.87 -19.21 -22.38
CA ILE B 343 -4.73 -20.54 -23.04
C ILE B 343 -3.27 -20.68 -23.42
N PRO B 344 -2.72 -21.91 -23.58
CA PRO B 344 -1.31 -22.06 -23.87
C PRO B 344 -0.90 -21.22 -25.09
N ASN B 345 0.26 -20.58 -25.01
CA ASN B 345 0.89 -19.82 -26.12
C ASN B 345 0.89 -20.67 -27.40
N GLU B 346 1.23 -21.95 -27.31
CA GLU B 346 1.26 -22.89 -28.47
C GLU B 346 -0.05 -22.79 -29.27
N GLU B 347 -1.20 -22.81 -28.59
CA GLU B 347 -2.54 -22.86 -29.25
C GLU B 347 -2.83 -21.54 -29.96
N ARG B 348 -2.37 -20.43 -29.38
CA ARG B 348 -2.59 -19.06 -29.94
C ARG B 348 -1.80 -18.96 -31.25
N ILE B 349 -0.51 -19.30 -31.20
CA ILE B 349 0.45 -19.22 -32.34
C ILE B 349 -0.03 -20.14 -33.47
N LYS B 350 -0.35 -21.40 -33.15
CA LYS B 350 -0.80 -22.39 -34.15
C LYS B 350 -2.09 -21.94 -34.86
N ALA B 351 -3.12 -21.49 -34.12
CA ALA B 351 -4.41 -21.08 -34.70
C ALA B 351 -4.20 -19.90 -35.66
N ALA B 352 -3.40 -18.91 -35.23
CA ALA B 352 -3.06 -17.72 -36.03
C ALA B 352 -2.31 -18.14 -37.31
N TYR B 353 -1.40 -19.12 -37.20
CA TYR B 353 -0.54 -19.60 -38.30
C TYR B 353 -1.44 -20.18 -39.42
N VAL B 354 -2.37 -21.06 -39.03
CA VAL B 354 -3.26 -21.77 -39.98
C VAL B 354 -4.14 -20.72 -40.67
N VAL B 355 -4.74 -19.80 -39.90
CA VAL B 355 -5.67 -18.78 -40.47
C VAL B 355 -4.91 -17.93 -41.49
N LEU B 356 -3.77 -17.32 -41.08
CA LEU B 356 -3.02 -16.36 -41.92
C LEU B 356 -2.48 -17.06 -43.19
N ASN B 357 -2.08 -18.33 -43.09
CA ASN B 357 -1.51 -19.09 -44.23
C ASN B 357 -2.62 -19.57 -45.18
N ALA B 358 -3.87 -19.66 -44.73
CA ALA B 358 -5.01 -20.15 -45.53
C ALA B 358 -5.74 -19.01 -46.25
N ILE B 359 -5.62 -17.76 -45.81
CA ILE B 359 -6.37 -16.62 -46.41
C ILE B 359 -5.82 -16.36 -47.81
N LYS B 360 -6.72 -16.20 -48.79
CA LYS B 360 -6.39 -16.05 -50.24
C LYS B 360 -5.77 -14.66 -50.48
N ASP C 7 -8.54 9.54 -5.39
CA ASP C 7 -9.19 8.23 -5.76
C ASP C 7 -8.12 7.14 -5.84
N GLN C 8 -6.98 7.43 -6.49
CA GLN C 8 -5.83 6.50 -6.59
C GLN C 8 -5.12 6.43 -5.23
N GLU C 9 -5.00 7.57 -4.53
CA GLU C 9 -4.36 7.65 -3.18
C GLU C 9 -5.15 6.75 -2.21
N ILE C 10 -6.47 6.84 -2.26
CA ILE C 10 -7.39 6.07 -1.37
C ILE C 10 -7.30 4.57 -1.74
N LYS C 11 -7.38 4.25 -3.04
CA LYS C 11 -7.18 2.88 -3.55
C LYS C 11 -5.88 2.31 -2.96
N LYS C 12 -4.78 3.06 -3.03
CA LYS C 12 -3.44 2.57 -2.62
C LYS C 12 -3.47 2.24 -1.12
N LEU C 13 -4.05 3.11 -0.30
CA LEU C 13 -4.11 2.92 1.19
C LEU C 13 -4.97 1.69 1.54
N VAL C 14 -6.11 1.53 0.87
CA VAL C 14 -7.02 0.37 1.12
C VAL C 14 -6.30 -0.91 0.68
N ASP C 15 -5.63 -0.88 -0.49
CA ASP C 15 -4.82 -2.03 -0.99
C ASP C 15 -3.73 -2.36 0.02
N GLN C 16 -3.12 -1.37 0.65
CA GLN C 16 -1.99 -1.57 1.60
C GLN C 16 -2.49 -2.16 2.92
N ASN C 17 -3.67 -1.77 3.40
CA ASN C 17 -4.11 -2.07 4.79
C ASN C 17 -5.24 -3.11 4.85
N PHE C 18 -6.11 -3.19 3.84
CA PHE C 18 -7.26 -4.14 3.85
C PHE C 18 -6.95 -5.39 3.01
N LYS C 19 -6.41 -5.23 1.79
CA LYS C 19 -6.23 -6.34 0.83
C LYS C 19 -5.44 -7.49 1.46
N PRO C 20 -4.34 -7.27 2.21
CA PRO C 20 -3.59 -8.37 2.82
C PRO C 20 -4.38 -9.25 3.79
N LEU C 21 -5.46 -8.73 4.37
CA LEU C 21 -6.35 -9.49 5.30
C LEU C 21 -7.04 -10.65 4.55
N LEU C 22 -7.27 -10.52 3.24
CA LEU C 22 -7.89 -11.59 2.41
C LEU C 22 -7.00 -12.85 2.45
N GLU C 23 -5.71 -12.73 2.14
CA GLU C 23 -4.75 -13.86 2.14
C GLU C 23 -4.57 -14.33 3.59
N LYS C 24 -4.41 -13.39 4.53
CA LYS C 24 -4.07 -13.70 5.94
C LYS C 24 -5.16 -14.56 6.60
N TYR C 25 -6.45 -14.27 6.34
CA TYR C 25 -7.60 -14.98 6.98
C TYR C 25 -8.37 -15.83 5.96
N ASP C 26 -7.87 -15.96 4.73
CA ASP C 26 -8.50 -16.74 3.62
C ASP C 26 -9.95 -16.27 3.46
N VAL C 27 -10.15 -14.96 3.25
CA VAL C 27 -11.48 -14.32 3.08
C VAL C 27 -11.80 -14.29 1.60
N PRO C 28 -12.91 -14.94 1.16
CA PRO C 28 -13.24 -14.97 -0.27
C PRO C 28 -13.51 -13.59 -0.89
N GLY C 29 -14.22 -12.72 -0.17
CA GLY C 29 -14.76 -11.45 -0.70
C GLY C 29 -14.75 -10.33 0.33
N MET C 30 -14.59 -9.09 -0.15
CA MET C 30 -14.56 -7.89 0.71
C MET C 30 -14.98 -6.68 -0.13
N ALA C 31 -15.76 -5.78 0.46
CA ALA C 31 -16.04 -4.44 -0.08
C ALA C 31 -15.63 -3.40 0.98
N VAL C 32 -14.79 -2.44 0.59
CA VAL C 32 -14.32 -1.33 1.46
C VAL C 32 -14.68 0.00 0.77
N GLY C 33 -15.39 0.87 1.50
CA GLY C 33 -15.80 2.19 1.02
C GLY C 33 -15.25 3.27 1.93
N VAL C 34 -14.90 4.41 1.35
CA VAL C 34 -14.54 5.64 2.10
C VAL C 34 -15.43 6.76 1.57
N ILE C 35 -15.97 7.58 2.47
CA ILE C 35 -16.64 8.85 2.06
C ILE C 35 -15.84 9.99 2.69
N GLN C 36 -15.42 10.96 1.88
CA GLN C 36 -14.67 12.15 2.33
C GLN C 36 -15.19 13.37 1.57
N ASN C 37 -15.65 14.38 2.31
CA ASN C 37 -16.18 15.66 1.76
C ASN C 37 -17.25 15.32 0.72
N ASN C 38 -18.15 14.40 1.07
CA ASN C 38 -19.36 14.06 0.27
C ASN C 38 -18.97 13.40 -1.06
N LYS C 39 -17.75 12.84 -1.15
CA LYS C 39 -17.30 12.05 -2.33
C LYS C 39 -17.09 10.60 -1.90
N LYS C 40 -17.67 9.64 -2.63
CA LYS C 40 -17.65 8.20 -2.28
C LYS C 40 -16.59 7.48 -3.12
N TYR C 41 -15.80 6.60 -2.49
CA TYR C 41 -14.78 5.73 -3.13
C TYR C 41 -15.04 4.27 -2.72
N GLU C 42 -15.23 3.40 -3.72
CA GLU C 42 -15.64 1.98 -3.54
C GLU C 42 -14.53 1.06 -4.08
N MET C 43 -14.05 0.15 -3.24
CA MET C 43 -13.04 -0.88 -3.57
C MET C 43 -13.67 -2.26 -3.34
N TYR C 44 -13.63 -3.15 -4.34
CA TYR C 44 -14.17 -4.52 -4.30
C TYR C 44 -13.07 -5.55 -4.56
N TYR C 45 -13.04 -6.64 -3.78
CA TYR C 45 -12.02 -7.71 -3.87
C TYR C 45 -12.70 -9.08 -3.81
N GLY C 46 -12.21 -10.00 -4.65
CA GLY C 46 -12.51 -11.43 -4.59
C GLY C 46 -13.98 -11.72 -4.89
N LEU C 47 -14.55 -12.72 -4.21
CA LEU C 47 -15.78 -13.41 -4.66
C LEU C 47 -16.92 -13.26 -3.64
N GLN C 48 -18.10 -12.99 -4.17
CA GLN C 48 -19.40 -12.95 -3.46
C GLN C 48 -19.86 -14.39 -3.18
N SER C 49 -19.61 -15.29 -4.14
CA SER C 49 -19.99 -16.72 -4.09
C SER C 49 -18.88 -17.54 -4.76
N VAL C 50 -18.22 -18.42 -4.01
CA VAL C 50 -17.17 -19.32 -4.55
C VAL C 50 -17.85 -20.31 -5.51
N GLN C 51 -18.92 -20.96 -5.09
CA GLN C 51 -19.65 -21.99 -5.91
C GLN C 51 -20.13 -21.38 -7.23
N ASP C 52 -20.66 -20.16 -7.24
CA ASP C 52 -21.28 -19.55 -8.45
C ASP C 52 -20.24 -18.70 -9.22
N LYS C 53 -19.00 -18.62 -8.71
CA LYS C 53 -17.90 -17.86 -9.34
C LYS C 53 -18.37 -16.42 -9.58
N LYS C 54 -19.08 -15.81 -8.63
CA LYS C 54 -19.52 -14.39 -8.72
C LYS C 54 -18.52 -13.46 -8.01
N ALA C 55 -18.05 -12.43 -8.71
CA ALA C 55 -17.17 -11.36 -8.16
C ALA C 55 -17.99 -10.42 -7.24
N VAL C 56 -17.37 -9.93 -6.18
CA VAL C 56 -17.94 -8.84 -5.34
C VAL C 56 -18.04 -7.58 -6.20
N ASN C 57 -19.19 -6.93 -6.18
CA ASN C 57 -19.43 -5.69 -6.96
C ASN C 57 -20.39 -4.79 -6.17
N SER C 58 -20.77 -3.65 -6.75
CA SER C 58 -21.61 -2.60 -6.11
C SER C 58 -23.02 -3.13 -5.84
N ASN C 59 -23.44 -4.22 -6.50
CA ASN C 59 -24.76 -4.85 -6.25
C ASN C 59 -24.67 -5.92 -5.15
N THR C 60 -23.48 -6.31 -4.70
CA THR C 60 -23.33 -7.45 -3.74
C THR C 60 -23.98 -7.08 -2.38
N ILE C 61 -24.87 -7.94 -1.89
CA ILE C 61 -25.58 -7.77 -0.58
C ILE C 61 -24.87 -8.61 0.49
N PHE C 62 -24.47 -7.97 1.58
CA PHE C 62 -23.75 -8.57 2.75
C PHE C 62 -24.66 -8.55 3.98
N GLU C 63 -24.51 -9.53 4.89
CA GLU C 63 -25.12 -9.51 6.23
C GLU C 63 -24.37 -8.52 7.13
N LEU C 64 -25.08 -7.56 7.74
CA LEU C 64 -24.47 -6.48 8.56
C LEU C 64 -24.25 -6.95 9.99
N GLY C 65 -24.90 -8.04 10.40
CA GLY C 65 -24.94 -8.48 11.81
C GLY C 65 -25.33 -7.34 12.73
N SER C 66 -24.58 -7.12 13.82
CA SER C 66 -24.89 -6.12 14.88
C SER C 66 -24.92 -4.68 14.33
N VAL C 67 -24.39 -4.41 13.13
CA VAL C 67 -24.54 -3.06 12.53
C VAL C 67 -26.03 -2.82 12.22
N SER C 68 -26.86 -3.88 12.16
CA SER C 68 -28.35 -3.79 12.11
C SER C 68 -28.87 -2.95 13.29
N LYS C 69 -28.22 -3.03 14.46
CA LYS C 69 -28.65 -2.29 15.68
C LYS C 69 -28.69 -0.78 15.41
N LEU C 70 -27.90 -0.27 14.46
CA LEU C 70 -27.87 1.17 14.12
C LEU C 70 -29.17 1.58 13.41
N PHE C 71 -29.76 0.66 12.62
CA PHE C 71 -31.05 0.89 11.94
C PHE C 71 -32.18 0.77 12.96
N THR C 72 -32.08 -0.14 13.91
CA THR C 72 -33.06 -0.28 15.03
C THR C 72 -33.07 1.02 15.84
N ALA C 73 -31.88 1.56 16.15
CA ALA C 73 -31.70 2.83 16.88
C ALA C 73 -32.32 3.98 16.10
N THR C 74 -32.04 4.07 14.80
CA THR C 74 -32.59 5.13 13.90
C THR C 74 -34.12 5.04 13.90
N ALA C 75 -34.69 3.83 13.83
CA ALA C 75 -36.15 3.59 13.85
C ALA C 75 -36.74 4.12 15.18
N GLY C 76 -36.07 3.83 16.30
CA GLY C 76 -36.44 4.31 17.64
C GLY C 76 -36.42 5.82 17.69
N GLY C 77 -35.37 6.46 17.16
CA GLY C 77 -35.23 7.92 17.08
C GLY C 77 -36.32 8.57 16.25
N TYR C 78 -36.72 7.91 15.17
CA TYR C 78 -37.81 8.37 14.26
C TYR C 78 -39.15 8.30 15.00
N ALA C 79 -39.42 7.19 15.69
CA ALA C 79 -40.68 6.97 16.45
C ALA C 79 -40.79 8.00 17.58
N LYS C 80 -39.70 8.24 18.31
CA LYS C 80 -39.68 9.17 19.47
C LYS C 80 -39.98 10.59 19.00
N ASN C 81 -39.29 11.07 17.96
CA ASN C 81 -39.39 12.49 17.51
C ASN C 81 -40.70 12.73 16.73
N LYS C 82 -41.42 11.67 16.36
CA LYS C 82 -42.82 11.73 15.86
C LYS C 82 -43.81 11.57 17.02
N GLY C 83 -43.32 11.36 18.25
CA GLY C 83 -44.15 11.24 19.47
C GLY C 83 -44.86 9.90 19.57
N LYS C 84 -44.47 8.89 18.79
CA LYS C 84 -45.11 7.53 18.81
C LYS C 84 -44.70 6.78 20.08
N ILE C 85 -43.51 7.08 20.61
CA ILE C 85 -42.99 6.51 21.90
C ILE C 85 -42.31 7.61 22.69
N SER C 86 -42.11 7.36 23.98
CA SER C 86 -41.14 8.03 24.87
C SER C 86 -40.14 6.97 25.36
N PHE C 87 -38.88 7.36 25.58
CA PHE C 87 -37.78 6.46 26.05
C PHE C 87 -37.98 6.10 27.52
N ASP C 88 -38.91 6.79 28.21
CA ASP C 88 -39.26 6.56 29.63
C ASP C 88 -40.43 5.56 29.72
N ASP C 89 -41.05 5.20 28.59
CA ASP C 89 -42.11 4.16 28.52
C ASP C 89 -41.53 2.78 28.83
N THR C 90 -42.39 1.83 29.19
CA THR C 90 -42.05 0.41 29.43
C THR C 90 -42.72 -0.42 28.34
N PRO C 91 -42.23 -1.65 28.06
CA PRO C 91 -42.73 -2.42 26.92
C PRO C 91 -44.23 -2.77 26.99
N GLY C 92 -44.77 -2.91 28.20
CA GLY C 92 -46.17 -3.29 28.46
C GLY C 92 -47.15 -2.28 27.87
N LYS C 93 -46.73 -1.01 27.77
CA LYS C 93 -47.57 0.09 27.22
C LYS C 93 -47.91 -0.19 25.75
N TYR C 94 -47.12 -1.01 25.05
CA TYR C 94 -47.29 -1.30 23.59
C TYR C 94 -47.56 -2.79 23.37
N TRP C 95 -46.81 -3.67 24.04
CA TRP C 95 -47.03 -5.15 24.02
C TRP C 95 -47.94 -5.49 25.21
N LYS C 96 -49.25 -5.39 25.01
CA LYS C 96 -50.29 -5.40 26.08
C LYS C 96 -50.10 -6.65 26.95
N GLU C 97 -49.73 -7.80 26.38
CA GLU C 97 -49.62 -9.09 27.10
C GLU C 97 -48.41 -9.08 28.04
N LEU C 98 -47.60 -8.01 28.04
CA LEU C 98 -46.43 -7.85 28.96
C LEU C 98 -46.74 -6.80 30.04
N LYS C 99 -47.90 -6.12 29.99
CA LYS C 99 -48.35 -5.16 31.04
C LYS C 99 -48.32 -5.90 32.40
N ASN C 100 -47.72 -5.25 33.41
CA ASN C 100 -47.73 -5.70 34.84
C ASN C 100 -46.85 -6.95 35.02
N THR C 101 -45.91 -7.23 34.11
CA THR C 101 -44.83 -8.23 34.26
C THR C 101 -43.61 -7.54 34.85
N PRO C 102 -42.69 -8.25 35.54
CA PRO C 102 -41.42 -7.65 35.99
C PRO C 102 -40.62 -6.88 34.92
N ILE C 103 -40.58 -7.37 33.68
CA ILE C 103 -39.88 -6.71 32.53
C ILE C 103 -40.52 -5.34 32.25
N ASP C 104 -41.77 -5.14 32.67
CA ASP C 104 -42.54 -3.88 32.46
C ASP C 104 -42.04 -2.80 33.44
N GLN C 105 -41.03 -3.10 34.27
CA GLN C 105 -40.31 -2.12 35.14
C GLN C 105 -39.11 -1.53 34.38
N VAL C 106 -38.74 -2.09 33.23
CA VAL C 106 -37.55 -1.66 32.44
C VAL C 106 -38.03 -0.68 31.36
N ASN C 107 -37.38 0.48 31.20
CA ASN C 107 -37.82 1.48 30.21
C ASN C 107 -37.17 1.17 28.85
N LEU C 108 -37.64 1.81 27.78
CA LEU C 108 -37.24 1.53 26.38
C LEU C 108 -35.77 1.90 26.19
N LEU C 109 -35.28 2.98 26.82
CA LEU C 109 -33.85 3.38 26.71
C LEU C 109 -32.97 2.28 27.31
N GLN C 110 -33.37 1.72 28.45
CA GLN C 110 -32.60 0.68 29.18
C GLN C 110 -32.53 -0.58 28.30
N LEU C 111 -33.61 -0.92 27.60
CA LEU C 111 -33.64 -2.06 26.65
C LEU C 111 -32.69 -1.76 25.47
N ALA C 112 -32.79 -0.56 24.89
CA ALA C 112 -31.99 -0.12 23.72
C ALA C 112 -30.50 -0.12 24.07
N THR C 113 -30.12 0.21 25.30
CA THR C 113 -28.71 0.42 25.73
C THR C 113 -28.24 -0.68 26.71
N TYR C 114 -28.98 -1.80 26.79
CA TYR C 114 -28.51 -3.11 27.33
C TYR C 114 -28.35 -3.09 28.87
N THR C 115 -29.19 -2.37 29.62
CA THR C 115 -29.04 -2.17 31.09
C THR C 115 -30.25 -2.71 31.87
N SER C 116 -30.97 -3.72 31.36
CA SER C 116 -32.08 -4.41 32.08
C SER C 116 -31.54 -5.06 33.37
N GLY C 117 -30.27 -5.49 33.36
CA GLY C 117 -29.59 -6.13 34.50
C GLY C 117 -29.73 -7.65 34.50
N ASN C 118 -30.46 -8.24 33.55
CA ASN C 118 -30.58 -9.72 33.42
C ASN C 118 -31.00 -10.12 32.00
N LEU C 119 -30.25 -9.70 30.98
CA LEU C 119 -30.38 -10.21 29.59
C LEU C 119 -28.97 -10.45 29.03
N ALA C 120 -28.68 -11.68 28.62
CA ALA C 120 -27.38 -12.13 28.07
C ALA C 120 -27.32 -11.78 26.57
N LEU C 121 -26.18 -12.08 25.94
CA LEU C 121 -25.93 -11.84 24.48
C LEU C 121 -27.04 -12.48 23.64
N GLN C 122 -27.35 -13.75 23.88
CA GLN C 122 -28.37 -14.51 23.10
C GLN C 122 -29.54 -14.91 24.01
N PHE C 123 -30.71 -15.11 23.42
CA PHE C 123 -31.81 -15.94 23.97
C PHE C 123 -31.25 -17.32 24.29
N PRO C 124 -31.85 -18.08 25.24
CA PRO C 124 -31.52 -19.50 25.37
C PRO C 124 -31.94 -20.24 24.09
N ASP C 125 -31.21 -21.31 23.74
CA ASP C 125 -31.42 -22.13 22.52
C ASP C 125 -32.90 -22.53 22.39
N GLU C 126 -33.58 -22.81 23.51
CA GLU C 126 -34.97 -23.32 23.59
C GLU C 126 -35.97 -22.30 23.00
N VAL C 127 -35.65 -21.00 23.05
CA VAL C 127 -36.55 -19.91 22.55
C VAL C 127 -36.41 -19.82 21.03
N GLN C 128 -37.48 -20.12 20.29
CA GLN C 128 -37.50 -20.08 18.80
C GLN C 128 -38.76 -19.36 18.31
N THR C 129 -39.95 -19.85 18.69
CA THR C 129 -41.26 -19.39 18.18
C THR C 129 -41.63 -18.04 18.81
N ASP C 130 -42.63 -17.37 18.25
CA ASP C 130 -43.18 -16.08 18.77
C ASP C 130 -43.75 -16.30 20.18
N GLN C 131 -44.39 -17.46 20.40
CA GLN C 131 -45.05 -17.82 21.69
C GLN C 131 -43.96 -18.04 22.75
N GLN C 132 -42.88 -18.74 22.41
CA GLN C 132 -41.73 -18.97 23.33
C GLN C 132 -41.02 -17.65 23.65
N VAL C 133 -41.00 -16.69 22.73
CA VAL C 133 -40.39 -15.34 22.94
C VAL C 133 -41.23 -14.59 23.98
N LEU C 134 -42.55 -14.59 23.82
CA LEU C 134 -43.51 -13.91 24.74
C LEU C 134 -43.37 -14.52 26.14
N THR C 135 -43.41 -15.86 26.22
CA THR C 135 -43.27 -16.63 27.48
C THR C 135 -41.97 -16.22 28.18
N PHE C 136 -40.87 -16.14 27.43
CA PHE C 136 -39.52 -15.78 27.97
C PHE C 136 -39.59 -14.42 28.67
N PHE C 137 -40.27 -13.43 28.08
CA PHE C 137 -40.37 -12.05 28.63
C PHE C 137 -41.39 -12.00 29.79
N LYS C 138 -42.46 -12.82 29.72
CA LYS C 138 -43.45 -12.96 30.81
C LYS C 138 -42.78 -13.53 32.07
N ASP C 139 -41.90 -14.52 31.92
CA ASP C 139 -41.24 -15.26 33.03
C ASP C 139 -39.94 -14.55 33.45
N TRP C 140 -39.58 -13.43 32.82
CA TRP C 140 -38.33 -12.68 33.12
C TRP C 140 -38.43 -12.08 34.53
N LYS C 141 -37.34 -12.15 35.29
CA LYS C 141 -37.23 -11.54 36.64
C LYS C 141 -35.93 -10.74 36.70
N PRO C 142 -35.87 -9.64 37.49
CA PRO C 142 -34.63 -8.88 37.62
C PRO C 142 -33.51 -9.66 38.32
N LYS C 143 -32.26 -9.27 38.07
CA LYS C 143 -31.07 -9.75 38.82
C LYS C 143 -30.32 -8.50 39.32
N ASN C 144 -29.45 -7.91 38.50
CA ASN C 144 -28.68 -6.70 38.87
C ASN C 144 -29.65 -5.52 38.93
N PRO C 145 -29.36 -4.49 39.74
CA PRO C 145 -30.16 -3.26 39.75
C PRO C 145 -30.38 -2.69 38.34
N ILE C 146 -31.65 -2.43 37.98
CA ILE C 146 -32.07 -1.97 36.64
C ILE C 146 -31.36 -0.64 36.32
N GLY C 147 -30.74 -0.55 35.15
CA GLY C 147 -30.09 0.68 34.65
C GLY C 147 -28.63 0.79 35.04
N GLU C 148 -28.11 -0.10 35.89
CA GLU C 148 -26.77 0.08 36.51
C GLU C 148 -25.67 -0.68 35.76
N TYR C 149 -26.01 -1.80 35.11
CA TYR C 149 -25.03 -2.72 34.48
C TYR C 149 -25.32 -2.91 32.98
N ARG C 150 -24.32 -2.60 32.15
CA ARG C 150 -24.36 -2.85 30.69
C ARG C 150 -23.93 -4.30 30.44
N GLN C 151 -24.83 -5.10 29.89
CA GLN C 151 -24.49 -6.43 29.31
C GLN C 151 -25.03 -6.46 27.87
N TYR C 152 -24.13 -6.42 26.89
CA TYR C 152 -24.45 -6.37 25.44
C TYR C 152 -25.39 -7.53 25.13
N SER C 153 -26.54 -7.28 24.50
CA SER C 153 -27.66 -8.26 24.44
C SER C 153 -28.54 -8.10 23.20
N ASN C 154 -28.67 -9.17 22.41
CA ASN C 154 -29.60 -9.25 21.25
C ASN C 154 -31.06 -9.20 21.73
N PRO C 155 -31.50 -10.03 22.70
CA PRO C 155 -32.88 -9.94 23.19
C PRO C 155 -33.28 -8.56 23.72
N SER C 156 -32.34 -7.84 24.35
CA SER C 156 -32.58 -6.49 24.93
C SER C 156 -33.01 -5.51 23.83
N ILE C 157 -32.17 -5.31 22.80
CA ILE C 157 -32.47 -4.34 21.71
C ILE C 157 -33.51 -4.97 20.77
N GLY C 158 -33.57 -6.31 20.71
CA GLY C 158 -34.67 -7.04 20.04
C GLY C 158 -36.04 -6.58 20.54
N LEU C 159 -36.25 -6.59 21.86
CA LEU C 159 -37.54 -6.18 22.48
C LEU C 159 -37.80 -4.70 22.17
N PHE C 160 -36.76 -3.85 22.25
CA PHE C 160 -36.86 -2.40 21.94
C PHE C 160 -37.41 -2.24 20.51
N GLY C 161 -36.79 -2.95 19.56
CA GLY C 161 -37.22 -2.97 18.15
C GLY C 161 -38.67 -3.39 17.98
N LYS C 162 -39.08 -4.49 18.62
CA LYS C 162 -40.49 -5.01 18.55
C LYS C 162 -41.45 -3.92 19.05
N VAL C 163 -41.09 -3.23 20.13
CA VAL C 163 -41.95 -2.17 20.74
C VAL C 163 -42.05 -0.98 19.78
N VAL C 164 -40.94 -0.59 19.15
CA VAL C 164 -40.91 0.53 18.16
C VAL C 164 -41.87 0.17 17.01
N ALA C 165 -41.84 -1.08 16.53
CA ALA C 165 -42.74 -1.58 15.46
C ALA C 165 -44.20 -1.44 15.90
N LEU C 166 -44.54 -1.98 17.07
CA LEU C 166 -45.92 -1.90 17.64
C LEU C 166 -46.36 -0.43 17.71
N SER C 167 -45.47 0.50 18.12
CA SER C 167 -45.78 1.95 18.25
C SER C 167 -46.14 2.57 16.89
N MET C 168 -45.67 1.98 15.78
CA MET C 168 -45.92 2.50 14.41
C MET C 168 -46.93 1.61 13.67
N ASN C 169 -47.50 0.61 14.36
CA ASN C 169 -48.60 -0.28 13.87
C ASN C 169 -48.18 -1.01 12.58
N LYS C 170 -46.90 -1.36 12.48
CA LYS C 170 -46.33 -2.16 11.36
C LYS C 170 -45.38 -3.20 11.96
N PRO C 171 -45.22 -4.39 11.34
CA PRO C 171 -44.17 -5.31 11.75
C PRO C 171 -42.79 -4.66 11.48
N PHE C 172 -41.79 -5.06 12.25
CA PHE C 172 -40.44 -4.44 12.26
C PHE C 172 -39.84 -4.39 10.86
N ASP C 173 -39.96 -5.48 10.08
CA ASP C 173 -39.40 -5.57 8.70
C ASP C 173 -39.98 -4.43 7.85
N GLN C 174 -41.25 -4.10 8.02
CA GLN C 174 -41.94 -3.04 7.23
C GLN C 174 -41.53 -1.65 7.75
N VAL C 175 -41.27 -1.51 9.05
CA VAL C 175 -40.75 -0.23 9.62
C VAL C 175 -39.48 0.18 8.85
N LEU C 176 -38.54 -0.75 8.69
CA LEU C 176 -37.27 -0.48 7.97
C LEU C 176 -37.54 -0.36 6.45
N GLU C 177 -38.22 -1.34 5.84
CA GLU C 177 -38.29 -1.46 4.36
C GLU C 177 -39.23 -0.39 3.79
N LYS C 178 -40.28 0.02 4.52
CA LYS C 178 -41.30 0.98 4.01
C LYS C 178 -41.07 2.41 4.53
N THR C 179 -40.43 2.62 5.68
CA THR C 179 -40.29 3.96 6.31
C THR C 179 -38.82 4.41 6.40
N ILE C 180 -37.98 3.66 7.12
CA ILE C 180 -36.59 4.11 7.48
C ILE C 180 -35.66 4.05 6.27
N PHE C 181 -35.58 2.92 5.53
CA PHE C 181 -34.65 2.81 4.39
C PHE C 181 -35.02 3.88 3.35
N PRO C 182 -36.31 4.02 2.96
CA PRO C 182 -36.70 5.03 1.97
C PRO C 182 -36.36 6.47 2.40
N ALA C 183 -36.58 6.82 3.68
CA ALA C 183 -36.27 8.16 4.23
C ALA C 183 -34.76 8.44 4.16
N LEU C 184 -33.91 7.40 4.23
CA LEU C 184 -32.43 7.55 4.18
C LEU C 184 -31.94 7.46 2.73
N GLY C 185 -32.84 7.19 1.78
CA GLY C 185 -32.54 7.04 0.33
C GLY C 185 -31.76 5.77 0.04
N LEU C 186 -32.01 4.69 0.77
CA LEU C 186 -31.35 3.37 0.56
C LEU C 186 -32.24 2.52 -0.35
N LYS C 187 -31.67 1.98 -1.43
CA LYS C 187 -32.43 1.28 -2.50
C LYS C 187 -32.23 -0.26 -2.41
N HIS C 188 -31.17 -0.74 -1.77
CA HIS C 188 -30.81 -2.19 -1.74
C HIS C 188 -30.43 -2.64 -0.33
N SER C 189 -31.24 -2.23 0.65
CA SER C 189 -31.14 -2.64 2.06
C SER C 189 -32.43 -3.39 2.44
N TYR C 190 -32.30 -4.53 3.11
CA TYR C 190 -33.39 -5.51 3.32
C TYR C 190 -33.28 -6.15 4.71
N VAL C 191 -34.43 -6.44 5.31
CA VAL C 191 -34.56 -7.45 6.40
C VAL C 191 -34.76 -8.80 5.73
N ASN C 192 -35.62 -8.85 4.71
CA ASN C 192 -35.88 -10.06 3.88
C ASN C 192 -35.45 -9.76 2.44
N VAL C 193 -34.39 -10.41 1.96
CA VAL C 193 -33.88 -10.19 0.58
C VAL C 193 -34.91 -10.81 -0.37
N PRO C 194 -35.48 -10.04 -1.32
CA PRO C 194 -36.50 -10.59 -2.22
C PRO C 194 -35.91 -11.48 -3.32
N LYS C 195 -36.76 -12.33 -3.92
CA LYS C 195 -36.42 -13.32 -4.98
C LYS C 195 -35.56 -12.65 -6.07
N THR C 196 -35.93 -11.44 -6.47
CA THR C 196 -35.27 -10.67 -7.57
C THR C 196 -33.83 -10.27 -7.19
N GLN C 197 -33.44 -10.30 -5.92
CA GLN C 197 -32.10 -9.84 -5.46
C GLN C 197 -31.27 -11.02 -4.92
N MET C 198 -31.80 -12.24 -4.86
CA MET C 198 -31.08 -13.41 -4.29
C MET C 198 -29.78 -13.65 -5.09
N GLN C 199 -29.74 -13.31 -6.39
CA GLN C 199 -28.52 -13.50 -7.22
C GLN C 199 -27.41 -12.52 -6.79
N ASN C 200 -27.76 -11.45 -6.08
CA ASN C 200 -26.77 -10.45 -5.56
C ASN C 200 -26.43 -10.71 -4.08
N TYR C 201 -27.07 -11.68 -3.43
CA TYR C 201 -26.91 -11.97 -1.98
C TYR C 201 -25.67 -12.88 -1.84
N ALA C 202 -24.59 -12.33 -1.29
CA ALA C 202 -23.34 -13.09 -1.02
C ALA C 202 -23.65 -14.28 -0.12
N PHE C 203 -22.88 -15.35 -0.25
CA PHE C 203 -22.73 -16.37 0.81
C PHE C 203 -21.71 -15.82 1.79
N GLY C 204 -21.94 -16.08 3.08
CA GLY C 204 -20.91 -16.03 4.13
C GLY C 204 -20.13 -17.33 4.14
N TYR C 205 -18.94 -17.33 4.73
CA TYR C 205 -18.04 -18.51 4.81
C TYR C 205 -17.63 -18.69 6.28
N ASN C 206 -17.67 -19.92 6.76
CA ASN C 206 -17.32 -20.27 8.16
C ASN C 206 -15.81 -20.51 8.22
N GLN C 207 -15.29 -20.97 9.37
CA GLN C 207 -13.83 -21.13 9.57
C GLN C 207 -13.32 -22.31 8.72
N GLU C 208 -14.18 -23.15 8.14
CA GLU C 208 -13.79 -24.20 7.16
C GLU C 208 -13.97 -23.69 5.72
N ASN C 209 -14.19 -22.38 5.49
CA ASN C 209 -14.49 -21.77 4.17
C ASN C 209 -15.64 -22.52 3.48
N GLN C 210 -16.68 -22.90 4.21
CA GLN C 210 -17.93 -23.50 3.67
C GLN C 210 -19.02 -22.44 3.70
N PRO C 211 -19.92 -22.41 2.69
CA PRO C 211 -20.93 -21.36 2.59
C PRO C 211 -22.00 -21.49 3.68
N ILE C 212 -22.41 -20.35 4.23
CA ILE C 212 -23.39 -20.23 5.34
C ILE C 212 -24.11 -18.89 5.21
N ARG C 213 -25.40 -18.87 5.57
CA ARG C 213 -26.21 -17.63 5.66
C ARG C 213 -26.89 -17.63 7.03
N VAL C 214 -27.29 -16.45 7.50
CA VAL C 214 -27.83 -16.25 8.87
C VAL C 214 -29.15 -17.03 8.98
N ASN C 215 -29.31 -17.78 10.07
CA ASN C 215 -30.53 -18.56 10.36
C ASN C 215 -31.60 -17.64 10.93
N PRO C 216 -32.90 -17.89 10.63
CA PRO C 216 -33.99 -17.22 11.32
C PRO C 216 -33.85 -17.48 12.83
N GLY C 217 -34.20 -16.49 13.64
CA GLY C 217 -34.04 -16.53 15.11
C GLY C 217 -35.06 -15.63 15.78
N PRO C 218 -35.26 -15.77 17.11
CA PRO C 218 -36.18 -14.90 17.84
C PRO C 218 -35.70 -13.44 17.84
N LEU C 219 -36.54 -12.52 17.37
CA LEU C 219 -36.28 -11.07 17.22
C LEU C 219 -34.92 -10.83 16.54
N ASP C 220 -34.63 -11.62 15.50
CA ASP C 220 -33.40 -11.52 14.68
C ASP C 220 -33.29 -10.14 14.01
N ALA C 221 -34.36 -9.69 13.36
CA ALA C 221 -34.34 -8.49 12.48
C ALA C 221 -33.76 -7.29 13.23
N PRO C 222 -34.31 -6.84 14.38
CA PRO C 222 -33.79 -5.66 15.07
C PRO C 222 -32.37 -5.82 15.65
N ALA C 223 -31.91 -7.05 15.89
CA ALA C 223 -30.62 -7.34 16.56
C ALA C 223 -29.46 -7.54 15.55
N TYR C 224 -29.67 -8.31 14.48
CA TYR C 224 -28.56 -8.68 13.54
C TYR C 224 -29.07 -9.06 12.15
N GLY C 225 -30.25 -8.58 11.75
CA GLY C 225 -31.02 -9.18 10.64
C GLY C 225 -30.99 -8.37 9.34
N VAL C 226 -30.25 -7.27 9.27
CA VAL C 226 -30.26 -6.38 8.08
C VAL C 226 -29.12 -6.79 7.12
N LYS C 227 -29.40 -6.71 5.81
CA LYS C 227 -28.46 -6.95 4.70
C LYS C 227 -28.44 -5.70 3.82
N SER C 228 -27.27 -5.33 3.29
CA SER C 228 -27.10 -4.08 2.51
C SER C 228 -25.89 -4.19 1.56
N THR C 229 -25.74 -3.21 0.68
CA THR C 229 -24.63 -3.12 -0.30
C THR C 229 -23.65 -2.06 0.18
N LEU C 230 -22.46 -1.99 -0.41
CA LEU C 230 -21.46 -0.96 -0.06
C LEU C 230 -22.02 0.44 -0.35
N PRO C 231 -22.62 0.69 -1.54
CA PRO C 231 -23.16 2.02 -1.85
C PRO C 231 -24.23 2.49 -0.86
N ASP C 232 -25.14 1.61 -0.45
CA ASP C 232 -26.18 1.94 0.55
C ASP C 232 -25.53 2.29 1.88
N MET C 233 -24.52 1.53 2.33
CA MET C 233 -23.89 1.76 3.64
C MET C 233 -23.12 3.07 3.61
N LEU C 234 -22.55 3.47 2.46
CA LEU C 234 -21.85 4.76 2.29
C LEU C 234 -22.88 5.91 2.33
N SER C 235 -24.06 5.72 1.77
CA SER C 235 -25.20 6.67 1.87
C SER C 235 -25.60 6.81 3.34
N PHE C 236 -25.69 5.70 4.07
CA PHE C 236 -26.05 5.70 5.52
C PHE C 236 -25.00 6.48 6.31
N ILE C 237 -23.71 6.29 6.01
CA ILE C 237 -22.62 7.08 6.68
C ILE C 237 -22.76 8.55 6.29
N HIS C 238 -23.06 8.83 5.01
CA HIS C 238 -23.28 10.21 4.51
C HIS C 238 -24.37 10.88 5.36
N ALA C 239 -25.50 10.20 5.59
CA ALA C 239 -26.65 10.72 6.35
C ALA C 239 -26.22 11.06 7.79
N ASN C 240 -25.43 10.18 8.42
CA ASN C 240 -24.89 10.36 9.80
C ASN C 240 -23.90 11.54 9.86
N LEU C 241 -23.13 11.78 8.79
CA LEU C 241 -22.16 12.91 8.70
C LEU C 241 -22.88 14.24 8.41
N ASN C 242 -23.97 14.21 7.65
CA ASN C 242 -24.70 15.41 7.14
C ASN C 242 -26.20 15.27 7.36
N PRO C 243 -26.68 15.12 8.61
CA PRO C 243 -28.12 14.95 8.84
C PRO C 243 -28.97 16.17 8.44
N GLN C 244 -28.38 17.37 8.46
CA GLN C 244 -29.06 18.66 8.11
C GLN C 244 -29.60 18.62 6.67
N LYS C 245 -28.98 17.85 5.78
CA LYS C 245 -29.36 17.79 4.34
C LYS C 245 -30.60 16.91 4.14
N TYR C 246 -31.12 16.28 5.21
CA TYR C 246 -32.23 15.30 5.14
C TYR C 246 -33.50 15.92 5.71
N PRO C 247 -34.69 15.41 5.32
CA PRO C 247 -35.95 15.88 5.89
C PRO C 247 -35.95 15.80 7.43
N THR C 248 -36.74 16.68 8.05
CA THR C 248 -36.79 16.93 9.51
C THR C 248 -36.90 15.63 10.29
N ASP C 249 -37.84 14.75 9.92
CA ASP C 249 -38.20 13.51 10.68
C ASP C 249 -36.99 12.59 10.82
N ILE C 250 -36.28 12.32 9.71
CA ILE C 250 -35.12 11.39 9.70
C ILE C 250 -33.88 12.13 10.21
N GLN C 251 -33.79 13.44 9.99
CA GLN C 251 -32.71 14.31 10.56
C GLN C 251 -32.69 14.17 12.09
N ARG C 252 -33.85 14.32 12.73
CA ARG C 252 -33.96 14.23 14.22
C ARG C 252 -33.65 12.79 14.66
N ALA C 253 -34.18 11.79 13.95
CA ALA C 253 -33.94 10.35 14.18
C ALA C 253 -32.43 10.09 14.26
N ILE C 254 -31.68 10.56 13.25
CA ILE C 254 -30.22 10.34 13.13
C ILE C 254 -29.51 11.01 14.31
N ASN C 255 -29.85 12.26 14.60
CA ASN C 255 -29.23 13.06 15.70
C ASN C 255 -29.50 12.39 17.05
N GLU C 256 -30.68 11.78 17.22
CA GLU C 256 -31.05 11.00 18.43
C GLU C 256 -30.05 9.85 18.64
N THR C 257 -29.55 9.21 17.57
CA THR C 257 -28.61 8.05 17.68
C THR C 257 -27.21 8.53 18.07
N HIS C 258 -26.89 9.82 17.96
CA HIS C 258 -25.54 10.36 18.25
C HIS C 258 -25.38 10.77 19.73
N GLN C 259 -26.46 10.84 20.50
CA GLN C 259 -26.43 11.34 21.90
C GLN C 259 -25.96 10.23 22.84
N GLY C 260 -24.81 10.41 23.49
CA GLY C 260 -24.34 9.52 24.58
C GLY C 260 -25.35 9.45 25.71
N ARG C 261 -25.56 8.26 26.28
CA ARG C 261 -26.55 7.97 27.34
C ARG C 261 -25.84 7.71 28.66
N TYR C 262 -24.64 7.09 28.62
CA TYR C 262 -23.78 6.77 29.78
C TYR C 262 -22.38 6.44 29.29
N GLN C 263 -21.44 6.17 30.20
CA GLN C 263 -20.04 5.85 29.86
C GLN C 263 -19.63 4.55 30.56
N VAL C 264 -18.72 3.82 29.90
CA VAL C 264 -17.97 2.64 30.41
C VAL C 264 -16.51 2.87 30.02
N ASN C 265 -15.72 3.39 30.96
CA ASN C 265 -14.31 3.81 30.75
C ASN C 265 -14.29 4.87 29.65
N THR C 266 -13.61 4.60 28.54
CA THR C 266 -13.40 5.57 27.43
C THR C 266 -14.55 5.49 26.42
N MET C 267 -15.45 4.52 26.56
CA MET C 267 -16.57 4.31 25.60
C MET C 267 -17.85 4.95 26.14
N TYR C 268 -18.49 5.78 25.32
CA TYR C 268 -19.85 6.33 25.57
C TYR C 268 -20.86 5.52 24.76
N GLN C 269 -21.90 5.01 25.41
CA GLN C 269 -22.97 4.24 24.73
C GLN C 269 -24.01 5.25 24.24
N ALA C 270 -24.09 5.44 22.93
CA ALA C 270 -25.21 6.14 22.27
C ALA C 270 -26.26 5.09 21.88
N LEU C 271 -27.29 5.50 21.15
CA LEU C 271 -28.33 4.58 20.62
C LEU C 271 -27.74 3.81 19.44
N GLY C 272 -27.42 2.53 19.65
CA GLY C 272 -26.72 1.67 18.67
C GLY C 272 -25.22 1.98 18.58
N TRP C 273 -24.87 3.21 18.21
CA TRP C 273 -23.46 3.66 18.00
C TRP C 273 -22.68 3.60 19.31
N GLU C 274 -21.42 3.21 19.24
CA GLU C 274 -20.40 3.48 20.29
C GLU C 274 -19.75 4.83 19.96
N GLU C 275 -19.52 5.66 20.99
CA GLU C 275 -19.09 7.08 20.84
C GLU C 275 -17.80 7.28 21.64
N PHE C 276 -16.87 8.07 21.11
CA PHE C 276 -15.52 8.32 21.68
C PHE C 276 -15.18 9.80 21.52
N SER C 277 -14.42 10.33 22.47
CA SER C 277 -13.69 11.61 22.35
C SER C 277 -12.76 11.54 21.15
N TYR C 278 -12.82 12.51 20.25
CA TYR C 278 -11.94 12.61 19.06
C TYR C 278 -10.93 13.72 19.28
N PRO C 279 -9.62 13.50 18.99
CA PRO C 279 -9.11 12.25 18.45
C PRO C 279 -9.07 11.11 19.48
N ALA C 280 -9.39 9.89 19.05
CA ALA C 280 -9.31 8.65 19.88
C ALA C 280 -8.03 7.89 19.50
N THR C 281 -7.33 7.35 20.50
CA THR C 281 -6.18 6.42 20.29
C THR C 281 -6.71 5.09 19.76
N LEU C 282 -5.88 4.38 19.00
CA LEU C 282 -6.17 3.03 18.46
C LEU C 282 -6.59 2.11 19.60
N GLN C 283 -5.87 2.18 20.73
CA GLN C 283 -6.11 1.29 21.90
C GLN C 283 -7.48 1.57 22.51
N THR C 284 -7.91 2.84 22.53
CA THR C 284 -9.27 3.21 23.02
C THR C 284 -10.32 2.48 22.16
N LEU C 285 -10.12 2.48 20.85
CA LEU C 285 -11.07 1.86 19.89
C LEU C 285 -11.02 0.33 20.03
N LEU C 286 -9.84 -0.25 20.22
CA LEU C 286 -9.68 -1.71 20.47
C LEU C 286 -10.34 -2.09 21.80
N ASP C 287 -10.10 -1.34 22.88
CA ASP C 287 -10.67 -1.62 24.23
C ASP C 287 -12.19 -1.70 24.18
N SER C 288 -12.83 -0.88 23.34
CA SER C 288 -14.31 -0.82 23.20
C SER C 288 -14.89 -2.20 22.89
N ASN C 289 -14.15 -3.09 22.20
CA ASN C 289 -14.67 -4.42 21.77
C ASN C 289 -13.82 -5.55 22.38
N SER C 290 -13.23 -5.32 23.56
CA SER C 290 -12.55 -6.35 24.38
C SER C 290 -13.58 -7.36 24.92
N GLU C 291 -13.12 -8.56 25.30
CA GLU C 291 -13.98 -9.62 25.90
C GLU C 291 -14.75 -9.03 27.09
N GLN C 292 -14.09 -8.24 27.94
CA GLN C 292 -14.68 -7.64 29.18
C GLN C 292 -15.93 -6.82 28.83
N ILE C 293 -15.85 -5.96 27.81
CA ILE C 293 -16.95 -5.03 27.41
C ILE C 293 -18.06 -5.81 26.69
N VAL C 294 -17.70 -6.69 25.76
CA VAL C 294 -18.66 -7.39 24.85
C VAL C 294 -19.40 -8.50 25.60
N MET C 295 -18.72 -9.27 26.46
CA MET C 295 -19.24 -10.59 26.95
C MET C 295 -19.71 -10.52 28.42
N LYS C 296 -19.15 -9.63 29.26
CA LYS C 296 -19.45 -9.61 30.72
C LYS C 296 -20.20 -8.34 31.11
N PRO C 297 -20.91 -8.34 32.26
CA PRO C 297 -21.60 -7.15 32.76
C PRO C 297 -20.60 -6.10 33.23
N ASN C 298 -20.87 -4.81 32.99
CA ASN C 298 -19.98 -3.70 33.39
C ASN C 298 -20.82 -2.57 33.98
N LYS C 299 -20.49 -2.14 35.20
CA LYS C 299 -21.18 -1.03 35.89
C LYS C 299 -21.03 0.24 35.04
N VAL C 300 -22.13 0.93 34.75
CA VAL C 300 -22.11 2.17 33.93
C VAL C 300 -21.94 3.37 34.88
N THR C 301 -21.40 4.48 34.37
CA THR C 301 -21.32 5.80 35.06
C THR C 301 -22.14 6.81 34.24
N ALA C 302 -22.77 7.78 34.91
CA ALA C 302 -23.49 8.89 34.25
C ALA C 302 -22.47 9.73 33.48
N ILE C 303 -22.88 10.31 32.35
CA ILE C 303 -22.04 11.28 31.60
C ILE C 303 -21.88 12.51 32.51
N SER C 304 -20.63 12.89 32.78
CA SER C 304 -20.31 14.11 33.59
C SER C 304 -19.98 15.27 32.64
N LYS C 305 -19.14 15.03 31.61
CA LYS C 305 -18.93 15.93 30.45
C LYS C 305 -19.01 15.07 29.19
N GLU C 306 -19.99 15.33 28.32
CA GLU C 306 -20.03 14.84 26.91
C GLU C 306 -18.90 15.49 26.11
N PRO C 307 -18.09 14.74 25.33
CA PRO C 307 -16.95 15.32 24.63
C PRO C 307 -17.42 16.34 23.57
N SER C 308 -16.69 17.43 23.41
CA SER C 308 -16.97 18.53 22.46
C SER C 308 -16.84 18.03 21.01
N VAL C 309 -15.83 17.20 20.72
CA VAL C 309 -15.59 16.60 19.38
C VAL C 309 -15.62 15.07 19.52
N LYS C 310 -16.50 14.40 18.76
CA LYS C 310 -16.80 12.95 18.90
C LYS C 310 -16.48 12.19 17.60
N MET C 311 -16.24 10.89 17.72
CA MET C 311 -16.31 9.92 16.60
C MET C 311 -17.13 8.72 17.06
N TYR C 312 -17.58 7.90 16.12
CA TYR C 312 -18.56 6.82 16.34
C TYR C 312 -18.11 5.58 15.56
N HIS C 313 -18.31 4.39 16.11
CA HIS C 313 -18.10 3.15 15.33
C HIS C 313 -19.07 2.05 15.78
N LYS C 314 -19.16 1.00 14.98
CA LYS C 314 -19.90 -0.24 15.34
C LYS C 314 -19.33 -1.39 14.53
N THR C 315 -19.06 -2.52 15.20
CA THR C 315 -18.70 -3.81 14.58
C THR C 315 -19.98 -4.62 14.37
N GLY C 316 -19.90 -5.59 13.46
CA GLY C 316 -21.00 -6.54 13.22
C GLY C 316 -20.43 -7.87 12.76
N SER C 317 -20.97 -8.94 13.30
CA SER C 317 -20.60 -10.33 12.93
C SER C 317 -21.87 -11.18 12.87
N THR C 318 -21.98 -11.97 11.81
CA THR C 318 -22.83 -13.18 11.76
C THR C 318 -21.86 -14.35 11.66
N SER C 319 -22.36 -15.58 11.54
CA SER C 319 -21.48 -16.78 11.50
C SER C 319 -20.57 -16.65 10.27
N GLY C 320 -21.05 -16.04 9.19
CA GLY C 320 -20.33 -15.99 7.90
C GLY C 320 -19.86 -14.61 7.47
N PHE C 321 -20.16 -13.53 8.20
CA PHE C 321 -19.88 -12.15 7.71
C PHE C 321 -19.26 -11.28 8.82
N GLY C 322 -18.35 -10.40 8.42
CA GLY C 322 -17.79 -9.32 9.25
C GLY C 322 -18.13 -7.95 8.71
N THR C 323 -18.44 -7.01 9.61
CA THR C 323 -18.80 -5.61 9.27
C THR C 323 -18.08 -4.65 10.23
N TYR C 324 -17.68 -3.49 9.71
CA TYR C 324 -17.16 -2.37 10.53
C TYR C 324 -17.50 -1.06 9.82
N VAL C 325 -18.13 -0.14 10.58
CA VAL C 325 -18.49 1.24 10.13
C VAL C 325 -17.98 2.22 11.19
N VAL C 326 -17.39 3.32 10.74
CA VAL C 326 -16.78 4.38 11.60
C VAL C 326 -16.98 5.70 10.87
N PHE C 327 -17.30 6.78 11.59
CA PHE C 327 -17.37 8.14 10.99
C PHE C 327 -16.91 9.17 12.04
N ILE C 328 -16.41 10.30 11.53
CA ILE C 328 -15.80 11.42 12.30
C ILE C 328 -16.38 12.71 11.73
N PRO C 329 -17.45 13.29 12.34
CA PRO C 329 -18.08 14.50 11.83
C PRO C 329 -17.13 15.67 11.53
N LYS C 330 -16.19 15.95 12.44
CA LYS C 330 -15.23 17.09 12.36
C LYS C 330 -14.41 17.01 11.06
N GLU C 331 -13.99 15.81 10.65
CA GLU C 331 -13.15 15.59 9.44
C GLU C 331 -14.04 15.31 8.21
N ASN C 332 -15.37 15.24 8.40
CA ASN C 332 -16.36 14.86 7.35
C ASN C 332 -15.89 13.61 6.60
N ILE C 333 -15.49 12.57 7.34
CA ILE C 333 -14.94 11.32 6.75
C ILE C 333 -15.57 10.10 7.45
N GLY C 334 -15.72 9.01 6.71
CA GLY C 334 -16.21 7.72 7.23
C GLY C 334 -15.71 6.55 6.40
N LEU C 335 -15.85 5.33 6.94
CA LEU C 335 -15.39 4.10 6.27
C LEU C 335 -16.37 2.96 6.56
N VAL C 336 -16.58 2.10 5.54
CA VAL C 336 -17.36 0.83 5.66
C VAL C 336 -16.48 -0.31 5.17
N MET C 337 -16.39 -1.38 5.96
CA MET C 337 -15.77 -2.67 5.58
C MET C 337 -16.84 -3.77 5.68
N LEU C 338 -17.03 -4.50 4.58
CA LEU C 338 -17.93 -5.70 4.49
C LEU C 338 -17.10 -6.88 4.00
N THR C 339 -17.11 -7.98 4.74
CA THR C 339 -16.44 -9.25 4.33
C THR C 339 -17.44 -10.40 4.45
N ASN C 340 -17.30 -11.42 3.62
CA ASN C 340 -18.14 -12.64 3.68
C ASN C 340 -17.34 -13.75 4.34
N LYS C 341 -16.42 -13.38 5.25
CA LYS C 341 -15.87 -14.24 6.32
C LYS C 341 -15.51 -13.35 7.51
N ARG C 342 -15.80 -13.80 8.73
CA ARG C 342 -15.39 -13.09 9.96
C ARG C 342 -13.86 -12.97 9.98
N ILE C 343 -13.35 -11.80 10.35
CA ILE C 343 -11.94 -11.58 10.74
C ILE C 343 -11.97 -10.90 12.10
N PRO C 344 -10.90 -11.01 12.93
CA PRO C 344 -10.93 -10.43 14.27
C PRO C 344 -11.28 -8.95 14.20
N ASN C 345 -12.11 -8.48 15.14
CA ASN C 345 -12.46 -7.04 15.32
C ASN C 345 -11.18 -6.19 15.33
N GLU C 346 -10.12 -6.64 16.02
CA GLU C 346 -8.83 -5.90 16.12
C GLU C 346 -8.35 -5.51 14.73
N GLU C 347 -8.39 -6.44 13.76
CA GLU C 347 -7.83 -6.22 12.40
C GLU C 347 -8.69 -5.19 11.64
N ARG C 348 -10.00 -5.21 11.86
CA ARG C 348 -10.96 -4.31 11.18
C ARG C 348 -10.71 -2.88 11.66
N ILE C 349 -10.67 -2.69 12.98
CA ILE C 349 -10.49 -1.38 13.66
C ILE C 349 -9.11 -0.82 13.27
N LYS C 350 -8.05 -1.62 13.39
CA LYS C 350 -6.67 -1.19 13.07
C LYS C 350 -6.55 -0.75 11.61
N ALA C 351 -7.03 -1.55 10.64
CA ALA C 351 -6.91 -1.24 9.19
C ALA C 351 -7.62 0.08 8.90
N ALA C 352 -8.84 0.26 9.44
CA ALA C 352 -9.65 1.49 9.27
C ALA C 352 -8.91 2.69 9.90
N TYR C 353 -8.30 2.49 11.06
CA TYR C 353 -7.56 3.55 11.83
C TYR C 353 -6.40 4.09 10.98
N VAL C 354 -5.59 3.18 10.41
CA VAL C 354 -4.41 3.53 9.58
C VAL C 354 -4.90 4.27 8.33
N VAL C 355 -5.91 3.76 7.64
CA VAL C 355 -6.42 4.38 6.38
C VAL C 355 -6.93 5.80 6.69
N LEU C 356 -7.83 5.96 7.67
CA LEU C 356 -8.48 7.26 7.98
C LEU C 356 -7.44 8.28 8.46
N ASN C 357 -6.41 7.84 9.21
CA ASN C 357 -5.35 8.74 9.75
C ASN C 357 -4.33 9.09 8.67
N ALA C 358 -4.23 8.32 7.58
CA ALA C 358 -3.23 8.51 6.49
C ALA C 358 -3.81 9.36 5.36
N ILE C 359 -5.14 9.47 5.21
CA ILE C 359 -5.76 10.18 4.04
C ILE C 359 -5.49 11.69 4.18
N LYS C 360 -5.10 12.35 3.09
CA LYS C 360 -4.82 13.82 3.02
C LYS C 360 -6.12 14.60 3.21
N PRO D 5 37.33 31.40 14.04
CA PRO D 5 35.90 31.11 13.83
C PRO D 5 35.41 31.74 12.53
N LYS D 6 34.31 31.20 11.97
CA LYS D 6 33.69 31.66 10.69
C LYS D 6 32.95 33.00 10.89
N ASP D 7 32.54 33.32 12.11
CA ASP D 7 31.67 34.49 12.43
C ASP D 7 32.34 35.77 11.91
N GLN D 8 33.67 35.90 12.00
CA GLN D 8 34.41 37.11 11.55
C GLN D 8 34.44 37.15 10.01
N GLU D 9 34.57 35.99 9.35
CA GLU D 9 34.58 35.87 7.86
C GLU D 9 33.23 36.38 7.32
N ILE D 10 32.14 35.95 7.95
CA ILE D 10 30.75 36.31 7.55
C ILE D 10 30.53 37.81 7.83
N LYS D 11 30.91 38.29 9.02
CA LYS D 11 30.88 39.74 9.36
C LYS D 11 31.59 40.53 8.26
N LYS D 12 32.79 40.12 7.83
CA LYS D 12 33.60 40.87 6.85
C LYS D 12 32.83 40.98 5.52
N LEU D 13 32.23 39.88 5.05
CA LEU D 13 31.46 39.83 3.77
C LEU D 13 30.23 40.75 3.86
N VAL D 14 29.49 40.70 4.97
CA VAL D 14 28.28 41.54 5.16
C VAL D 14 28.70 43.01 5.24
N ASP D 15 29.81 43.33 5.94
CA ASP D 15 30.36 44.70 6.03
C ASP D 15 30.73 45.17 4.62
N GLN D 16 31.26 44.29 3.78
CA GLN D 16 31.72 44.66 2.42
C GLN D 16 30.53 44.92 1.48
N ASN D 17 29.43 44.17 1.62
CA ASN D 17 28.35 44.14 0.59
C ASN D 17 27.06 44.83 1.08
N PHE D 18 26.75 44.82 2.38
CA PHE D 18 25.49 45.42 2.91
C PHE D 18 25.76 46.81 3.51
N LYS D 19 26.81 46.96 4.32
CA LYS D 19 27.07 48.21 5.10
C LYS D 19 27.11 49.44 4.19
N PRO D 20 27.74 49.41 3.00
CA PRO D 20 27.78 50.60 2.14
C PRO D 20 26.40 51.11 1.68
N LEU D 21 25.39 50.25 1.67
CA LEU D 21 24.00 50.62 1.28
C LEU D 21 23.42 51.66 2.27
N LEU D 22 23.84 51.64 3.54
CA LEU D 22 23.38 52.61 4.56
C LEU D 22 23.74 54.04 4.13
N GLU D 23 25.01 54.30 3.81
CA GLU D 23 25.46 55.65 3.37
C GLU D 23 24.83 55.96 2.01
N LYS D 24 24.82 55.00 1.09
CA LYS D 24 24.38 55.20 -0.32
C LYS D 24 22.91 55.63 -0.38
N TYR D 25 22.02 55.06 0.44
CA TYR D 25 20.56 55.35 0.41
C TYR D 25 20.10 56.10 1.69
N ASP D 26 21.05 56.49 2.55
CA ASP D 26 20.80 57.24 3.81
C ASP D 26 19.80 56.45 4.66
N VAL D 27 20.10 55.18 4.92
CA VAL D 27 19.25 54.23 5.69
C VAL D 27 19.69 54.31 7.15
N PRO D 28 18.79 54.66 8.09
CA PRO D 28 19.16 54.75 9.50
C PRO D 28 19.64 53.44 10.13
N GLY D 29 18.97 52.33 9.81
CA GLY D 29 19.15 51.04 10.50
C GLY D 29 19.00 49.83 9.58
N MET D 30 19.69 48.74 9.91
CA MET D 30 19.68 47.48 9.12
C MET D 30 20.06 46.30 10.02
N ALA D 31 19.39 45.17 9.86
CA ALA D 31 19.80 43.88 10.45
C ALA D 31 19.96 42.86 9.31
N VAL D 32 21.12 42.18 9.27
CA VAL D 32 21.45 41.13 8.26
C VAL D 32 21.82 39.86 9.03
N GLY D 33 21.14 38.75 8.72
CA GLY D 33 21.35 37.44 9.34
C GLY D 33 21.72 36.41 8.29
N VAL D 34 22.61 35.48 8.64
CA VAL D 34 22.95 34.29 7.81
C VAL D 34 22.74 33.06 8.67
N ILE D 35 22.14 32.01 8.13
CA ILE D 35 22.11 30.68 8.80
C ILE D 35 22.84 29.72 7.87
N GLN D 36 23.80 28.96 8.41
CA GLN D 36 24.49 27.85 7.69
C GLN D 36 24.63 26.65 8.64
N ASN D 37 24.12 25.50 8.24
CA ASN D 37 24.25 24.21 8.99
C ASN D 37 23.81 24.44 10.44
N ASN D 38 22.67 25.10 10.63
CA ASN D 38 22.02 25.29 11.96
C ASN D 38 22.88 26.18 12.86
N LYS D 39 23.78 27.00 12.29
CA LYS D 39 24.53 28.06 13.02
C LYS D 39 24.05 29.44 12.52
N LYS D 40 23.62 30.30 13.43
CA LYS D 40 23.04 31.64 13.12
C LYS D 40 24.10 32.71 13.35
N TYR D 41 24.20 33.67 12.42
CA TYR D 41 25.09 34.85 12.49
C TYR D 41 24.26 36.12 12.28
N GLU D 42 24.31 37.03 13.25
CA GLU D 42 23.48 38.27 13.30
C GLU D 42 24.40 39.50 13.25
N MET D 43 24.17 40.39 12.28
CA MET D 43 24.91 41.67 12.09
C MET D 43 23.91 42.82 12.18
N TYR D 44 24.15 43.81 13.05
CA TYR D 44 23.26 44.97 13.30
C TYR D 44 24.02 46.27 13.04
N TYR D 45 23.38 47.21 12.33
CA TYR D 45 23.95 48.53 11.94
C TYR D 45 22.98 49.66 12.24
N GLY D 46 23.50 50.77 12.76
CA GLY D 46 22.80 52.06 12.87
C GLY D 46 21.64 51.98 13.84
N LEU D 47 20.56 52.69 13.53
CA LEU D 47 19.52 53.07 14.53
C LEU D 47 18.16 52.50 14.15
N GLN D 48 17.47 51.98 15.17
CA GLN D 48 16.06 51.51 15.15
C GLN D 48 15.14 52.74 15.16
N SER D 49 15.51 53.77 15.91
CA SER D 49 14.77 55.05 16.09
C SER D 49 15.79 56.18 16.18
N VAL D 50 15.76 57.10 15.23
CA VAL D 50 16.69 58.27 15.21
C VAL D 50 16.34 59.16 16.42
N GLN D 51 15.06 59.51 16.59
CA GLN D 51 14.56 60.40 17.66
C GLN D 51 14.93 59.84 19.05
N ASP D 52 14.79 58.54 19.28
CA ASP D 52 15.00 57.92 20.63
C ASP D 52 16.45 57.44 20.78
N LYS D 53 17.30 57.63 19.76
CA LYS D 53 18.73 57.24 19.78
C LYS D 53 18.84 55.77 20.19
N LYS D 54 17.97 54.91 19.63
CA LYS D 54 18.00 53.46 19.89
C LYS D 54 18.78 52.77 18.77
N ALA D 55 19.80 51.99 19.12
CA ALA D 55 20.58 51.13 18.20
C ALA D 55 19.74 49.93 17.77
N VAL D 56 19.92 49.48 16.54
CA VAL D 56 19.34 48.19 16.04
C VAL D 56 20.01 47.06 16.81
N ASN D 57 19.22 46.13 17.33
CA ASN D 57 19.70 44.97 18.12
C ASN D 57 18.77 43.78 17.88
N SER D 58 19.02 42.67 18.56
CA SER D 58 18.29 41.40 18.37
C SER D 58 16.84 41.52 18.82
N ASN D 59 16.47 42.55 19.59
CA ASN D 59 15.07 42.79 20.01
C ASN D 59 14.35 43.70 19.00
N THR D 60 15.05 44.30 18.03
CA THR D 60 14.42 45.31 17.12
C THR D 60 13.35 44.63 16.25
N ILE D 61 12.13 45.16 16.24
CA ILE D 61 10.98 44.67 15.43
C ILE D 61 10.86 45.52 14.15
N PHE D 62 10.88 44.87 12.99
CA PHE D 62 10.81 45.48 11.64
C PHE D 62 9.49 45.06 10.97
N GLU D 63 8.93 45.92 10.12
CA GLU D 63 7.80 45.58 9.23
C GLU D 63 8.31 44.72 8.07
N LEU D 64 7.71 43.55 7.86
CA LEU D 64 8.16 42.57 6.85
C LEU D 64 7.55 42.90 5.48
N GLY D 65 6.50 43.72 5.44
CA GLY D 65 5.71 43.95 4.22
C GLY D 65 5.29 42.63 3.58
N SER D 66 5.52 42.47 2.28
CA SER D 66 5.06 41.30 1.48
C SER D 66 5.68 39.99 1.98
N VAL D 67 6.74 40.02 2.76
CA VAL D 67 7.27 38.76 3.38
C VAL D 67 6.21 38.20 4.34
N SER D 68 5.25 39.01 4.80
CA SER D 68 4.03 38.55 5.55
C SER D 68 3.30 37.47 4.76
N LYS D 69 3.29 37.56 3.41
CA LYS D 69 2.57 36.60 2.54
C LYS D 69 3.07 35.18 2.79
N LEU D 70 4.33 35.01 3.24
CA LEU D 70 4.91 33.67 3.49
C LEU D 70 4.25 33.04 4.72
N PHE D 71 3.86 33.84 5.71
CA PHE D 71 3.14 33.39 6.93
C PHE D 71 1.69 33.09 6.56
N THR D 72 1.07 33.89 5.68
CA THR D 72 -0.31 33.63 5.18
C THR D 72 -0.31 32.28 4.43
N ALA D 73 0.70 32.03 3.60
CA ALA D 73 0.89 30.78 2.83
C ALA D 73 1.04 29.60 3.80
N THR D 74 1.88 29.75 4.82
CA THR D 74 2.13 28.72 5.85
C THR D 74 0.81 28.41 6.58
N ALA D 75 0.02 29.44 6.93
CA ALA D 75 -1.29 29.29 7.60
C ALA D 75 -2.25 28.49 6.70
N GLY D 76 -2.26 28.79 5.40
CA GLY D 76 -3.06 28.06 4.39
C GLY D 76 -2.63 26.61 4.30
N GLY D 77 -1.31 26.35 4.26
CA GLY D 77 -0.73 24.99 4.26
C GLY D 77 -1.11 24.20 5.50
N TYR D 78 -1.17 24.87 6.65
CA TYR D 78 -1.55 24.27 7.97
C TYR D 78 -3.03 23.90 7.91
N ALA D 79 -3.89 24.81 7.44
CA ALA D 79 -5.36 24.60 7.36
C ALA D 79 -5.66 23.44 6.41
N LYS D 80 -4.99 23.39 5.25
CA LYS D 80 -5.22 22.35 4.22
C LYS D 80 -4.87 20.96 4.79
N ASN D 81 -3.68 20.81 5.39
CA ASN D 81 -3.16 19.49 5.83
C ASN D 81 -3.88 19.04 7.12
N LYS D 82 -4.61 19.93 7.80
CA LYS D 82 -5.54 19.60 8.89
C LYS D 82 -6.96 19.35 8.33
N GLY D 83 -7.16 19.51 7.02
CA GLY D 83 -8.44 19.24 6.34
C GLY D 83 -9.48 20.33 6.58
N LYS D 84 -9.09 21.51 7.09
CA LYS D 84 -10.00 22.64 7.38
C LYS D 84 -10.44 23.29 6.05
N ILE D 85 -9.58 23.23 5.02
CA ILE D 85 -9.86 23.74 3.64
C ILE D 85 -9.31 22.73 2.65
N SER D 86 -9.80 22.82 1.41
CA SER D 86 -9.18 22.28 0.18
C SER D 86 -8.86 23.47 -0.73
N PHE D 87 -7.77 23.37 -1.52
CA PHE D 87 -7.30 24.41 -2.45
C PHE D 87 -8.24 24.51 -3.66
N ASP D 88 -9.14 23.52 -3.84
CA ASP D 88 -10.15 23.47 -4.91
C ASP D 88 -11.46 24.12 -4.45
N ASP D 89 -11.58 24.47 -3.17
CA ASP D 89 -12.76 25.19 -2.61
C ASP D 89 -12.81 26.62 -3.14
N THR D 90 -13.97 27.25 -3.04
CA THR D 90 -14.21 28.67 -3.40
C THR D 90 -14.54 29.43 -2.12
N PRO D 91 -14.35 30.77 -2.09
CA PRO D 91 -14.46 31.53 -0.85
C PRO D 91 -15.86 31.48 -0.21
N GLY D 92 -16.91 31.34 -1.02
CA GLY D 92 -18.32 31.29 -0.59
C GLY D 92 -18.60 30.16 0.38
N LYS D 93 -17.83 29.07 0.30
CA LYS D 93 -17.97 27.88 1.18
C LYS D 93 -17.71 28.27 2.64
N TYR D 94 -16.94 29.35 2.88
CA TYR D 94 -16.51 29.79 4.23
C TYR D 94 -17.07 31.18 4.55
N TRP D 95 -16.99 32.11 3.59
CA TRP D 95 -17.58 33.47 3.72
C TRP D 95 -18.98 33.41 3.08
N LYS D 96 -19.99 33.02 3.87
CA LYS D 96 -21.35 32.67 3.40
C LYS D 96 -21.91 33.78 2.51
N GLU D 97 -21.65 35.05 2.84
CA GLU D 97 -22.22 36.23 2.13
C GLU D 97 -21.60 36.36 0.73
N LEU D 98 -20.63 35.50 0.36
CA LEU D 98 -20.04 35.46 -1.01
C LEU D 98 -20.55 34.25 -1.80
N LYS D 99 -21.31 33.34 -1.19
CA LYS D 99 -21.89 32.14 -1.87
C LYS D 99 -22.69 32.59 -3.10
N ASN D 100 -22.42 31.97 -4.26
CA ASN D 100 -23.17 32.12 -5.55
C ASN D 100 -22.94 33.51 -6.16
N THR D 101 -21.88 34.23 -5.77
CA THR D 101 -21.42 35.50 -6.39
C THR D 101 -20.32 35.15 -7.39
N PRO D 102 -20.01 36.02 -8.39
CA PRO D 102 -18.99 35.72 -9.39
C PRO D 102 -17.61 35.31 -8.82
N ILE D 103 -17.17 35.95 -7.73
CA ILE D 103 -15.86 35.66 -7.04
C ILE D 103 -15.87 34.20 -6.53
N ASP D 104 -17.05 33.63 -6.32
CA ASP D 104 -17.24 32.24 -5.82
C ASP D 104 -16.92 31.22 -6.92
N GLN D 105 -16.53 31.68 -8.12
CA GLN D 105 -16.04 30.83 -9.24
C GLN D 105 -14.52 30.65 -9.12
N VAL D 106 -13.85 31.44 -8.28
CA VAL D 106 -12.36 31.41 -8.14
C VAL D 106 -12.00 30.49 -6.97
N ASN D 107 -11.04 29.57 -7.14
CA ASN D 107 -10.66 28.64 -6.05
C ASN D 107 -9.59 29.30 -5.15
N LEU D 108 -9.33 28.68 -3.99
CA LEU D 108 -8.44 29.25 -2.94
C LEU D 108 -7.01 29.30 -3.45
N LEU D 109 -6.56 28.31 -4.23
CA LEU D 109 -5.19 28.32 -4.81
C LEU D 109 -5.02 29.50 -5.75
N GLN D 110 -6.04 29.79 -6.57
CA GLN D 110 -6.01 30.88 -7.57
C GLN D 110 -5.93 32.23 -6.83
N LEU D 111 -6.63 32.37 -5.71
CA LEU D 111 -6.54 33.59 -4.84
C LEU D 111 -5.13 33.69 -4.26
N ALA D 112 -4.62 32.59 -3.69
CA ALA D 112 -3.29 32.53 -3.04
C ALA D 112 -2.18 32.87 -4.02
N THR D 113 -2.32 32.48 -5.30
CA THR D 113 -1.25 32.57 -6.33
C THR D 113 -1.60 33.60 -7.42
N TYR D 114 -2.57 34.48 -7.16
CA TYR D 114 -2.79 35.77 -7.86
C TYR D 114 -3.33 35.59 -9.30
N THR D 115 -4.19 34.59 -9.56
CA THR D 115 -4.67 34.24 -10.93
C THR D 115 -6.20 34.36 -11.06
N SER D 116 -6.87 35.19 -10.26
CA SER D 116 -8.33 35.46 -10.37
C SER D 116 -8.66 36.07 -11.74
N GLY D 117 -7.73 36.82 -12.32
CA GLY D 117 -7.83 37.45 -13.64
C GLY D 117 -8.37 38.87 -13.58
N ASN D 118 -8.72 39.37 -12.39
CA ASN D 118 -9.23 40.76 -12.22
C ASN D 118 -9.06 41.24 -10.76
N LEU D 119 -7.84 41.17 -10.22
CA LEU D 119 -7.46 41.80 -8.93
C LEU D 119 -6.07 42.43 -9.10
N ALA D 120 -5.97 43.72 -8.84
CA ALA D 120 -4.76 44.55 -9.00
C ALA D 120 -3.90 44.45 -7.73
N LEU D 121 -2.74 45.12 -7.70
CA LEU D 121 -1.83 45.15 -6.54
C LEU D 121 -2.58 45.61 -5.28
N GLN D 122 -3.32 46.72 -5.35
CA GLN D 122 -4.06 47.31 -4.19
C GLN D 122 -5.56 47.27 -4.43
N PHE D 123 -6.35 47.22 -3.35
CA PHE D 123 -7.76 47.66 -3.31
C PHE D 123 -7.85 49.08 -3.86
N PRO D 124 -9.02 49.51 -4.39
CA PRO D 124 -9.26 50.93 -4.62
C PRO D 124 -9.24 51.72 -3.30
N ASP D 125 -8.78 52.97 -3.35
CA ASP D 125 -8.64 53.87 -2.17
C ASP D 125 -9.94 53.88 -1.35
N GLU D 126 -11.11 53.80 -2.00
CA GLU D 126 -12.46 53.92 -1.38
C GLU D 126 -12.71 52.78 -0.38
N VAL D 127 -12.10 51.61 -0.62
CA VAL D 127 -12.29 50.40 0.24
C VAL D 127 -11.41 50.55 1.51
N GLN D 128 -12.02 50.66 2.69
CA GLN D 128 -11.30 50.77 3.99
C GLN D 128 -11.91 49.80 5.01
N THR D 129 -13.22 49.89 5.27
CA THR D 129 -13.93 49.16 6.35
C THR D 129 -14.14 47.70 5.93
N ASP D 130 -14.51 46.84 6.88
CA ASP D 130 -14.86 45.41 6.63
C ASP D 130 -16.08 45.32 5.71
N GLN D 131 -17.04 46.23 5.88
CA GLN D 131 -18.30 46.26 5.07
C GLN D 131 -17.97 46.65 3.63
N GLN D 132 -17.11 47.64 3.43
CA GLN D 132 -16.65 48.08 2.09
C GLN D 132 -15.83 46.96 1.41
N VAL D 133 -15.11 46.13 2.17
CA VAL D 133 -14.32 44.98 1.64
C VAL D 133 -15.31 43.93 1.12
N LEU D 134 -16.33 43.61 1.90
CA LEU D 134 -17.39 42.62 1.53
C LEU D 134 -18.11 43.08 0.26
N THR D 135 -18.55 44.34 0.24
CA THR D 135 -19.23 44.98 -0.93
C THR D 135 -18.34 44.81 -2.17
N PHE D 136 -17.04 45.11 -2.04
CA PHE D 136 -16.07 45.05 -3.16
C PHE D 136 -16.07 43.64 -3.77
N PHE D 137 -16.08 42.59 -2.93
CA PHE D 137 -16.02 41.16 -3.38
C PHE D 137 -17.40 40.71 -3.90
N LYS D 138 -18.50 41.23 -3.34
CA LYS D 138 -19.89 40.98 -3.81
C LYS D 138 -20.05 41.54 -5.24
N ASP D 139 -19.52 42.73 -5.52
CA ASP D 139 -19.68 43.46 -6.80
C ASP D 139 -18.58 43.04 -7.81
N TRP D 140 -17.66 42.16 -7.43
CA TRP D 140 -16.52 41.73 -8.29
C TRP D 140 -17.07 40.92 -9.48
N LYS D 141 -16.51 41.15 -10.67
CA LYS D 141 -16.85 40.38 -11.91
C LYS D 141 -15.56 39.94 -12.57
N PRO D 142 -15.53 38.80 -13.29
CA PRO D 142 -14.31 38.35 -13.98
C PRO D 142 -13.90 39.28 -15.13
N LYS D 143 -12.62 39.26 -15.50
CA LYS D 143 -12.09 39.90 -16.73
C LYS D 143 -11.32 38.83 -17.52
N ASN D 144 -10.04 38.62 -17.21
CA ASN D 144 -9.20 37.62 -17.91
C ASN D 144 -9.67 36.23 -17.50
N PRO D 145 -9.47 35.19 -18.36
CA PRO D 145 -9.84 33.83 -18.00
C PRO D 145 -9.21 33.40 -16.66
N ILE D 146 -10.04 32.89 -15.76
CA ILE D 146 -9.67 32.53 -14.36
C ILE D 146 -8.57 31.46 -14.40
N GLY D 147 -7.47 31.68 -13.68
CA GLY D 147 -6.36 30.73 -13.54
C GLY D 147 -5.26 30.93 -14.58
N GLU D 148 -5.47 31.79 -15.59
CA GLU D 148 -4.56 31.87 -16.76
C GLU D 148 -3.52 32.99 -16.63
N TYR D 149 -3.81 34.06 -15.88
CA TYR D 149 -2.96 35.29 -15.80
C TYR D 149 -2.59 35.61 -14.35
N ARG D 150 -1.29 35.69 -14.09
CA ARG D 150 -0.72 36.12 -12.78
C ARG D 150 -0.67 37.64 -12.76
N GLN D 151 -1.40 38.27 -11.84
CA GLN D 151 -1.19 39.69 -11.47
C GLN D 151 -1.01 39.77 -9.95
N TYR D 152 0.21 40.08 -9.50
CA TYR D 152 0.61 40.15 -8.07
C TYR D 152 -0.38 41.07 -7.35
N SER D 153 -1.01 40.63 -6.25
CA SER D 153 -2.21 41.29 -5.68
C SER D 153 -2.35 41.09 -4.17
N ASN D 154 -2.39 42.19 -3.41
CA ASN D 154 -2.69 42.19 -1.96
C ASN D 154 -4.12 41.72 -1.69
N PRO D 155 -5.17 42.27 -2.35
CA PRO D 155 -6.55 41.79 -2.12
C PRO D 155 -6.74 40.29 -2.40
N SER D 156 -6.04 39.75 -3.40
CA SER D 156 -6.14 38.32 -3.81
C SER D 156 -5.73 37.43 -2.64
N ILE D 157 -4.50 37.57 -2.13
CA ILE D 157 -3.97 36.72 -1.03
C ILE D 157 -4.61 37.20 0.29
N GLY D 158 -5.01 38.47 0.38
CA GLY D 158 -5.84 39.00 1.48
C GLY D 158 -7.11 38.17 1.68
N LEU D 159 -7.88 37.95 0.62
CA LEU D 159 -9.14 37.16 0.68
C LEU D 159 -8.81 35.73 1.07
N PHE D 160 -7.73 35.16 0.51
CA PHE D 160 -7.27 33.79 0.84
C PHE D 160 -7.03 33.68 2.35
N GLY D 161 -6.29 34.63 2.91
CA GLY D 161 -6.02 34.74 4.36
C GLY D 161 -7.29 34.82 5.18
N LYS D 162 -8.25 35.68 4.80
CA LYS D 162 -9.55 35.83 5.52
C LYS D 162 -10.29 34.48 5.53
N VAL D 163 -10.27 33.76 4.41
CA VAL D 163 -10.96 32.44 4.26
C VAL D 163 -10.27 31.41 5.17
N VAL D 164 -8.93 31.42 5.20
CA VAL D 164 -8.15 30.48 6.07
C VAL D 164 -8.54 30.74 7.53
N ALA D 165 -8.67 32.00 7.94
CA ALA D 165 -9.09 32.40 9.30
C ALA D 165 -10.49 31.82 9.60
N LEU D 166 -11.46 32.10 8.72
CA LEU D 166 -12.85 31.58 8.87
C LEU D 166 -12.83 30.05 9.01
N SER D 167 -11.99 29.35 8.24
CA SER D 167 -11.89 27.87 8.25
C SER D 167 -11.40 27.35 9.62
N MET D 168 -10.68 28.18 10.38
CA MET D 168 -10.11 27.80 11.71
C MET D 168 -10.88 28.50 12.83
N ASN D 169 -11.96 29.21 12.51
CA ASN D 169 -12.92 29.84 13.48
C ASN D 169 -12.19 30.82 14.42
N LYS D 170 -11.15 31.50 13.90
CA LYS D 170 -10.41 32.56 14.61
C LYS D 170 -10.19 33.71 13.63
N PRO D 171 -10.14 34.98 14.10
CA PRO D 171 -9.69 36.08 13.25
C PRO D 171 -8.23 35.86 12.86
N PHE D 172 -7.82 36.41 11.70
CA PHE D 172 -6.50 36.14 11.07
C PHE D 172 -5.35 36.43 12.05
N ASP D 173 -5.44 37.54 12.80
CA ASP D 173 -4.38 37.97 13.76
C ASP D 173 -4.16 36.84 14.79
N GLN D 174 -5.23 36.17 15.21
CA GLN D 174 -5.17 35.08 16.23
C GLN D 174 -4.63 33.80 15.58
N VAL D 175 -4.95 33.55 14.30
CA VAL D 175 -4.40 32.38 13.55
C VAL D 175 -2.86 32.42 13.66
N LEU D 176 -2.24 33.57 13.36
CA LEU D 176 -0.76 33.70 13.39
C LEU D 176 -0.27 33.74 14.84
N GLU D 177 -0.85 34.59 15.70
CA GLU D 177 -0.28 34.86 17.05
C GLU D 177 -0.51 33.67 18.00
N LYS D 178 -1.61 32.93 17.84
CA LYS D 178 -1.99 31.83 18.76
C LYS D 178 -1.61 30.45 18.20
N THR D 179 -1.53 30.26 16.87
CA THR D 179 -1.31 28.91 16.26
C THR D 179 0.02 28.86 15.50
N ILE D 180 0.19 29.69 14.46
CA ILE D 180 1.32 29.53 13.49
C ILE D 180 2.65 30.00 14.12
N PHE D 181 2.72 31.19 14.72
CA PHE D 181 4.01 31.68 15.29
C PHE D 181 4.47 30.71 16.39
N PRO D 182 3.59 30.30 17.35
CA PRO D 182 4.00 29.36 18.39
C PRO D 182 4.50 28.02 17.84
N ALA D 183 3.84 27.47 16.82
CA ALA D 183 4.23 26.18 16.17
C ALA D 183 5.62 26.30 15.53
N LEU D 184 6.02 27.49 15.07
CA LEU D 184 7.33 27.73 14.42
C LEU D 184 8.37 28.12 15.48
N GLY D 185 7.96 28.28 16.74
CA GLY D 185 8.84 28.69 17.86
C GLY D 185 9.29 30.14 17.75
N LEU D 186 8.43 31.03 17.21
CA LEU D 186 8.71 32.48 17.09
C LEU D 186 8.14 33.19 18.33
N LYS D 187 8.97 33.98 19.01
CA LYS D 187 8.65 34.58 20.32
C LYS D 187 8.36 36.09 20.17
N HIS D 188 8.82 36.74 19.10
CA HIS D 188 8.68 38.22 18.92
C HIS D 188 8.20 38.55 17.50
N SER D 189 7.19 37.81 17.01
CA SER D 189 6.51 38.04 15.71
C SER D 189 5.04 38.37 15.98
N TYR D 190 4.52 39.42 15.33
CA TYR D 190 3.20 40.03 15.65
C TYR D 190 2.48 40.48 14.39
N VAL D 191 1.15 40.39 14.40
CA VAL D 191 0.25 41.18 13.52
C VAL D 191 0.02 42.53 14.20
N ASN D 192 -0.26 42.50 15.51
CA ASN D 192 -0.44 43.70 16.36
C ASN D 192 0.65 43.69 17.45
N VAL D 193 1.60 44.61 17.38
CA VAL D 193 2.71 44.70 18.37
C VAL D 193 2.08 45.16 19.68
N PRO D 194 2.22 44.39 20.78
CA PRO D 194 1.61 44.77 22.06
C PRO D 194 2.34 45.93 22.76
N LYS D 195 1.63 46.60 23.69
CA LYS D 195 2.13 47.75 24.50
C LYS D 195 3.54 47.44 25.04
N THR D 196 3.71 46.22 25.55
CA THR D 196 4.94 45.62 26.13
C THR D 196 6.16 45.74 25.21
N GLN D 197 5.93 45.71 23.90
CA GLN D 197 7.00 45.54 22.88
C GLN D 197 7.16 46.81 22.03
N MET D 198 6.32 47.84 22.22
CA MET D 198 6.34 49.07 21.39
C MET D 198 7.73 49.73 21.44
N GLN D 199 8.46 49.61 22.55
CA GLN D 199 9.81 50.20 22.71
C GLN D 199 10.83 49.48 21.81
N ASN D 200 10.52 48.28 21.31
CA ASN D 200 11.40 47.48 20.41
C ASN D 200 10.97 47.65 18.94
N TYR D 201 9.85 48.33 18.69
CA TYR D 201 9.26 48.49 17.33
C TYR D 201 9.98 49.66 16.66
N ALA D 202 10.80 49.36 15.64
CA ALA D 202 11.56 50.37 14.88
C ALA D 202 10.56 51.34 14.25
N PHE D 203 11.01 52.57 14.03
CA PHE D 203 10.35 53.47 13.06
C PHE D 203 10.88 53.09 11.70
N GLY D 204 10.03 53.11 10.68
CA GLY D 204 10.43 53.20 9.27
C GLY D 204 10.70 54.65 8.93
N TYR D 205 11.43 54.91 7.84
CA TYR D 205 11.78 56.28 7.38
C TYR D 205 11.41 56.39 5.90
N ASN D 206 10.82 57.53 5.52
CA ASN D 206 10.42 57.80 4.11
C ASN D 206 11.62 58.44 3.40
N GLN D 207 11.43 58.88 2.14
CA GLN D 207 12.53 59.44 1.31
C GLN D 207 13.02 60.77 1.90
N GLU D 208 12.26 61.43 2.80
CA GLU D 208 12.74 62.65 3.50
C GLU D 208 13.24 62.31 4.91
N ASN D 209 13.49 61.03 5.21
CA ASN D 209 13.97 60.51 6.53
C ASN D 209 13.04 61.04 7.65
N GLN D 210 11.73 61.03 7.39
CA GLN D 210 10.70 61.29 8.42
C GLN D 210 10.20 59.93 8.89
N PRO D 211 9.97 59.76 10.21
CA PRO D 211 9.49 58.51 10.76
C PRO D 211 8.05 58.19 10.32
N ILE D 212 7.82 56.92 10.02
CA ILE D 212 6.55 56.40 9.45
C ILE D 212 6.39 54.95 9.89
N ARG D 213 5.16 54.53 10.11
CA ARG D 213 4.78 53.12 10.37
C ARG D 213 3.64 52.78 9.41
N VAL D 214 3.42 51.50 9.18
CA VAL D 214 2.38 50.99 8.23
C VAL D 214 1.01 51.41 8.78
N ASN D 215 0.15 51.94 7.91
CA ASN D 215 -1.23 52.36 8.26
C ASN D 215 -2.14 51.14 8.21
N PRO D 216 -3.20 51.10 9.06
CA PRO D 216 -4.25 50.10 8.90
C PRO D 216 -4.85 50.20 7.50
N GLY D 217 -5.23 49.06 6.92
CA GLY D 217 -5.78 48.95 5.57
C GLY D 217 -6.67 47.73 5.45
N PRO D 218 -7.48 47.61 4.37
CA PRO D 218 -8.35 46.46 4.17
C PRO D 218 -7.53 45.18 3.95
N LEU D 219 -7.78 44.15 4.77
CA LEU D 219 -7.06 42.85 4.78
C LEU D 219 -5.54 43.06 4.75
N ASP D 220 -5.05 44.04 5.51
CA ASP D 220 -3.61 44.36 5.64
C ASP D 220 -2.83 43.16 6.20
N ALA D 221 -3.31 42.55 7.29
CA ALA D 221 -2.56 41.51 8.06
C ALA D 221 -2.06 40.40 7.12
N PRO D 222 -2.93 39.69 6.37
CA PRO D 222 -2.46 38.60 5.51
C PRO D 222 -1.58 39.03 4.32
N ALA D 223 -1.63 40.29 3.91
CA ALA D 223 -0.94 40.79 2.70
C ALA D 223 0.44 41.41 3.04
N TYR D 224 0.54 42.23 4.09
CA TYR D 224 1.80 42.97 4.37
C TYR D 224 1.90 43.41 5.84
N GLY D 225 1.21 42.71 6.76
CA GLY D 225 0.90 43.26 8.10
C GLY D 225 1.73 42.65 9.23
N VAL D 226 2.70 41.78 8.94
CA VAL D 226 3.49 41.08 10.00
C VAL D 226 4.75 41.88 10.32
N LYS D 227 5.13 41.89 11.60
CA LYS D 227 6.38 42.50 12.14
C LYS D 227 7.14 41.41 12.91
N SER D 228 8.47 41.44 12.85
CA SER D 228 9.34 40.37 13.42
C SER D 228 10.76 40.89 13.67
N THR D 229 11.57 40.12 14.37
CA THR D 229 12.98 40.43 14.71
C THR D 229 13.90 39.63 13.80
N LEU D 230 15.19 39.94 13.77
CA LEU D 230 16.17 39.16 12.97
C LEU D 230 16.23 37.71 13.48
N PRO D 231 16.32 37.47 14.81
CA PRO D 231 16.39 36.09 15.32
C PRO D 231 15.16 35.25 14.96
N ASP D 232 13.96 35.82 15.04
CA ASP D 232 12.71 35.11 14.64
C ASP D 232 12.76 34.78 13.15
N MET D 233 13.19 35.70 12.29
CA MET D 233 13.21 35.47 10.84
C MET D 233 14.25 34.41 10.49
N LEU D 234 15.36 34.32 11.24
CA LEU D 234 16.39 33.27 11.06
C LEU D 234 15.83 31.91 11.50
N SER D 235 15.02 31.87 12.56
CA SER D 235 14.28 30.66 12.99
C SER D 235 13.31 30.24 11.88
N PHE D 236 12.59 31.19 11.27
CA PHE D 236 11.65 30.91 10.17
C PHE D 236 12.40 30.32 8.99
N ILE D 237 13.57 30.86 8.63
CA ILE D 237 14.40 30.30 7.52
C ILE D 237 14.89 28.90 7.94
N HIS D 238 15.29 28.73 9.19
CA HIS D 238 15.71 27.41 9.75
C HIS D 238 14.60 26.38 9.50
N ALA D 239 13.34 26.73 9.83
CA ALA D 239 12.16 25.85 9.69
C ALA D 239 11.99 25.44 8.21
N ASN D 240 12.17 26.41 7.29
CA ASN D 240 12.06 26.20 5.82
C ASN D 240 13.19 25.30 5.32
N LEU D 241 14.40 25.39 5.89
CA LEU D 241 15.57 24.56 5.52
C LEU D 241 15.44 23.13 6.12
N ASN D 242 14.83 22.99 7.30
CA ASN D 242 14.76 21.72 8.09
C ASN D 242 13.36 21.46 8.60
N PRO D 243 12.34 21.31 7.73
CA PRO D 243 10.96 21.09 8.18
C PRO D 243 10.75 19.77 8.94
N GLN D 244 11.58 18.76 8.67
CA GLN D 244 11.51 17.41 9.30
C GLN D 244 11.67 17.52 10.83
N LYS D 245 12.40 18.53 11.33
CA LYS D 245 12.70 18.70 12.77
C LYS D 245 11.49 19.29 13.51
N TYR D 246 10.39 19.61 12.81
CA TYR D 246 9.20 20.29 13.38
C TYR D 246 8.05 19.31 13.51
N PRO D 247 7.08 19.58 14.41
CA PRO D 247 5.87 18.74 14.52
C PRO D 247 5.17 18.59 13.17
N THR D 248 4.46 17.47 13.01
CA THR D 248 3.78 17.00 11.77
C THR D 248 3.01 18.15 11.09
N ASP D 249 2.14 18.84 11.85
CA ASP D 249 1.15 19.82 11.33
C ASP D 249 1.89 20.98 10.64
N ILE D 250 2.89 21.55 11.30
CA ILE D 250 3.64 22.72 10.76
C ILE D 250 4.67 22.24 9.73
N GLN D 251 5.21 21.03 9.89
CA GLN D 251 6.11 20.38 8.89
C GLN D 251 5.42 20.29 7.53
N ARG D 252 4.18 19.78 7.49
CA ARG D 252 3.40 19.64 6.24
C ARG D 252 3.07 21.04 5.68
N ALA D 253 2.66 21.96 6.56
CA ALA D 253 2.34 23.36 6.22
C ALA D 253 3.52 23.98 5.46
N ILE D 254 4.74 23.85 6.00
CA ILE D 254 5.93 24.50 5.41
C ILE D 254 6.24 23.83 4.07
N ASN D 255 6.19 22.50 3.99
CA ASN D 255 6.46 21.75 2.72
C ASN D 255 5.43 22.14 1.65
N GLU D 256 4.18 22.40 2.04
CA GLU D 256 3.11 22.89 1.14
C GLU D 256 3.55 24.20 0.46
N THR D 257 4.26 25.08 1.18
CA THR D 257 4.69 26.41 0.65
C THR D 257 5.84 26.26 -0.35
N HIS D 258 6.51 25.11 -0.40
CA HIS D 258 7.69 24.90 -1.29
C HIS D 258 7.29 24.33 -2.66
N GLN D 259 6.04 23.87 -2.83
CA GLN D 259 5.58 23.20 -4.07
C GLN D 259 5.23 24.28 -5.12
N GLY D 260 5.97 24.31 -6.23
CA GLY D 260 5.62 25.14 -7.39
C GLY D 260 4.23 24.80 -7.91
N ARG D 261 3.46 25.80 -8.31
CA ARG D 261 2.06 25.67 -8.79
C ARG D 261 2.00 25.92 -10.30
N TYR D 262 2.83 26.83 -10.82
CA TYR D 262 2.94 27.20 -12.25
C TYR D 262 4.25 27.96 -12.48
N GLN D 263 4.53 28.34 -13.72
CA GLN D 263 5.78 29.05 -14.09
C GLN D 263 5.44 30.30 -14.90
N VAL D 264 6.32 31.31 -14.77
CA VAL D 264 6.40 32.54 -15.61
C VAL D 264 7.88 32.71 -15.97
N ASN D 265 8.27 32.18 -17.13
CA ASN D 265 9.68 32.14 -17.61
C ASN D 265 10.50 31.37 -16.59
N THR D 266 11.50 32.01 -15.97
CA THR D 266 12.46 31.35 -15.04
C THR D 266 11.90 31.35 -13.61
N MET D 267 10.77 32.01 -13.36
CA MET D 267 10.18 32.09 -11.99
C MET D 267 9.04 31.07 -11.84
N TYR D 268 9.12 30.21 -10.83
CA TYR D 268 8.04 29.28 -10.42
C TYR D 268 7.31 29.88 -9.23
N GLN D 269 5.99 29.98 -9.29
CA GLN D 269 5.16 30.55 -8.20
C GLN D 269 4.81 29.38 -7.27
N ALA D 270 5.41 29.35 -6.08
CA ALA D 270 4.96 28.47 -4.97
C ALA D 270 3.96 29.27 -4.13
N LEU D 271 3.53 28.71 -3.00
CA LEU D 271 2.60 29.39 -2.05
C LEU D 271 3.42 30.45 -1.29
N GLY D 272 3.24 31.73 -1.62
CA GLY D 272 4.02 32.86 -1.08
C GLY D 272 5.39 32.96 -1.71
N TRP D 273 6.21 31.93 -1.55
CA TRP D 273 7.63 31.90 -2.03
C TRP D 273 7.68 31.99 -3.55
N GLU D 274 8.66 32.71 -4.09
CA GLU D 274 9.13 32.57 -5.49
C GLU D 274 10.22 31.49 -5.51
N GLU D 275 10.20 30.63 -6.52
CA GLU D 275 11.03 29.40 -6.62
C GLU D 275 11.81 29.44 -7.94
N PHE D 276 13.06 28.99 -7.91
CA PHE D 276 13.99 29.01 -9.08
C PHE D 276 14.78 27.70 -9.11
N SER D 277 15.16 27.28 -10.31
CA SER D 277 16.22 26.26 -10.54
C SER D 277 17.52 26.74 -9.89
N TYR D 278 18.13 25.89 -9.05
CA TYR D 278 19.44 26.18 -8.42
C TYR D 278 20.52 25.34 -9.12
N PRO D 279 21.70 25.90 -9.47
CA PRO D 279 22.01 27.30 -9.22
C PRO D 279 21.28 28.29 -10.14
N ALA D 280 20.84 29.43 -9.60
CA ALA D 280 20.22 30.53 -10.36
C ALA D 280 21.26 31.61 -10.64
N THR D 281 21.24 32.20 -11.83
CA THR D 281 22.04 33.41 -12.17
C THR D 281 21.44 34.62 -11.43
N LEU D 282 22.28 35.60 -11.12
CA LEU D 282 21.89 36.88 -10.48
C LEU D 282 20.77 37.53 -11.31
N GLN D 283 20.89 37.51 -12.63
CA GLN D 283 19.92 38.15 -13.56
C GLN D 283 18.56 37.45 -13.45
N THR D 284 18.53 36.14 -13.29
CA THR D 284 17.26 35.37 -13.10
C THR D 284 16.56 35.90 -11.85
N LEU D 285 17.32 36.12 -10.77
CA LEU D 285 16.78 36.57 -9.46
C LEU D 285 16.31 38.03 -9.60
N LEU D 286 17.06 38.88 -10.30
CA LEU D 286 16.66 40.29 -10.58
C LEU D 286 15.39 40.32 -11.44
N ASP D 287 15.33 39.53 -12.52
CA ASP D 287 14.18 39.50 -13.46
C ASP D 287 12.87 39.18 -12.71
N SER D 288 12.94 38.32 -11.68
CA SER D 288 11.76 37.90 -10.88
C SER D 288 11.01 39.11 -10.32
N ASN D 289 11.68 40.23 -10.05
CA ASN D 289 11.05 41.44 -9.42
C ASN D 289 11.14 42.66 -10.36
N SER D 290 11.18 42.43 -11.68
CA SER D 290 11.03 43.48 -12.72
C SER D 290 9.61 44.08 -12.70
N GLU D 291 9.45 45.29 -13.25
CA GLU D 291 8.14 45.98 -13.38
C GLU D 291 7.14 45.05 -14.09
N GLN D 292 7.57 44.33 -15.14
CA GLN D 292 6.70 43.44 -15.96
C GLN D 292 6.06 42.38 -15.07
N ILE D 293 6.85 41.73 -14.19
CA ILE D 293 6.37 40.61 -13.33
C ILE D 293 5.54 41.16 -12.16
N VAL D 294 6.01 42.24 -11.51
CA VAL D 294 5.40 42.76 -10.26
C VAL D 294 4.10 43.52 -10.56
N MET D 295 4.04 44.31 -11.65
CA MET D 295 2.96 45.32 -11.85
C MET D 295 1.92 44.88 -12.89
N LYS D 296 2.29 44.07 -13.89
CA LYS D 296 1.40 43.77 -15.05
C LYS D 296 0.99 42.31 -15.06
N PRO D 297 -0.14 41.98 -15.74
CA PRO D 297 -0.58 40.59 -15.88
C PRO D 297 0.38 39.80 -16.79
N ASN D 298 0.64 38.54 -16.45
CA ASN D 298 1.54 37.65 -17.22
C ASN D 298 0.86 36.27 -17.36
N LYS D 299 0.74 35.77 -18.59
CA LYS D 299 0.17 34.42 -18.87
C LYS D 299 1.03 33.38 -18.16
N VAL D 300 0.40 32.48 -17.40
CA VAL D 300 1.13 31.39 -16.69
C VAL D 300 1.21 30.18 -17.61
N THR D 301 2.22 29.34 -17.39
CA THR D 301 2.38 28.00 -18.03
C THR D 301 2.30 26.95 -16.91
N ALA D 302 1.65 25.82 -17.19
CA ALA D 302 1.54 24.70 -16.23
C ALA D 302 2.94 24.15 -15.99
N ILE D 303 3.22 23.66 -14.78
CA ILE D 303 4.49 22.97 -14.49
C ILE D 303 4.45 21.67 -15.30
N SER D 304 5.48 21.42 -16.11
CA SER D 304 5.70 20.11 -16.78
C SER D 304 6.71 19.29 -15.96
N LYS D 305 7.86 19.88 -15.64
CA LYS D 305 8.90 19.31 -14.73
C LYS D 305 9.33 20.41 -13.75
N GLU D 306 9.04 20.23 -12.46
CA GLU D 306 9.60 21.03 -11.33
C GLU D 306 11.10 20.77 -11.20
N PRO D 307 11.97 21.80 -11.07
CA PRO D 307 13.42 21.58 -11.02
C PRO D 307 13.80 20.73 -9.81
N SER D 308 14.76 19.82 -9.99
CA SER D 308 15.19 18.81 -8.99
C SER D 308 15.89 19.51 -7.82
N VAL D 309 16.68 20.56 -8.09
CA VAL D 309 17.36 21.38 -7.06
C VAL D 309 16.82 22.81 -7.15
N LYS D 310 16.24 23.32 -6.06
CA LYS D 310 15.48 24.61 -6.03
C LYS D 310 16.11 25.58 -5.03
N MET D 311 15.90 26.88 -5.26
CA MET D 311 16.11 27.93 -4.23
C MET D 311 14.86 28.83 -4.23
N TYR D 312 14.68 29.61 -3.18
CA TYR D 312 13.44 30.37 -2.90
C TYR D 312 13.82 31.76 -2.41
N HIS D 313 13.06 32.78 -2.78
CA HIS D 313 13.22 34.12 -2.17
C HIS D 313 11.87 34.85 -2.11
N LYS D 314 11.85 35.94 -1.34
CA LYS D 314 10.73 36.90 -1.32
C LYS D 314 11.27 38.27 -0.87
N THR D 315 10.87 39.32 -1.58
CA THR D 315 11.08 40.73 -1.19
C THR D 315 9.86 41.20 -0.39
N GLY D 316 10.05 42.26 0.39
CA GLY D 316 8.96 42.92 1.12
C GLY D 316 9.26 44.40 1.24
N SER D 317 8.24 45.24 1.02
CA SER D 317 8.34 46.69 1.21
C SER D 317 7.06 47.21 1.86
N THR D 318 7.20 48.08 2.86
CA THR D 318 6.16 49.03 3.31
C THR D 318 6.70 50.41 2.97
N SER D 319 6.00 51.48 3.30
CA SER D 319 6.43 52.86 2.97
C SER D 319 7.79 53.12 3.64
N GLY D 320 8.03 52.54 4.82
CA GLY D 320 9.21 52.86 5.66
C GLY D 320 10.19 51.70 5.80
N PHE D 321 9.92 50.51 5.26
CA PHE D 321 10.78 49.32 5.53
C PHE D 321 11.04 48.51 4.24
N GLY D 322 12.24 47.91 4.17
CA GLY D 322 12.62 46.93 3.14
C GLY D 322 13.00 45.60 3.76
N THR D 323 12.61 44.51 3.10
CA THR D 323 12.87 43.12 3.56
C THR D 323 13.32 42.26 2.36
N TYR D 324 14.23 41.31 2.61
CA TYR D 324 14.60 40.25 1.65
C TYR D 324 14.98 38.99 2.44
N VAL D 325 14.38 37.86 2.06
CA VAL D 325 14.68 36.50 2.61
C VAL D 325 14.93 35.56 1.42
N VAL D 326 15.97 34.73 1.53
CA VAL D 326 16.38 33.75 0.48
C VAL D 326 16.92 32.51 1.22
N PHE D 327 16.64 31.32 0.72
CA PHE D 327 17.23 30.06 1.26
C PHE D 327 17.45 29.06 0.12
N ILE D 328 18.43 28.18 0.33
CA ILE D 328 18.91 27.17 -0.65
C ILE D 328 19.06 25.86 0.11
N PRO D 329 18.04 24.95 0.06
CA PRO D 329 18.10 23.68 0.80
C PRO D 329 19.37 22.84 0.58
N LYS D 330 19.82 22.72 -0.69
CA LYS D 330 20.99 21.89 -1.09
C LYS D 330 22.25 22.33 -0.32
N GLU D 331 22.45 23.64 -0.13
CA GLU D 331 23.65 24.21 0.54
C GLU D 331 23.38 24.42 2.03
N ASN D 332 22.16 24.11 2.50
CA ASN D 332 21.71 24.31 3.91
C ASN D 332 22.06 25.74 4.37
N ILE D 333 21.76 26.76 3.57
CA ILE D 333 22.14 28.17 3.84
C ILE D 333 20.95 29.09 3.54
N GLY D 334 20.85 30.21 4.26
CA GLY D 334 19.81 31.24 4.05
C GLY D 334 20.27 32.59 4.56
N LEU D 335 19.58 33.66 4.14
CA LEU D 335 19.91 35.05 4.51
C LEU D 335 18.62 35.86 4.72
N VAL D 336 18.65 36.76 5.70
CA VAL D 336 17.59 37.75 5.99
C VAL D 336 18.22 39.15 6.01
N MET D 337 17.62 40.09 5.27
CA MET D 337 17.94 41.53 5.32
C MET D 337 16.68 42.29 5.76
N LEU D 338 16.80 43.09 6.83
CA LEU D 338 15.75 44.02 7.34
C LEU D 338 16.34 45.43 7.39
N THR D 339 15.67 46.41 6.77
CA THR D 339 16.05 47.84 6.84
C THR D 339 14.82 48.67 7.22
N ASN D 340 15.03 49.79 7.91
CA ASN D 340 13.94 50.73 8.29
C ASN D 340 13.97 51.94 7.33
N LYS D 341 14.44 51.71 6.10
CA LYS D 341 14.16 52.54 4.91
C LYS D 341 14.21 51.64 3.67
N ARG D 342 13.29 51.83 2.72
CA ARG D 342 13.30 51.09 1.44
C ARG D 342 14.61 51.37 0.70
N ILE D 343 15.21 50.33 0.14
CA ILE D 343 16.30 50.43 -0.87
C ILE D 343 15.85 49.59 -2.07
N PRO D 344 16.34 49.86 -3.29
CA PRO D 344 15.87 49.13 -4.47
C PRO D 344 16.07 47.62 -4.26
N ASN D 345 15.09 46.84 -4.71
CA ASN D 345 15.14 45.35 -4.75
C ASN D 345 16.46 44.86 -5.35
N GLU D 346 16.92 45.49 -6.43
CA GLU D 346 18.17 45.10 -7.14
C GLU D 346 19.32 45.03 -6.13
N GLU D 347 19.45 46.03 -5.25
CA GLU D 347 20.59 46.15 -4.30
C GLU D 347 20.51 45.04 -3.24
N ARG D 348 19.29 44.68 -2.82
CA ARG D 348 19.05 43.65 -1.78
C ARG D 348 19.47 42.29 -2.33
N ILE D 349 18.97 41.95 -3.52
CA ILE D 349 19.20 40.64 -4.19
C ILE D 349 20.70 40.51 -4.52
N LYS D 350 21.30 41.54 -5.12
CA LYS D 350 22.75 41.52 -5.49
C LYS D 350 23.63 41.32 -4.25
N ALA D 351 23.42 42.08 -3.16
CA ALA D 351 24.27 42.00 -1.94
C ALA D 351 24.17 40.59 -1.36
N ALA D 352 22.96 40.05 -1.28
CA ALA D 352 22.68 38.68 -0.76
C ALA D 352 23.37 37.64 -1.65
N TYR D 353 23.34 37.84 -2.97
CA TYR D 353 23.92 36.91 -3.98
C TYR D 353 25.43 36.78 -3.76
N VAL D 354 26.12 37.92 -3.64
CA VAL D 354 27.60 37.96 -3.44
C VAL D 354 27.94 37.27 -2.11
N VAL D 355 27.24 37.61 -1.03
CA VAL D 355 27.54 37.06 0.33
C VAL D 355 27.34 35.55 0.31
N LEU D 356 26.18 35.07 -0.15
CA LEU D 356 25.81 33.62 -0.09
C LEU D 356 26.72 32.82 -1.03
N ASN D 357 27.16 33.38 -2.16
CA ASN D 357 28.08 32.68 -3.12
C ASN D 357 29.53 32.67 -2.61
N ALA D 358 29.90 33.57 -1.68
CA ALA D 358 31.28 33.69 -1.14
C ALA D 358 31.48 32.86 0.13
N ILE D 359 30.40 32.46 0.82
CA ILE D 359 30.49 31.75 2.14
C ILE D 359 31.07 30.34 1.94
N LYS D 360 31.89 29.89 2.91
CA LYS D 360 32.60 28.57 2.94
C LYS D 360 31.70 27.52 3.60
#